data_5TOK
#
_entry.id   5TOK
#
_cell.length_a   138.890
_cell.length_b   138.890
_cell.length_c   221.902
_cell.angle_alpha   90.000
_cell.angle_beta   90.000
_cell.angle_gamma   120.000
#
_symmetry.space_group_name_H-M   'P 31 2 1'
#
loop_
_entity.id
_entity.type
_entity.pdbx_description
1 polymer 'Fusion glycoprotein F0, Fibritin chimera'
2 polymer 'Single-domain antibody F-VHH-L66'
3 non-polymer 2-acetamido-2-deoxy-beta-D-glucopyranose
4 non-polymer 'PHOSPHATE ION'
#
loop_
_entity_poly.entity_id
_entity_poly.type
_entity_poly.pdbx_seq_one_letter_code
_entity_poly.pdbx_strand_id
1 'polypeptide(L)'
;MELLILKANAITTILTAVTFCFASGQNITEEFYQSTCSAVSKGYLSALRTGWYTSVITIELSNIKENKCNGTDAKVKLIK
QELDKYKNAVTELQLLMQSTPATNNRARRELPRFMNYTLNNAKKTNVTLSKKRKRRFLGFLLGVGSAIASGVAVCKVLHL
EGEVNKIKSALLSTNKAVVSLSNGVSVLTFKVLDLKNYIDKQLLPILNKQSCSISNIETVIEFQQKNNRLLEITREFSVN
AGVTTPVSTYMLTNSELLSLINDMPITNDQKKLMSNNVQIVRQQSYSIMCIIKEEVLAYVVQLPLYGVIDTPCWKLHTSP
LCTTNTKEGSNICLTRTDRGWYCDNAGSVSFFPQAETCKVQSNRVFCDTMNSLTLPSEVNLCNVDIFNPKYDCKIMTSKT
DVSSSVITSLGAIVSCYGKTKCTASNKNRGIIKTFSNGCDYVSNKGVDTVSVGNTLYYVNKQEGKSLYVKGEPIINFYDP
LVFPSDEFDASISQVNEKINQSLAFIRKSDELLSAIGGYIPEAPRDGQAYVRKDGEWVLLSTFLGGLVPR
;
A,B,C
2 'polypeptide(L)'
;QVQLQESGGGLVQPGGSLRLSCAASGFTLDYYYIGWFRQAPGKEREGVSCISSSHGSTYYADSVKGRFTISRDNAKNTVY
LQMNSLKPEDTAVYYCATVAVAHFRGCGVDGMDYWGKGTQVTVSSHHHHHH
;
D,E,F
#
loop_
_chem_comp.id
_chem_comp.type
_chem_comp.name
_chem_comp.formula
NAG D-saccharide, beta linking 2-acetamido-2-deoxy-beta-D-glucopyranose 'C8 H15 N O6'
PO4 non-polymer 'PHOSPHATE ION' 'O4 P -3'
#
# COMPACT_ATOMS: atom_id res chain seq x y z
N ASN A 27 -28.24 16.47 -2.67
CA ASN A 27 -29.05 15.33 -3.08
C ASN A 27 -28.25 14.05 -3.22
N ILE A 28 -28.37 13.18 -2.23
CA ILE A 28 -27.82 11.83 -2.26
C ILE A 28 -28.86 10.79 -1.91
N THR A 29 -29.04 9.82 -2.80
CA THR A 29 -29.96 8.73 -2.52
C THR A 29 -29.23 7.41 -2.67
N GLU A 30 -29.86 6.37 -2.15
CA GLU A 30 -29.25 5.05 -2.12
C GLU A 30 -30.28 3.95 -2.29
N GLU A 31 -29.89 2.90 -3.00
CA GLU A 31 -30.74 1.73 -3.18
C GLU A 31 -30.01 0.48 -2.80
N PHE A 32 -30.67 -0.35 -2.00
CA PHE A 32 -30.13 -1.66 -1.64
C PHE A 32 -30.84 -2.76 -2.40
N TYR A 33 -30.07 -3.64 -3.03
CA TYR A 33 -30.68 -4.75 -3.73
C TYR A 33 -30.51 -6.03 -2.96
N GLN A 34 -31.60 -6.44 -2.33
CA GLN A 34 -31.68 -7.67 -1.57
C GLN A 34 -31.31 -8.82 -2.45
N SER A 35 -31.65 -8.69 -3.72
CA SER A 35 -31.48 -9.79 -4.63
C SER A 35 -30.02 -10.10 -4.87
N THR A 36 -29.15 -9.11 -4.73
CA THR A 36 -27.76 -9.35 -5.07
C THR A 36 -26.79 -8.96 -3.96
N CYS A 37 -27.34 -8.63 -2.79
CA CYS A 37 -26.53 -8.27 -1.62
C CYS A 37 -25.62 -7.16 -2.00
N SER A 38 -26.19 -6.12 -2.58
CA SER A 38 -25.40 -4.98 -3.02
C SER A 38 -26.21 -3.70 -2.89
N ALA A 39 -25.53 -2.58 -3.02
CA ALA A 39 -26.18 -1.30 -2.84
C ALA A 39 -25.52 -0.21 -3.68
N VAL A 40 -26.36 0.62 -4.27
CA VAL A 40 -25.91 1.73 -5.09
C VAL A 40 -26.26 3.06 -4.44
N SER A 41 -25.24 3.89 -4.28
CA SER A 41 -25.38 5.24 -3.76
C SER A 41 -25.33 6.25 -4.89
N LYS A 42 -26.35 7.10 -5.01
CA LYS A 42 -26.34 8.04 -6.11
C LYS A 42 -26.57 9.46 -5.65
N GLY A 43 -26.45 10.39 -6.60
CA GLY A 43 -26.55 11.81 -6.31
C GLY A 43 -25.21 12.53 -6.32
N TYR A 44 -24.15 11.80 -6.66
CA TYR A 44 -22.78 12.33 -6.69
C TYR A 44 -22.44 13.01 -8.01
N LEU A 45 -21.49 13.95 -7.93
CA LEU A 45 -21.01 14.70 -9.08
C LEU A 45 -19.53 14.40 -9.35
N SER A 46 -19.21 14.28 -10.62
CA SER A 46 -17.88 13.82 -10.99
C SER A 46 -16.79 14.87 -10.93
N ALA A 47 -15.58 14.39 -10.66
CA ALA A 47 -14.38 15.14 -10.89
C ALA A 47 -13.24 14.21 -11.27
N LEU A 48 -13.05 13.98 -12.55
CA LEU A 48 -12.08 13.00 -12.99
C LEU A 48 -10.79 13.66 -13.49
N ARG A 49 -9.65 13.25 -12.93
CA ARG A 49 -8.38 13.71 -13.46
C ARG A 49 -8.11 13.04 -14.77
N THR A 50 -8.03 13.81 -15.85
CA THR A 50 -7.86 13.17 -17.14
C THR A 50 -6.48 13.43 -17.72
N GLY A 51 -5.84 14.49 -17.26
CA GLY A 51 -4.55 14.88 -17.79
C GLY A 51 -3.63 15.51 -16.78
N TRP A 52 -2.49 15.99 -17.24
CA TRP A 52 -1.50 16.59 -16.38
C TRP A 52 -1.05 17.90 -16.95
N TYR A 53 -0.88 18.91 -16.12
CA TYR A 53 -0.22 20.12 -16.58
C TYR A 53 1.07 20.27 -15.80
N THR A 54 2.15 20.60 -16.51
CA THR A 54 3.44 20.76 -15.86
C THR A 54 3.84 22.22 -15.88
N SER A 55 4.03 22.78 -14.71
CA SER A 55 4.55 24.13 -14.58
C SER A 55 5.97 24.03 -14.07
N VAL A 56 6.78 25.06 -14.36
CA VAL A 56 8.15 25.10 -13.88
C VAL A 56 8.34 26.18 -12.83
N ILE A 57 8.65 25.73 -11.62
CA ILE A 57 8.84 26.60 -10.49
C ILE A 57 10.32 26.82 -10.26
N THR A 58 10.72 28.08 -10.13
CA THR A 58 12.13 28.41 -10.02
C THR A 58 12.45 29.23 -8.79
N ILE A 59 13.66 29.01 -8.30
CA ILE A 59 14.22 29.81 -7.23
C ILE A 59 15.55 30.38 -7.70
N GLU A 60 15.68 31.70 -7.71
CA GLU A 60 16.93 32.31 -8.17
C GLU A 60 17.98 32.25 -7.06
N LEU A 61 19.14 31.72 -7.42
CA LEU A 61 20.21 31.46 -6.44
C LEU A 61 21.41 32.40 -6.46
N SER A 62 22.08 32.45 -5.32
CA SER A 62 23.31 33.22 -5.15
C SER A 62 24.48 32.23 -5.33
N ASN A 63 25.53 32.69 -5.99
CA ASN A 63 26.73 31.89 -6.22
C ASN A 63 27.93 32.27 -5.35
N ILE A 64 27.97 31.72 -4.13
CA ILE A 64 28.98 32.09 -3.14
C ILE A 64 29.97 30.99 -2.73
N LYS A 65 31.16 31.02 -3.33
CA LYS A 65 32.19 30.02 -3.06
C LYS A 65 32.69 30.07 -1.60
N GLU A 66 33.80 30.77 -1.39
CA GLU A 66 34.42 30.95 -0.07
C GLU A 66 33.73 32.02 0.79
N ASN A 67 33.85 31.92 2.11
CA ASN A 67 33.36 32.93 3.04
C ASN A 67 34.49 33.67 3.73
N LYS A 68 34.78 34.89 3.27
CA LYS A 68 35.91 35.67 3.77
C LYS A 68 35.58 36.49 5.01
N CYS A 69 36.02 36.03 6.18
CA CYS A 69 35.93 36.79 7.42
C CYS A 69 36.73 36.14 8.54
N ASN A 70 37.57 36.93 9.20
CA ASN A 70 38.33 36.44 10.34
C ASN A 70 37.67 36.91 11.63
N GLY A 71 36.61 37.69 11.49
CA GLY A 71 35.91 38.24 12.63
C GLY A 71 35.14 37.19 13.39
N THR A 72 35.25 37.22 14.71
CA THR A 72 34.57 36.25 15.57
C THR A 72 33.35 36.86 16.25
N ASP A 73 32.82 37.93 15.66
CA ASP A 73 31.55 38.48 16.10
C ASP A 73 30.44 37.44 16.04
N ALA A 74 29.64 37.39 17.09
CA ALA A 74 28.62 36.37 17.24
C ALA A 74 27.59 36.39 16.12
N LYS A 75 27.16 37.58 15.71
CA LYS A 75 26.15 37.70 14.67
C LYS A 75 26.72 37.25 13.34
N VAL A 76 27.95 37.66 13.05
CA VAL A 76 28.60 37.27 11.79
C VAL A 76 28.94 35.78 11.84
N LYS A 77 29.26 35.28 13.03
CA LYS A 77 29.53 33.86 13.24
C LYS A 77 28.30 33.02 12.88
N LEU A 78 27.13 33.53 13.25
CA LEU A 78 25.84 32.91 12.94
C LEU A 78 25.58 32.92 11.45
N ILE A 79 25.90 34.01 10.80
CA ILE A 79 25.69 34.12 9.38
C ILE A 79 26.49 33.05 8.62
N LYS A 80 27.74 32.80 9.00
CA LYS A 80 28.50 31.78 8.28
C LYS A 80 27.92 30.39 8.53
N GLN A 81 27.35 30.16 9.70
CA GLN A 81 26.70 28.88 9.95
C GLN A 81 25.44 28.80 9.10
N GLU A 82 24.73 29.92 8.99
CA GLU A 82 23.52 29.94 8.18
C GLU A 82 23.85 29.86 6.71
N LEU A 83 24.94 30.50 6.32
CA LEU A 83 25.41 30.46 4.94
C LEU A 83 25.82 29.06 4.53
N ASP A 84 26.38 28.31 5.48
CA ASP A 84 26.81 26.93 5.25
C ASP A 84 25.65 25.97 5.02
N LYS A 85 24.55 26.17 5.73
CA LYS A 85 23.36 25.37 5.52
C LYS A 85 22.86 25.60 4.10
N TYR A 86 23.02 26.83 3.63
CA TYR A 86 22.64 27.16 2.27
C TYR A 86 23.52 26.42 1.26
N LYS A 87 24.84 26.47 1.44
CA LYS A 87 25.75 25.77 0.53
C LYS A 87 25.53 24.26 0.54
N ASN A 88 25.35 23.70 1.72
CA ASN A 88 25.14 22.27 1.89
C ASN A 88 23.88 21.82 1.18
N ALA A 89 22.84 22.65 1.25
CA ALA A 89 21.58 22.36 0.60
C ALA A 89 21.79 22.27 -0.89
N VAL A 90 22.55 23.20 -1.43
CA VAL A 90 22.87 23.22 -2.85
C VAL A 90 23.60 21.96 -3.29
N THR A 91 24.65 21.59 -2.56
CA THR A 91 25.42 20.39 -2.89
C THR A 91 24.54 19.13 -2.93
N GLU A 92 23.64 18.99 -1.97
CA GLU A 92 22.75 17.85 -1.91
C GLU A 92 21.88 17.83 -3.15
N LEU A 93 21.36 19.01 -3.48
CA LEU A 93 20.52 19.23 -4.64
C LEU A 93 21.26 19.03 -5.96
N GLN A 94 22.55 19.34 -5.97
CA GLN A 94 23.37 19.15 -7.17
C GLN A 94 23.53 17.68 -7.56
N LEU A 95 23.74 16.80 -6.59
CA LEU A 95 23.85 15.38 -6.90
C LEU A 95 22.55 14.81 -7.50
N LEU A 96 21.42 15.37 -7.10
CA LEU A 96 20.12 14.89 -7.55
C LEU A 96 19.92 15.12 -9.05
N PHE A 137 -11.50 -4.34 -6.02
CA PHE A 137 -11.28 -5.78 -6.16
C PHE A 137 -10.62 -6.10 -7.50
N LEU A 138 -10.99 -5.33 -8.51
CA LEU A 138 -10.69 -5.65 -9.91
C LEU A 138 -9.51 -4.82 -10.40
N GLY A 139 -8.76 -4.25 -9.47
CA GLY A 139 -7.56 -3.51 -9.80
C GLY A 139 -6.58 -4.27 -10.66
N PHE A 140 -6.52 -5.59 -10.50
CA PHE A 140 -5.60 -6.39 -11.30
C PHE A 140 -5.88 -6.35 -12.79
N LEU A 141 -7.06 -5.85 -13.16
CA LEU A 141 -7.44 -5.72 -14.57
C LEU A 141 -6.94 -4.42 -15.20
N LEU A 142 -6.47 -3.48 -14.38
CA LEU A 142 -6.04 -2.16 -14.86
C LEU A 142 -4.76 -2.19 -15.69
N GLY A 143 -4.64 -1.23 -16.61
CA GLY A 143 -3.39 -1.05 -17.32
C GLY A 143 -2.33 -0.42 -16.45
N VAL A 144 -1.18 -0.12 -17.04
CA VAL A 144 -0.06 0.40 -16.25
C VAL A 144 0.50 1.65 -16.86
N GLY A 145 0.44 2.75 -16.10
CA GLY A 145 0.93 4.01 -16.59
C GLY A 145 2.26 4.39 -15.99
N SER A 146 2.76 5.56 -16.41
CA SER A 146 3.95 6.16 -15.85
C SER A 146 3.56 7.54 -15.34
N ALA A 147 3.29 7.62 -14.05
CA ALA A 147 2.61 8.77 -13.47
C ALA A 147 3.32 10.08 -13.74
N ILE A 148 4.64 10.05 -13.71
CA ILE A 148 5.40 11.26 -13.90
C ILE A 148 6.14 11.26 -15.20
N ALA A 149 5.66 10.48 -16.16
CA ALA A 149 6.30 10.45 -17.45
C ALA A 149 6.31 11.84 -18.04
N SER A 150 5.23 12.58 -17.83
CA SER A 150 5.09 13.92 -18.39
C SER A 150 5.99 14.94 -17.72
N GLY A 151 6.04 14.93 -16.40
CA GLY A 151 6.91 15.82 -15.66
C GLY A 151 8.36 15.59 -16.04
N VAL A 152 8.75 14.33 -16.13
CA VAL A 152 10.11 13.98 -16.51
C VAL A 152 10.50 14.45 -17.91
N ALA A 153 9.58 14.38 -18.86
CA ALA A 153 9.88 14.83 -20.22
C ALA A 153 10.20 16.31 -20.25
N VAL A 154 9.43 17.09 -19.51
CA VAL A 154 9.68 18.52 -19.42
C VAL A 154 11.02 18.76 -18.75
N CYS A 155 11.33 17.96 -17.76
CA CYS A 155 12.59 18.08 -17.07
C CYS A 155 13.73 17.77 -18.03
N LYS A 156 13.54 16.78 -18.91
CA LYS A 156 14.54 16.48 -19.91
C LYS A 156 14.81 17.68 -20.81
N VAL A 157 13.75 18.40 -21.17
CA VAL A 157 13.88 19.59 -22.02
C VAL A 157 14.68 20.68 -21.32
N LEU A 158 14.52 20.76 -20.02
CA LEU A 158 15.20 21.76 -19.19
C LEU A 158 16.70 21.61 -19.13
N HIS A 159 17.24 20.46 -19.52
CA HIS A 159 18.68 20.28 -19.46
C HIS A 159 19.46 20.86 -20.65
N LEU A 160 18.77 21.14 -21.76
CA LEU A 160 19.45 21.75 -22.91
C LEU A 160 20.02 23.13 -22.59
N GLU A 161 21.14 23.48 -23.21
CA GLU A 161 21.85 24.71 -22.88
C GLU A 161 21.11 26.01 -23.17
N GLY A 162 20.60 26.18 -24.38
CA GLY A 162 19.91 27.41 -24.67
C GLY A 162 18.65 27.58 -23.86
N GLU A 163 18.13 26.48 -23.33
CA GLU A 163 16.83 26.50 -22.67
C GLU A 163 16.79 27.29 -21.36
N VAL A 164 17.76 27.05 -20.48
CA VAL A 164 17.80 27.79 -19.23
C VAL A 164 17.97 29.28 -19.41
N ASN A 165 18.77 29.68 -20.39
CA ASN A 165 18.99 31.11 -20.62
C ASN A 165 17.70 31.80 -20.97
N LYS A 166 16.83 31.09 -21.69
CA LYS A 166 15.53 31.63 -22.06
C LYS A 166 14.70 31.92 -20.84
N ILE A 167 14.63 30.95 -19.95
CA ILE A 167 13.89 31.11 -18.72
C ILE A 167 14.42 32.20 -17.81
N LYS A 168 15.72 32.16 -17.59
CA LYS A 168 16.39 33.15 -16.76
C LYS A 168 16.10 34.53 -17.30
N SER A 169 16.10 34.65 -18.62
CA SER A 169 15.84 35.92 -19.27
C SER A 169 14.37 36.30 -19.18
N ALA A 170 13.50 35.30 -19.33
CA ALA A 170 12.06 35.52 -19.27
C ALA A 170 11.61 36.10 -17.94
N LEU A 171 12.20 35.61 -16.85
CA LEU A 171 11.77 36.00 -15.51
C LEU A 171 12.62 37.14 -14.97
N LEU A 172 13.23 37.88 -15.88
CA LEU A 172 14.13 38.95 -15.50
C LEU A 172 13.36 40.09 -14.83
N SER A 173 12.24 40.47 -15.41
CA SER A 173 11.50 41.63 -14.92
C SER A 173 10.14 41.27 -14.31
N THR A 174 9.84 39.97 -14.26
CA THR A 174 8.60 39.48 -13.66
C THR A 174 8.81 38.12 -13.02
N ASN A 175 7.88 37.74 -12.16
CA ASN A 175 7.97 36.48 -11.45
C ASN A 175 7.12 35.43 -12.16
N LYS A 176 6.27 35.92 -13.05
CA LYS A 176 5.37 35.06 -13.80
C LYS A 176 5.62 35.24 -15.27
N ALA A 177 5.82 34.14 -15.98
CA ALA A 177 6.04 34.20 -17.41
C ALA A 177 5.77 32.88 -18.11
N VAL A 178 5.30 32.97 -19.34
CA VAL A 178 5.14 31.81 -20.20
C VAL A 178 6.34 31.63 -21.10
N VAL A 179 6.89 30.41 -21.15
CA VAL A 179 8.02 30.18 -22.01
C VAL A 179 7.68 28.99 -22.89
N SER A 180 7.81 29.10 -24.21
CA SER A 180 7.61 27.89 -24.97
C SER A 180 8.79 26.98 -25.21
N LEU A 181 8.62 25.75 -24.76
CA LEU A 181 9.61 24.70 -24.91
C LEU A 181 9.49 24.06 -26.31
N SER A 182 10.46 23.19 -26.61
CA SER A 182 10.64 22.52 -27.91
C SER A 182 9.74 22.84 -29.11
N ASN A 183 8.85 21.91 -29.44
CA ASN A 183 7.94 22.05 -30.58
C ASN A 183 6.54 22.63 -30.36
N GLY A 184 6.25 23.19 -29.20
CA GLY A 184 4.93 23.78 -29.06
C GLY A 184 4.32 23.76 -27.69
N VAL A 185 4.98 23.08 -26.75
CA VAL A 185 4.41 23.06 -25.41
C VAL A 185 4.65 24.40 -24.73
N SER A 186 3.57 25.00 -24.26
CA SER A 186 3.61 26.28 -23.56
C SER A 186 3.59 26.09 -22.05
N VAL A 187 4.70 26.34 -21.36
CA VAL A 187 4.65 26.13 -19.92
C VAL A 187 4.70 27.45 -19.18
N LEU A 188 3.94 27.50 -18.09
CA LEU A 188 3.98 28.62 -17.19
C LEU A 188 5.17 28.52 -16.24
N THR A 189 5.88 29.63 -16.07
CA THR A 189 7.08 29.63 -15.24
C THR A 189 6.95 30.62 -14.10
N PHE A 190 7.54 30.28 -12.96
CA PHE A 190 7.32 31.02 -11.73
C PHE A 190 8.58 31.11 -10.86
N LYS A 191 9.11 32.31 -10.71
CA LYS A 191 10.18 32.51 -9.74
C LYS A 191 9.54 32.86 -8.40
N VAL A 192 9.60 31.92 -7.46
CA VAL A 192 8.90 32.06 -6.20
C VAL A 192 9.78 32.62 -5.09
N LEU A 193 11.08 32.67 -5.33
CA LEU A 193 12.00 33.13 -4.32
C LEU A 193 13.30 33.59 -4.94
N ASP A 194 13.66 34.84 -4.65
CA ASP A 194 14.88 35.41 -5.18
C ASP A 194 15.92 35.55 -4.08
N LEU A 195 16.67 34.47 -3.84
CA LEU A 195 17.72 34.50 -2.82
C LEU A 195 18.95 35.20 -3.38
N LYS A 196 19.06 35.23 -4.70
CA LYS A 196 20.16 35.93 -5.34
C LYS A 196 20.11 37.41 -4.97
N ASN A 197 18.96 38.03 -5.19
CA ASN A 197 18.79 39.44 -4.85
C ASN A 197 18.97 39.74 -3.36
N TYR A 198 18.45 38.86 -2.52
CA TYR A 198 18.51 39.10 -1.07
C TYR A 198 19.91 39.01 -0.53
N ILE A 199 20.68 38.02 -0.97
CA ILE A 199 21.99 37.84 -0.41
C ILE A 199 22.92 38.90 -0.99
N ASP A 200 22.76 39.16 -2.27
CA ASP A 200 23.58 40.16 -2.96
C ASP A 200 23.33 41.61 -2.55
N LYS A 201 22.09 41.96 -2.18
CA LYS A 201 21.83 43.25 -1.52
C LYS A 201 21.85 43.36 0.01
N GLN A 202 21.74 42.25 0.71
CA GLN A 202 21.88 42.29 2.16
C GLN A 202 23.22 41.85 2.72
N LEU A 203 23.60 40.60 2.48
CA LEU A 203 24.79 40.05 3.11
C LEU A 203 26.08 40.37 2.37
N LEU A 204 25.98 40.85 1.14
CA LEU A 204 27.20 41.17 0.38
C LEU A 204 28.15 42.18 1.07
N PRO A 205 27.62 43.26 1.70
CA PRO A 205 28.56 44.15 2.40
C PRO A 205 29.34 43.53 3.57
N ILE A 206 28.79 42.50 4.19
CA ILE A 206 29.40 41.90 5.37
C ILE A 206 30.38 40.72 5.12
N LEU A 207 30.27 40.02 3.99
CA LEU A 207 31.17 38.88 3.73
C LEU A 207 31.93 38.85 2.40
N ASN A 208 32.36 40.01 1.92
CA ASN A 208 33.08 40.07 0.65
C ASN A 208 34.43 40.68 0.94
N LYS A 209 34.66 40.88 2.24
CA LYS A 209 35.80 41.61 2.74
C LYS A 209 36.27 40.89 4.00
N GLN A 210 37.56 40.97 4.28
CA GLN A 210 38.07 40.45 5.56
C GLN A 210 37.31 41.24 6.62
N SER A 211 37.61 42.52 6.68
CA SER A 211 37.00 43.43 7.66
C SER A 211 35.49 43.38 7.51
N CYS A 212 34.77 42.87 8.50
CA CYS A 212 33.36 42.50 8.27
C CYS A 212 32.40 43.34 9.08
N SER A 213 31.33 43.73 8.40
CA SER A 213 30.37 44.70 8.91
C SER A 213 29.34 43.98 9.75
N ILE A 214 29.45 44.14 11.05
CA ILE A 214 28.70 43.34 12.00
C ILE A 214 27.21 43.66 11.91
N SER A 215 26.51 42.86 11.10
CA SER A 215 25.13 43.12 10.72
C SER A 215 24.24 43.14 11.95
N ASN A 216 23.21 43.98 11.92
CA ASN A 216 22.20 43.98 12.98
C ASN A 216 21.59 42.59 13.16
N ILE A 217 21.05 42.36 14.36
CA ILE A 217 20.56 41.03 14.72
C ILE A 217 19.32 40.61 13.92
N GLU A 218 18.57 41.59 13.43
CA GLU A 218 17.33 41.35 12.68
C GLU A 218 17.57 40.78 11.28
N THR A 219 18.75 41.05 10.72
CA THR A 219 19.12 40.50 9.42
C THR A 219 19.41 39.01 9.49
N VAL A 220 20.10 38.59 10.54
CA VAL A 220 20.33 37.16 10.80
C VAL A 220 19.00 36.42 10.80
N ILE A 221 18.02 36.94 11.53
CA ILE A 221 16.70 36.31 11.61
C ILE A 221 16.04 36.25 10.25
N GLU A 222 16.07 37.38 9.53
CA GLU A 222 15.40 37.48 8.26
C GLU A 222 16.03 36.48 7.30
N PHE A 223 17.36 36.39 7.35
CA PHE A 223 18.05 35.45 6.48
C PHE A 223 17.62 34.05 6.83
N GLN A 224 17.51 33.75 8.11
CA GLN A 224 17.04 32.45 8.53
C GLN A 224 15.64 32.19 8.00
N GLN A 225 14.79 33.23 8.02
CA GLN A 225 13.43 33.09 7.54
C GLN A 225 13.38 32.82 6.05
N LYS A 226 14.11 33.61 5.28
CA LYS A 226 14.12 33.48 3.82
C LYS A 226 14.81 32.20 3.35
N ASN A 227 15.90 31.84 4.01
CA ASN A 227 16.67 30.67 3.61
C ASN A 227 15.91 29.40 4.00
N ASN A 228 15.07 29.51 5.02
CA ASN A 228 14.38 28.37 5.59
C ASN A 228 13.55 27.64 4.54
N ARG A 229 12.94 28.38 3.63
CA ARG A 229 12.13 27.77 2.58
C ARG A 229 13.00 26.85 1.72
N LEU A 230 14.18 27.32 1.37
CA LEU A 230 15.12 26.53 0.58
C LEU A 230 15.54 25.23 1.27
N LEU A 231 15.79 25.30 2.57
CA LEU A 231 16.21 24.13 3.33
C LEU A 231 15.17 23.01 3.39
N GLU A 232 13.89 23.36 3.50
CA GLU A 232 12.86 22.34 3.62
C GLU A 232 12.62 21.69 2.27
N ILE A 233 12.61 22.52 1.24
CA ILE A 233 12.50 22.01 -0.10
C ILE A 233 13.65 21.04 -0.37
N THR A 234 14.86 21.44 0.00
CA THR A 234 16.00 20.55 -0.16
C THR A 234 15.83 19.29 0.66
N ARG A 235 15.34 19.48 1.88
CA ARG A 235 15.06 18.38 2.76
C ARG A 235 14.08 17.40 2.13
N GLU A 236 12.98 17.93 1.58
CA GLU A 236 11.98 17.05 1.01
C GLU A 236 12.57 16.23 -0.13
N PHE A 237 13.28 16.91 -1.03
CA PHE A 237 13.87 16.26 -2.20
C PHE A 237 14.96 15.26 -1.86
N SER A 238 15.73 15.54 -0.82
CA SER A 238 16.85 14.68 -0.44
C SER A 238 16.44 13.29 0.06
N VAL A 239 15.27 13.21 0.67
CA VAL A 239 14.77 11.94 1.18
C VAL A 239 13.67 11.34 0.31
N ASN A 240 13.42 11.94 -0.85
CA ASN A 240 12.41 11.44 -1.75
C ASN A 240 12.94 11.25 -3.17
N ALA A 241 14.26 11.25 -3.30
CA ALA A 241 14.91 11.10 -4.59
C ALA A 241 14.32 12.05 -5.64
N GLY A 242 14.13 13.31 -5.24
CA GLY A 242 13.74 14.35 -6.17
C GLY A 242 12.28 14.34 -6.59
N VAL A 243 11.47 13.48 -5.99
CA VAL A 243 10.07 13.41 -6.35
C VAL A 243 9.14 13.30 -5.15
N THR A 244 8.30 14.31 -4.95
CA THR A 244 7.43 14.36 -3.79
C THR A 244 5.96 14.40 -4.14
N THR A 245 5.16 13.82 -3.27
CA THR A 245 3.70 13.89 -3.36
C THR A 245 3.07 13.53 -2.02
N PRO A 246 2.08 14.31 -1.59
CA PRO A 246 1.51 15.53 -2.17
C PRO A 246 2.48 16.67 -2.24
N VAL A 247 2.18 17.65 -3.09
CA VAL A 247 3.02 18.82 -3.20
C VAL A 247 2.75 19.76 -2.03
N SER A 248 3.77 19.98 -1.21
CA SER A 248 3.62 20.77 0.01
C SER A 248 3.55 22.26 -0.26
N THR A 249 3.26 23.02 0.79
CA THR A 249 3.16 24.46 0.70
C THR A 249 4.53 25.09 0.71
N TYR A 250 5.55 24.29 0.93
CA TYR A 250 6.92 24.75 0.73
C TYR A 250 7.20 24.80 -0.75
N MET A 251 6.71 23.77 -1.46
CA MET A 251 6.85 23.72 -2.91
C MET A 251 6.06 24.85 -3.53
N LEU A 252 4.86 25.09 -2.98
CA LEU A 252 3.90 26.02 -3.58
C LEU A 252 2.89 26.52 -2.56
N THR A 253 3.00 27.79 -2.20
CA THR A 253 2.10 28.39 -1.23
C THR A 253 0.70 28.45 -1.79
N ASN A 254 -0.25 28.72 -0.91
CA ASN A 254 -1.65 28.79 -1.30
C ASN A 254 -1.93 29.88 -2.31
N SER A 255 -1.33 31.05 -2.09
CA SER A 255 -1.51 32.15 -3.02
C SER A 255 -0.86 31.88 -4.36
N GLU A 256 0.36 31.35 -4.33
CA GLU A 256 1.08 30.97 -5.54
C GLU A 256 0.30 29.96 -6.39
N LEU A 257 -0.20 28.92 -5.73
CA LEU A 257 -0.98 27.89 -6.40
C LEU A 257 -2.26 28.42 -7.01
N LEU A 258 -2.97 29.25 -6.25
CA LEU A 258 -4.23 29.80 -6.72
C LEU A 258 -4.05 30.62 -8.00
N SER A 259 -2.99 31.41 -8.07
CA SER A 259 -2.78 32.21 -9.26
C SER A 259 -2.28 31.34 -10.41
N LEU A 260 -1.52 30.31 -10.08
CA LEU A 260 -1.13 29.32 -11.08
C LEU A 260 -2.31 28.66 -11.77
N ILE A 261 -3.26 28.21 -10.97
CA ILE A 261 -4.48 27.63 -11.51
C ILE A 261 -5.24 28.61 -12.39
N ASN A 262 -5.30 29.85 -11.92
CA ASN A 262 -6.01 30.88 -12.65
C ASN A 262 -5.35 31.21 -13.98
N ASP A 263 -4.03 31.16 -14.01
CA ASP A 263 -3.27 31.49 -15.22
C ASP A 263 -3.08 30.27 -16.13
N MET A 264 -3.66 29.14 -15.74
CA MET A 264 -3.52 27.89 -16.48
C MET A 264 -4.39 27.93 -17.72
N PRO A 265 -3.95 27.28 -18.80
CA PRO A 265 -4.77 27.19 -20.02
C PRO A 265 -5.92 26.19 -19.93
N ILE A 266 -6.91 26.47 -19.09
CA ILE A 266 -8.04 25.56 -18.89
C ILE A 266 -9.33 26.36 -18.85
N THR A 267 -10.45 25.66 -18.90
CA THR A 267 -11.76 26.31 -18.87
C THR A 267 -12.11 26.91 -17.50
N ASN A 268 -13.11 27.80 -17.51
CA ASN A 268 -13.61 28.42 -16.29
C ASN A 268 -14.20 27.43 -15.30
N ASP A 269 -14.83 26.39 -15.82
CA ASP A 269 -15.39 25.34 -14.99
C ASP A 269 -14.34 24.62 -14.16
N GLN A 270 -13.20 24.36 -14.78
CA GLN A 270 -12.12 23.71 -14.08
C GLN A 270 -11.46 24.58 -13.03
N LYS A 271 -11.25 25.84 -13.38
CA LYS A 271 -10.67 26.80 -12.45
C LYS A 271 -11.50 26.95 -11.18
N LYS A 272 -12.82 27.02 -11.33
CA LYS A 272 -13.68 27.16 -10.15
C LYS A 272 -13.62 25.93 -9.28
N LEU A 273 -13.71 24.78 -9.93
CA LEU A 273 -13.66 23.51 -9.22
C LEU A 273 -12.34 23.32 -8.49
N MET A 274 -11.24 23.60 -9.17
CA MET A 274 -9.93 23.42 -8.56
C MET A 274 -9.63 24.39 -7.45
N SER A 275 -10.09 25.63 -7.61
CA SER A 275 -9.82 26.64 -6.61
C SER A 275 -10.54 26.40 -5.29
N ASN A 276 -11.72 25.84 -5.33
CA ASN A 276 -12.44 25.59 -4.10
C ASN A 276 -11.96 24.32 -3.44
N ASN A 277 -11.06 23.60 -4.11
CA ASN A 277 -10.58 22.34 -3.59
C ASN A 277 -9.09 22.11 -3.80
N VAL A 278 -8.32 23.15 -3.51
CA VAL A 278 -6.88 23.15 -3.72
C VAL A 278 -6.15 22.08 -2.91
N GLN A 279 -6.70 21.74 -1.76
CA GLN A 279 -6.08 20.75 -0.89
C GLN A 279 -6.10 19.38 -1.54
N ILE A 280 -7.12 19.14 -2.35
CA ILE A 280 -7.20 17.90 -3.10
C ILE A 280 -6.23 17.98 -4.26
N VAL A 281 -6.20 19.15 -4.89
CA VAL A 281 -5.29 19.41 -5.99
C VAL A 281 -3.85 19.13 -5.56
N ARG A 282 -3.51 19.54 -4.35
CA ARG A 282 -2.18 19.30 -3.82
C ARG A 282 -1.85 17.82 -3.65
N GLN A 283 -2.84 17.06 -3.20
CA GLN A 283 -2.64 15.64 -2.96
C GLN A 283 -2.48 14.84 -4.24
N GLN A 284 -3.00 15.39 -5.33
CA GLN A 284 -2.96 14.77 -6.65
C GLN A 284 -1.90 15.39 -7.54
N SER A 285 -0.97 16.14 -6.95
CA SER A 285 0.08 16.78 -7.71
C SER A 285 1.44 16.18 -7.42
N TYR A 286 2.38 16.38 -8.33
CA TYR A 286 3.75 15.95 -8.10
C TYR A 286 4.72 17.12 -8.20
N SER A 287 5.72 17.15 -7.33
CA SER A 287 6.84 18.06 -7.50
C SER A 287 8.11 17.32 -7.89
N ILE A 288 8.66 17.63 -9.05
CA ILE A 288 9.81 16.89 -9.55
C ILE A 288 11.12 17.69 -9.66
N MET A 289 12.05 17.42 -8.75
CA MET A 289 13.36 18.06 -8.78
C MET A 289 14.06 17.79 -10.10
N CYS A 290 14.55 18.83 -10.75
CA CYS A 290 14.96 18.67 -12.13
C CYS A 290 16.44 19.05 -12.33
N ILE A 291 16.81 20.29 -12.01
CA ILE A 291 18.16 20.84 -12.29
C ILE A 291 18.59 22.04 -11.45
N ILE A 292 19.88 22.08 -11.13
CA ILE A 292 20.51 23.28 -10.60
C ILE A 292 21.69 23.67 -11.48
N LYS A 293 21.56 24.82 -12.16
CA LYS A 293 22.56 25.24 -13.13
C LYS A 293 22.50 26.74 -13.40
N GLU A 294 23.67 27.38 -13.40
CA GLU A 294 23.82 28.82 -13.65
C GLU A 294 22.99 29.68 -12.71
N GLU A 295 23.13 29.38 -11.42
CA GLU A 295 22.52 30.07 -10.28
C GLU A 295 20.99 30.09 -10.34
N VAL A 296 20.42 29.20 -11.15
CA VAL A 296 18.97 29.03 -11.21
C VAL A 296 18.61 27.64 -10.70
N LEU A 297 17.78 27.55 -9.65
CA LEU A 297 17.18 26.28 -9.24
C LEU A 297 15.75 26.10 -9.78
N ALA A 298 15.49 24.98 -10.46
CA ALA A 298 14.19 24.73 -11.06
C ALA A 298 13.68 23.31 -10.77
N TYR A 299 12.45 23.20 -10.27
CA TYR A 299 11.79 21.90 -10.17
C TYR A 299 10.45 21.96 -10.90
N VAL A 300 10.07 20.87 -11.54
CA VAL A 300 8.82 20.79 -12.26
C VAL A 300 7.65 20.39 -11.37
N VAL A 301 6.57 21.18 -11.39
CA VAL A 301 5.36 20.79 -10.71
C VAL A 301 4.27 20.30 -11.66
N GLN A 302 3.87 19.03 -11.51
CA GLN A 302 2.91 18.36 -12.38
C GLN A 302 1.54 18.40 -11.76
N LEU A 303 0.62 19.16 -12.34
CA LEU A 303 -0.67 19.36 -11.70
C LEU A 303 -1.78 18.58 -12.37
N PRO A 304 -2.74 18.06 -11.59
CA PRO A 304 -3.84 17.29 -12.18
C PRO A 304 -4.74 18.20 -12.99
N LEU A 305 -5.15 17.75 -14.15
CA LEU A 305 -6.20 18.41 -14.89
C LEU A 305 -7.50 17.64 -14.76
N TYR A 306 -8.54 18.27 -14.25
CA TYR A 306 -9.84 17.60 -14.15
C TYR A 306 -10.69 17.92 -15.33
N GLY A 307 -10.56 17.10 -16.37
CA GLY A 307 -11.26 17.39 -17.61
C GLY A 307 -12.70 16.91 -17.66
N VAL A 308 -13.15 16.20 -16.63
CA VAL A 308 -14.56 15.78 -16.56
C VAL A 308 -15.18 16.18 -15.24
N ILE A 309 -16.17 17.05 -15.31
CA ILE A 309 -16.80 17.58 -14.11
C ILE A 309 -18.31 17.61 -14.18
N ASP A 310 -18.93 17.21 -13.07
CA ASP A 310 -20.36 17.33 -12.84
C ASP A 310 -21.18 16.39 -13.72
N THR A 311 -20.57 15.28 -14.09
CA THR A 311 -21.32 14.20 -14.71
C THR A 311 -21.73 13.34 -13.52
N PRO A 312 -22.85 12.60 -13.64
CA PRO A 312 -23.31 11.77 -12.52
C PRO A 312 -22.36 10.65 -12.12
N CYS A 313 -22.22 10.47 -10.82
CA CYS A 313 -21.44 9.36 -10.26
C CYS A 313 -22.23 8.52 -9.27
N TRP A 314 -21.90 7.24 -9.17
CA TRP A 314 -22.51 6.42 -8.14
C TRP A 314 -21.53 5.38 -7.58
N LYS A 315 -21.71 5.02 -6.32
CA LYS A 315 -20.85 4.05 -5.65
C LYS A 315 -21.54 2.72 -5.39
N LEU A 316 -20.95 1.65 -5.90
CA LEU A 316 -21.50 0.32 -5.71
C LEU A 316 -20.82 -0.45 -4.58
N HIS A 317 -21.60 -0.81 -3.56
CA HIS A 317 -21.11 -1.62 -2.45
C HIS A 317 -21.64 -3.05 -2.53
N THR A 318 -20.78 -4.04 -2.27
CA THR A 318 -21.20 -5.43 -2.32
C THR A 318 -20.69 -6.24 -1.14
N SER A 319 -21.37 -7.34 -0.89
CA SER A 319 -21.11 -8.20 0.26
C SER A 319 -21.56 -9.61 -0.08
N PRO A 320 -20.96 -10.62 0.56
CA PRO A 320 -21.30 -12.00 0.17
C PRO A 320 -22.73 -12.37 0.44
N LEU A 321 -23.34 -13.02 -0.54
CA LEU A 321 -24.69 -13.55 -0.44
C LEU A 321 -24.60 -15.06 -0.37
N CYS A 322 -24.91 -15.63 0.78
CA CYS A 322 -24.85 -17.08 0.96
C CYS A 322 -26.19 -17.69 1.38
N THR A 323 -26.33 -18.97 1.10
CA THR A 323 -27.42 -19.76 1.65
C THR A 323 -27.30 -19.92 3.15
N THR A 324 -28.40 -20.31 3.80
CA THR A 324 -28.42 -20.36 5.25
C THR A 324 -28.88 -21.70 5.79
N ASN A 325 -28.50 -22.78 5.11
CA ASN A 325 -28.83 -24.12 5.58
C ASN A 325 -28.19 -24.44 6.92
N THR A 326 -28.80 -25.34 7.66
CA THR A 326 -28.34 -25.68 9.01
C THR A 326 -26.97 -26.34 9.09
N LYS A 327 -26.73 -27.37 8.28
CA LYS A 327 -25.46 -28.10 8.28
C LYS A 327 -24.26 -27.24 7.87
N GLU A 328 -23.29 -27.13 8.76
CA GLU A 328 -22.09 -26.32 8.51
C GLU A 328 -21.27 -26.81 7.31
N GLY A 329 -20.76 -25.87 6.52
CA GLY A 329 -19.92 -26.20 5.38
C GLY A 329 -20.73 -26.67 4.19
N SER A 330 -22.04 -26.71 4.38
CA SER A 330 -22.98 -27.11 3.34
C SER A 330 -23.53 -25.91 2.59
N ASN A 331 -23.09 -24.72 2.98
CA ASN A 331 -23.59 -23.48 2.38
C ASN A 331 -22.74 -23.04 1.22
N ILE A 332 -23.36 -22.35 0.27
CA ILE A 332 -22.64 -21.84 -0.88
C ILE A 332 -22.76 -20.31 -0.97
N CYS A 333 -21.74 -19.64 -1.50
CA CYS A 333 -21.76 -18.18 -1.51
C CYS A 333 -21.41 -17.60 -2.86
N LEU A 334 -21.82 -16.35 -3.06
CA LEU A 334 -21.59 -15.62 -4.29
C LEU A 334 -21.47 -14.14 -3.94
N THR A 335 -20.53 -13.46 -4.58
CA THR A 335 -20.34 -12.03 -4.36
C THR A 335 -20.11 -11.24 -5.66
N ARG A 336 -20.88 -10.17 -5.86
CA ARG A 336 -20.61 -9.30 -6.99
C ARG A 336 -19.24 -8.67 -6.87
N THR A 337 -18.43 -8.82 -7.90
CA THR A 337 -17.05 -8.36 -7.86
C THR A 337 -16.91 -6.97 -8.47
N ASP A 338 -18.00 -6.48 -9.03
CA ASP A 338 -17.96 -5.21 -9.75
C ASP A 338 -18.16 -3.97 -8.87
N ARG A 339 -17.81 -4.08 -7.58
CA ARG A 339 -17.91 -2.93 -6.68
C ARG A 339 -16.91 -1.83 -6.94
N GLY A 340 -17.29 -0.60 -6.61
CA GLY A 340 -16.44 0.55 -6.83
C GLY A 340 -17.21 1.80 -7.23
N TRP A 341 -16.48 2.85 -7.62
CA TRP A 341 -17.10 4.08 -8.09
C TRP A 341 -17.38 4.02 -9.57
N TYR A 342 -18.52 4.58 -9.95
CA TYR A 342 -18.89 4.67 -11.35
C TYR A 342 -19.22 6.10 -11.72
N CYS A 343 -18.69 6.55 -12.86
CA CYS A 343 -19.00 7.88 -13.37
C CYS A 343 -19.31 7.87 -14.86
N ASP A 344 -20.39 8.51 -15.27
CA ASP A 344 -20.68 8.74 -16.69
C ASP A 344 -19.54 9.52 -17.31
N ASN A 345 -19.08 9.07 -18.46
CA ASN A 345 -17.95 9.66 -19.13
C ASN A 345 -17.90 9.42 -20.64
N ALA A 346 -18.20 10.46 -21.40
CA ALA A 346 -18.03 10.44 -22.84
C ALA A 346 -18.83 9.32 -23.48
N GLY A 347 -20.06 9.13 -23.04
CA GLY A 347 -20.92 8.14 -23.66
C GLY A 347 -20.71 6.75 -23.10
N SER A 348 -19.70 6.62 -22.26
CA SER A 348 -19.42 5.36 -21.61
C SER A 348 -19.48 5.50 -20.11
N VAL A 349 -19.06 4.47 -19.40
CA VAL A 349 -19.00 4.56 -17.97
C VAL A 349 -17.60 4.23 -17.47
N SER A 350 -17.01 5.14 -16.72
CA SER A 350 -15.71 4.94 -16.08
C SER A 350 -15.84 4.23 -14.75
N PHE A 351 -15.15 3.11 -14.60
CA PHE A 351 -15.29 2.26 -13.42
C PHE A 351 -14.01 2.18 -12.57
N PHE A 352 -14.10 2.56 -11.30
CA PHE A 352 -12.93 2.52 -10.43
C PHE A 352 -13.07 1.46 -9.37
N PRO A 353 -12.53 0.26 -9.62
CA PRO A 353 -12.70 -0.89 -8.73
C PRO A 353 -12.12 -0.71 -7.34
N GLN A 354 -10.99 -0.03 -7.23
CA GLN A 354 -10.42 0.26 -5.92
C GLN A 354 -10.87 1.61 -5.38
N ALA A 355 -12.06 1.63 -4.77
CA ALA A 355 -12.69 2.86 -4.32
C ALA A 355 -11.82 3.70 -3.39
N GLU A 356 -10.73 3.12 -2.89
CA GLU A 356 -9.81 3.90 -2.07
C GLU A 356 -8.95 4.84 -2.89
N THR A 357 -8.95 4.67 -4.21
CA THR A 357 -8.19 5.60 -5.02
C THR A 357 -9.01 6.84 -5.29
N CYS A 358 -10.28 6.82 -4.92
CA CYS A 358 -11.10 8.00 -5.08
C CYS A 358 -11.34 8.67 -3.74
N LYS A 359 -11.41 10.00 -3.75
CA LYS A 359 -11.68 10.71 -2.54
C LYS A 359 -12.99 11.48 -2.62
N VAL A 360 -13.86 11.30 -1.63
CA VAL A 360 -15.15 11.99 -1.65
C VAL A 360 -15.23 13.17 -0.69
N GLN A 361 -15.61 14.34 -1.20
CA GLN A 361 -15.87 15.50 -0.35
C GLN A 361 -17.28 16.04 -0.56
N SER A 362 -18.13 15.79 0.43
CA SER A 362 -19.57 16.04 0.36
C SER A 362 -20.20 15.29 -0.81
N ASN A 363 -20.55 15.96 -1.91
CA ASN A 363 -21.12 15.21 -3.03
C ASN A 363 -20.25 15.22 -4.27
N ARG A 364 -19.04 15.72 -4.12
CA ARG A 364 -18.08 15.73 -5.20
C ARG A 364 -17.13 14.55 -5.04
N VAL A 365 -16.88 13.81 -6.12
CA VAL A 365 -15.97 12.69 -6.03
C VAL A 365 -14.77 12.82 -6.95
N PHE A 366 -13.58 12.80 -6.36
CA PHE A 366 -12.36 12.93 -7.15
C PHE A 366 -11.71 11.60 -7.49
N CYS A 367 -11.58 11.29 -8.77
CA CYS A 367 -10.91 10.05 -9.14
C CYS A 367 -9.84 10.29 -10.22
N ASP A 368 -9.07 9.24 -10.52
CA ASP A 368 -8.01 9.29 -11.52
C ASP A 368 -8.25 8.24 -12.58
N THR A 369 -8.33 8.66 -13.83
CA THR A 369 -8.66 7.74 -14.91
C THR A 369 -7.60 6.70 -15.15
N MET A 370 -6.40 6.91 -14.60
CA MET A 370 -5.36 5.92 -14.76
C MET A 370 -5.78 4.64 -14.03
N ASN A 371 -6.64 4.78 -13.02
CA ASN A 371 -7.15 3.64 -12.28
C ASN A 371 -8.57 3.25 -12.66
N SER A 372 -8.95 3.45 -13.92
CA SER A 372 -10.30 3.07 -14.30
C SER A 372 -10.35 2.13 -15.47
N LEU A 373 -11.49 1.45 -15.58
CA LEU A 373 -11.88 0.81 -16.82
C LEU A 373 -12.95 1.62 -17.54
N THR A 374 -13.00 1.50 -18.86
CA THR A 374 -14.07 2.13 -19.62
C THR A 374 -15.10 1.11 -20.08
N LEU A 375 -16.32 1.19 -19.55
CA LEU A 375 -17.32 0.17 -19.82
C LEU A 375 -18.52 0.70 -20.58
N PRO A 376 -19.21 -0.19 -21.32
CA PRO A 376 -20.50 0.09 -21.97
C PRO A 376 -21.50 0.46 -20.90
N SER A 377 -22.44 1.34 -21.21
CA SER A 377 -23.36 1.76 -20.17
C SER A 377 -24.32 0.67 -19.70
N GLU A 378 -24.42 -0.42 -20.45
CA GLU A 378 -25.27 -1.56 -20.07
C GLU A 378 -24.77 -2.25 -18.81
N VAL A 379 -23.55 -1.93 -18.39
CA VAL A 379 -23.01 -2.46 -17.15
C VAL A 379 -23.93 -2.11 -15.99
N ASN A 380 -24.69 -1.04 -16.16
CA ASN A 380 -25.64 -0.62 -15.16
C ASN A 380 -26.74 -1.67 -14.95
N LEU A 381 -27.01 -2.48 -15.98
CA LEU A 381 -28.07 -3.48 -15.91
C LEU A 381 -27.88 -4.50 -14.81
N CYS A 382 -26.65 -4.68 -14.36
CA CYS A 382 -26.37 -5.68 -13.34
C CYS A 382 -27.09 -5.31 -12.06
N ASN A 383 -27.50 -4.07 -11.96
CA ASN A 383 -28.18 -3.59 -10.79
C ASN A 383 -29.65 -3.97 -10.78
N VAL A 384 -30.29 -3.85 -11.94
CA VAL A 384 -31.70 -4.18 -12.06
C VAL A 384 -31.92 -5.65 -12.34
N ASP A 385 -31.05 -6.21 -13.16
CA ASP A 385 -31.17 -7.60 -13.55
C ASP A 385 -29.81 -8.24 -13.68
N ILE A 386 -29.38 -8.91 -12.64
CA ILE A 386 -28.04 -9.46 -12.65
C ILE A 386 -27.94 -10.59 -13.66
N PHE A 387 -29.08 -11.06 -14.14
CA PHE A 387 -29.14 -12.12 -15.15
C PHE A 387 -29.43 -11.60 -16.55
N ASN A 388 -29.39 -10.28 -16.72
CA ASN A 388 -29.64 -9.69 -18.04
C ASN A 388 -28.75 -10.30 -19.10
N PRO A 389 -29.27 -10.42 -20.32
CA PRO A 389 -28.56 -11.10 -21.40
C PRO A 389 -27.60 -10.19 -22.13
N LYS A 390 -27.52 -8.92 -21.75
CA LYS A 390 -26.75 -7.94 -22.51
C LYS A 390 -25.39 -7.64 -21.92
N TYR A 391 -25.22 -7.91 -20.63
CA TYR A 391 -23.93 -7.72 -19.98
C TYR A 391 -23.66 -8.80 -18.96
N ASP A 392 -22.45 -9.35 -19.00
CA ASP A 392 -22.10 -10.43 -18.10
C ASP A 392 -21.58 -9.95 -16.77
N CYS A 393 -22.47 -9.83 -15.78
CA CYS A 393 -22.12 -9.23 -14.50
C CYS A 393 -21.08 -10.11 -13.84
N LYS A 394 -20.05 -9.52 -13.27
CA LYS A 394 -18.96 -10.33 -12.74
C LYS A 394 -19.16 -10.73 -11.28
N ILE A 395 -18.93 -11.99 -10.95
CA ILE A 395 -19.06 -12.45 -9.57
C ILE A 395 -17.98 -13.47 -9.21
N MET A 396 -17.76 -13.66 -7.93
CA MET A 396 -16.95 -14.78 -7.44
C MET A 396 -17.73 -15.70 -6.52
N THR A 397 -17.33 -16.96 -6.45
CA THR A 397 -18.02 -17.92 -5.61
C THR A 397 -17.09 -18.53 -4.60
N SER A 398 -17.65 -18.92 -3.46
CA SER A 398 -16.88 -19.60 -2.44
C SER A 398 -17.80 -20.28 -1.44
N LYS A 399 -17.23 -20.97 -0.46
CA LYS A 399 -17.99 -21.49 0.66
C LYS A 399 -17.58 -20.90 1.99
N THR A 400 -16.86 -19.79 1.95
CA THR A 400 -16.33 -19.24 3.18
C THR A 400 -17.36 -18.25 3.70
N ASP A 401 -18.32 -18.78 4.44
CA ASP A 401 -19.43 -17.99 4.94
C ASP A 401 -19.08 -17.36 6.29
N VAL A 402 -18.22 -16.36 6.25
CA VAL A 402 -17.89 -15.62 7.45
C VAL A 402 -18.76 -14.37 7.46
N SER A 403 -19.03 -13.84 8.64
CA SER A 403 -19.93 -12.69 8.75
C SER A 403 -19.17 -11.36 8.68
N SER A 404 -19.80 -10.36 8.06
CA SER A 404 -19.22 -9.02 8.00
C SER A 404 -20.26 -8.00 7.59
N SER A 405 -19.86 -6.74 7.60
CA SER A 405 -20.70 -5.66 7.13
C SER A 405 -19.95 -4.72 6.21
N VAL A 406 -20.66 -4.13 5.27
CA VAL A 406 -20.11 -3.07 4.44
C VAL A 406 -20.88 -1.79 4.71
N ILE A 407 -20.17 -0.80 5.21
CA ILE A 407 -20.78 0.49 5.49
C ILE A 407 -20.95 1.33 4.24
N THR A 408 -22.17 1.72 3.91
CA THR A 408 -22.40 2.45 2.68
C THR A 408 -22.44 3.94 2.94
N SER A 409 -22.84 4.70 1.93
CA SER A 409 -22.97 6.12 2.10
C SER A 409 -24.08 6.44 3.08
N LEU A 410 -25.18 5.70 3.04
CA LEU A 410 -26.33 6.14 3.80
C LEU A 410 -26.83 5.03 4.69
N GLY A 411 -26.01 4.00 4.87
CA GLY A 411 -26.40 2.88 5.69
C GLY A 411 -25.35 1.80 5.84
N ALA A 412 -25.83 0.56 5.94
CA ALA A 412 -24.96 -0.58 6.17
C ALA A 412 -25.56 -1.86 5.63
N ILE A 413 -24.74 -2.60 4.90
CA ILE A 413 -25.08 -3.94 4.48
C ILE A 413 -24.53 -4.90 5.52
N VAL A 414 -25.33 -5.86 5.93
CA VAL A 414 -24.89 -6.85 6.91
C VAL A 414 -24.96 -8.25 6.36
N SER A 415 -23.80 -8.90 6.27
CA SER A 415 -23.77 -10.30 5.91
C SER A 415 -23.55 -11.13 7.17
N CYS A 416 -24.65 -11.66 7.69
CA CYS A 416 -24.64 -12.36 8.96
C CYS A 416 -24.89 -13.85 8.77
N TYR A 417 -23.93 -14.68 9.14
CA TYR A 417 -24.09 -16.11 8.95
C TYR A 417 -23.65 -16.92 10.16
N GLY A 418 -24.13 -18.15 10.21
CA GLY A 418 -23.75 -19.11 11.23
C GLY A 418 -24.24 -18.71 12.61
N LYS A 419 -23.34 -18.80 13.57
CA LYS A 419 -23.69 -18.50 14.95
C LYS A 419 -23.28 -17.09 15.31
N THR A 420 -22.90 -16.31 14.31
CA THR A 420 -22.40 -14.97 14.55
C THR A 420 -23.51 -14.10 15.12
N LYS A 421 -23.15 -13.31 16.12
CA LYS A 421 -24.04 -12.29 16.66
C LYS A 421 -23.96 -11.00 15.86
N CYS A 422 -25.08 -10.60 15.28
CA CYS A 422 -25.13 -9.38 14.49
C CYS A 422 -26.23 -8.45 14.93
N THR A 423 -25.85 -7.24 15.33
CA THR A 423 -26.82 -6.27 15.82
C THR A 423 -26.56 -4.85 15.33
N ALA A 424 -27.56 -4.01 15.51
CA ALA A 424 -27.48 -2.58 15.25
C ALA A 424 -27.96 -1.79 16.47
N SER A 425 -27.27 -0.71 16.81
CA SER A 425 -27.67 0.01 18.02
C SER A 425 -27.90 1.49 17.76
N ASN A 426 -28.64 2.12 18.68
CA ASN A 426 -28.75 3.56 18.70
C ASN A 426 -27.92 4.17 19.83
N LYS A 427 -27.55 5.43 19.69
CA LYS A 427 -26.78 6.13 20.72
C LYS A 427 -27.41 6.02 22.12
N ASN A 428 -28.67 6.41 22.23
CA ASN A 428 -29.28 6.51 23.54
C ASN A 428 -30.14 5.31 23.86
N ARG A 429 -30.67 4.68 22.81
CA ARG A 429 -31.61 3.58 22.98
C ARG A 429 -30.92 2.23 23.11
N GLY A 430 -29.76 2.09 22.48
CA GLY A 430 -29.06 0.82 22.47
C GLY A 430 -29.51 0.00 21.26
N ILE A 431 -29.49 -1.31 21.37
CA ILE A 431 -29.79 -2.18 20.24
C ILE A 431 -31.25 -2.03 19.82
N ILE A 432 -31.48 -1.71 18.54
CA ILE A 432 -32.84 -1.55 18.05
C ILE A 432 -33.23 -2.55 16.96
N LYS A 433 -32.24 -3.19 16.34
CA LYS A 433 -32.54 -4.25 15.38
C LYS A 433 -31.54 -5.39 15.50
N THR A 434 -32.06 -6.61 15.53
CA THR A 434 -31.23 -7.81 15.49
C THR A 434 -31.37 -8.53 14.16
N PHE A 435 -30.26 -8.72 13.46
CA PHE A 435 -30.28 -9.35 12.16
C PHE A 435 -30.38 -10.87 12.22
N SER A 436 -31.21 -11.43 11.34
CA SER A 436 -31.24 -12.87 11.12
C SER A 436 -30.20 -13.24 10.08
N ASN A 437 -29.93 -14.54 9.96
CA ASN A 437 -28.97 -15.01 8.97
C ASN A 437 -29.37 -14.63 7.55
N GLY A 438 -28.39 -14.22 6.76
CA GLY A 438 -28.64 -13.75 5.41
C GLY A 438 -27.97 -12.41 5.16
N CYS A 439 -28.26 -11.81 4.01
CA CYS A 439 -27.75 -10.48 3.72
C CYS A 439 -28.87 -9.45 3.82
N ASP A 440 -28.65 -8.42 4.62
CA ASP A 440 -29.70 -7.43 4.91
C ASP A 440 -29.09 -6.04 4.99
N TYR A 441 -29.93 -5.06 5.30
CA TYR A 441 -29.55 -3.66 5.25
C TYR A 441 -30.38 -2.84 6.20
N VAL A 442 -29.80 -1.77 6.71
CA VAL A 442 -30.53 -0.80 7.51
C VAL A 442 -30.07 0.61 7.16
N SER A 443 -31.00 1.55 7.19
CA SER A 443 -30.66 2.92 6.87
C SER A 443 -30.10 3.61 8.11
N ASN A 444 -29.46 4.76 7.90
CA ASN A 444 -28.80 5.48 8.97
C ASN A 444 -29.76 6.32 9.79
N LYS A 445 -31.03 6.32 9.42
CA LYS A 445 -32.02 7.06 10.16
C LYS A 445 -32.37 6.30 11.44
N GLY A 446 -32.04 6.90 12.57
CA GLY A 446 -32.27 6.27 13.87
C GLY A 446 -31.28 5.20 14.26
N VAL A 447 -30.30 4.94 13.40
CA VAL A 447 -29.25 3.98 13.73
C VAL A 447 -27.91 4.67 13.82
N ASP A 448 -27.15 4.36 14.85
CA ASP A 448 -25.85 4.97 15.02
C ASP A 448 -24.69 3.99 14.86
N THR A 449 -24.84 2.76 15.33
CA THR A 449 -23.76 1.78 15.20
C THR A 449 -24.25 0.42 14.73
N VAL A 450 -23.34 -0.35 14.17
CA VAL A 450 -23.61 -1.74 13.81
C VAL A 450 -22.53 -2.67 14.34
N SER A 451 -22.93 -3.85 14.82
CA SER A 451 -21.96 -4.85 15.27
C SER A 451 -22.11 -6.19 14.58
N VAL A 452 -21.02 -6.69 14.01
CA VAL A 452 -20.97 -8.03 13.46
C VAL A 452 -19.83 -8.82 14.08
N GLY A 453 -20.17 -9.82 14.87
CA GLY A 453 -19.18 -10.53 15.64
C GLY A 453 -18.47 -9.62 16.61
N ASN A 454 -17.15 -9.69 16.63
CA ASN A 454 -16.37 -8.87 17.54
C ASN A 454 -15.96 -7.55 16.89
N THR A 455 -16.55 -7.26 15.75
CA THR A 455 -16.21 -6.06 15.00
C THR A 455 -17.27 -4.97 15.12
N LEU A 456 -16.90 -3.85 15.71
CA LEU A 456 -17.79 -2.71 15.76
C LEU A 456 -17.64 -1.77 14.58
N TYR A 457 -18.76 -1.42 13.96
CA TYR A 457 -18.80 -0.48 12.85
C TYR A 457 -19.57 0.77 13.23
N TYR A 458 -18.96 1.94 13.04
CA TYR A 458 -19.73 3.18 13.11
C TYR A 458 -20.34 3.44 11.74
N VAL A 459 -21.62 3.77 11.70
CA VAL A 459 -22.26 4.08 10.42
C VAL A 459 -22.11 5.54 10.04
N ASN A 460 -22.18 5.81 8.75
CA ASN A 460 -22.19 7.18 8.23
C ASN A 460 -23.48 7.93 8.56
N LYS A 461 -23.36 9.16 9.04
CA LYS A 461 -24.53 9.95 9.47
C LYS A 461 -24.97 11.00 8.45
N GLN A 462 -24.55 10.83 7.21
CA GLN A 462 -24.96 11.78 6.18
C GLN A 462 -26.46 11.67 5.90
N GLU A 463 -27.08 12.80 5.61
CA GLU A 463 -28.49 12.88 5.30
C GLU A 463 -28.78 12.31 3.91
N GLY A 464 -29.87 11.55 3.79
CA GLY A 464 -30.25 11.00 2.51
C GLY A 464 -31.22 9.83 2.62
N LYS A 465 -32.02 9.63 1.58
CA LYS A 465 -33.06 8.59 1.60
C LYS A 465 -32.55 7.26 1.07
N SER A 466 -32.94 6.18 1.73
CA SER A 466 -32.63 4.83 1.27
C SER A 466 -33.86 4.14 0.72
N LEU A 467 -33.65 3.29 -0.27
CA LEU A 467 -34.73 2.47 -0.83
C LEU A 467 -34.33 1.00 -0.73
N TYR A 468 -35.17 0.22 -0.08
CA TYR A 468 -34.91 -1.21 0.06
C TYR A 468 -35.58 -1.91 -1.11
N VAL A 469 -34.77 -2.45 -2.02
CA VAL A 469 -35.30 -3.13 -3.19
C VAL A 469 -35.41 -4.62 -2.93
N LYS A 470 -36.63 -5.07 -2.71
CA LYS A 470 -36.90 -6.44 -2.39
C LYS A 470 -36.64 -7.35 -3.57
N GLY A 471 -36.24 -8.58 -3.27
CA GLY A 471 -36.03 -9.56 -4.32
C GLY A 471 -35.50 -10.87 -3.78
N GLU A 472 -35.82 -11.97 -4.43
CA GLU A 472 -35.29 -13.25 -3.99
C GLU A 472 -33.78 -13.23 -4.09
N PRO A 473 -33.08 -13.55 -2.99
CA PRO A 473 -31.63 -13.68 -3.04
C PRO A 473 -31.25 -14.68 -4.11
N ILE A 474 -30.42 -14.27 -5.04
CA ILE A 474 -30.18 -15.07 -6.23
C ILE A 474 -29.41 -16.35 -5.94
N ILE A 475 -28.77 -16.43 -4.79
CA ILE A 475 -28.06 -17.65 -4.42
C ILE A 475 -29.01 -18.83 -4.32
N ASN A 476 -30.30 -18.54 -4.13
CA ASN A 476 -31.32 -19.59 -4.06
C ASN A 476 -31.60 -20.25 -5.40
N PHE A 477 -31.14 -19.67 -6.49
CA PHE A 477 -31.44 -20.21 -7.82
C PHE A 477 -30.48 -21.30 -8.27
N TYR A 478 -29.51 -21.65 -7.43
CA TYR A 478 -28.49 -22.60 -7.85
C TYR A 478 -28.64 -23.92 -7.13
N ASP A 479 -28.47 -25.01 -7.89
CA ASP A 479 -28.45 -26.34 -7.30
C ASP A 479 -27.06 -26.60 -6.75
N PRO A 480 -26.98 -26.73 -5.42
CA PRO A 480 -25.71 -26.87 -4.70
C PRO A 480 -24.88 -28.07 -5.09
N LEU A 481 -25.49 -29.07 -5.69
CA LEU A 481 -24.76 -30.28 -6.03
C LEU A 481 -23.87 -30.08 -7.25
N VAL A 482 -24.19 -29.07 -8.05
CA VAL A 482 -23.40 -28.78 -9.24
C VAL A 482 -22.92 -27.35 -9.26
N PHE A 483 -23.07 -26.68 -8.13
CA PHE A 483 -22.65 -25.30 -8.00
C PHE A 483 -21.14 -25.21 -7.91
N PRO A 484 -20.52 -24.48 -8.84
CA PRO A 484 -19.06 -24.28 -8.81
C PRO A 484 -18.77 -23.25 -7.74
N SER A 485 -18.40 -23.71 -6.55
CA SER A 485 -18.06 -22.82 -5.45
C SER A 485 -16.63 -22.34 -5.37
N ASP A 486 -15.86 -22.50 -6.42
CA ASP A 486 -14.48 -22.08 -6.30
C ASP A 486 -14.02 -21.42 -7.57
N GLU A 487 -14.94 -20.68 -8.17
CA GLU A 487 -14.59 -19.82 -9.27
C GLU A 487 -14.48 -18.43 -8.67
N PHE A 488 -13.26 -17.92 -8.76
CA PHE A 488 -12.87 -16.65 -8.18
C PHE A 488 -12.98 -15.54 -9.22
N ASP A 489 -12.31 -15.71 -10.35
CA ASP A 489 -12.37 -14.69 -11.39
C ASP A 489 -13.49 -15.04 -12.36
N ALA A 490 -14.71 -15.14 -11.82
CA ALA A 490 -15.84 -15.62 -12.61
C ALA A 490 -16.87 -14.54 -12.95
N SER A 491 -17.98 -14.98 -13.53
CA SER A 491 -19.07 -14.10 -13.93
C SER A 491 -20.32 -14.94 -14.09
N ILE A 492 -21.47 -14.27 -14.23
CA ILE A 492 -22.73 -14.98 -14.39
C ILE A 492 -22.72 -15.99 -15.53
N SER A 493 -22.29 -15.55 -16.70
CA SER A 493 -22.29 -16.42 -17.85
C SER A 493 -21.29 -17.53 -17.70
N GLN A 494 -20.13 -17.21 -17.13
CA GLN A 494 -19.08 -18.18 -16.94
C GLN A 494 -19.50 -19.28 -15.97
N VAL A 495 -20.14 -18.90 -14.87
CA VAL A 495 -20.66 -19.88 -13.93
C VAL A 495 -21.71 -20.80 -14.56
N ASN A 496 -22.65 -20.21 -15.29
CA ASN A 496 -23.64 -20.98 -16.01
C ASN A 496 -23.03 -21.98 -16.97
N GLU A 497 -22.02 -21.57 -17.72
CA GLU A 497 -21.38 -22.45 -18.66
C GLU A 497 -20.83 -23.67 -17.94
N LYS A 498 -20.18 -23.47 -16.81
CA LYS A 498 -19.61 -24.60 -16.09
C LYS A 498 -20.71 -25.44 -15.47
N ILE A 499 -21.76 -24.79 -14.98
CA ILE A 499 -22.88 -25.56 -14.46
C ILE A 499 -23.51 -26.42 -15.55
N ASN A 500 -23.68 -25.88 -16.74
CA ASN A 500 -24.23 -26.67 -17.82
C ASN A 500 -23.38 -27.87 -18.14
N GLN A 501 -22.07 -27.75 -18.01
CA GLN A 501 -21.25 -28.90 -18.32
C GLN A 501 -21.36 -29.95 -17.24
N SER A 502 -21.43 -29.56 -15.98
CA SER A 502 -21.61 -30.55 -14.93
C SER A 502 -23.01 -31.15 -15.00
N LEU A 503 -23.97 -30.32 -15.37
CA LEU A 503 -25.36 -30.75 -15.53
C LEU A 503 -25.59 -31.60 -16.76
N ALA A 504 -24.85 -31.32 -17.82
CA ALA A 504 -24.97 -32.06 -19.08
C ALA A 504 -24.56 -33.51 -18.96
N PHE A 505 -23.46 -33.77 -18.29
CA PHE A 505 -22.96 -35.12 -18.15
C PHE A 505 -23.80 -35.98 -17.21
N ILE A 506 -24.72 -35.36 -16.49
CA ILE A 506 -25.61 -36.16 -15.67
C ILE A 506 -26.92 -36.31 -16.43
N ARG A 507 -27.29 -35.30 -17.20
CA ARG A 507 -28.48 -35.39 -18.03
C ARG A 507 -28.30 -36.55 -18.99
N LYS A 508 -27.08 -36.73 -19.48
CA LYS A 508 -26.82 -37.75 -20.50
C LYS A 508 -26.45 -39.10 -19.91
N SER A 509 -25.71 -39.11 -18.82
CA SER A 509 -25.31 -40.38 -18.24
C SER A 509 -26.51 -41.16 -17.73
N ASP A 510 -27.52 -40.48 -17.21
CA ASP A 510 -28.72 -41.17 -16.76
C ASP A 510 -29.52 -41.65 -17.96
N GLU A 511 -29.52 -40.85 -19.02
CA GLU A 511 -30.15 -41.22 -20.28
C GLU A 511 -29.50 -42.49 -20.83
N LEU A 512 -28.19 -42.59 -20.69
CA LEU A 512 -27.46 -43.76 -21.19
C LEU A 512 -27.59 -44.98 -20.29
N LEU A 513 -27.61 -44.80 -18.97
CA LEU A 513 -27.78 -45.95 -18.12
C LEU A 513 -29.17 -46.55 -18.32
N SER A 514 -30.14 -45.72 -18.67
CA SER A 514 -31.39 -46.26 -19.14
C SER A 514 -31.12 -46.70 -20.56
N ALA A 515 -32.07 -47.36 -21.20
CA ALA A 515 -31.89 -47.78 -22.60
C ALA A 515 -30.63 -48.61 -22.86
N ILE A 516 -29.80 -48.81 -21.83
CA ILE A 516 -28.60 -49.63 -21.97
C ILE A 516 -28.99 -51.07 -21.69
N GLY A 517 -30.12 -51.24 -21.03
CA GLY A 517 -30.52 -52.53 -20.52
C GLY A 517 -31.51 -53.10 -21.48
N GLY A 518 -31.88 -52.28 -22.46
CA GLY A 518 -32.78 -52.73 -23.50
C GLY A 518 -32.02 -53.55 -24.51
N TYR A 519 -30.71 -53.67 -24.30
CA TYR A 519 -29.83 -54.38 -25.21
C TYR A 519 -29.52 -55.77 -24.68
N ILE A 520 -29.18 -56.66 -25.61
CA ILE A 520 -29.00 -58.06 -25.30
C ILE A 520 -27.57 -58.35 -24.89
N PRO A 521 -27.39 -59.14 -23.82
CA PRO A 521 -26.02 -59.44 -23.39
C PRO A 521 -25.35 -60.42 -24.34
N GLU A 522 -24.06 -60.65 -24.14
CA GLU A 522 -23.32 -61.54 -25.01
C GLU A 522 -23.67 -63.01 -24.70
N ALA A 523 -23.88 -63.78 -25.75
CA ALA A 523 -24.11 -65.20 -25.62
C ALA A 523 -22.82 -65.85 -25.18
N PRO A 524 -22.92 -66.90 -24.35
CA PRO A 524 -21.73 -67.60 -23.83
C PRO A 524 -20.77 -67.97 -24.93
N ARG A 525 -19.47 -67.95 -24.63
CA ARG A 525 -18.46 -68.19 -25.64
C ARG A 525 -17.97 -69.63 -25.60
N ASP A 526 -18.63 -70.50 -26.34
CA ASP A 526 -18.16 -71.88 -26.51
C ASP A 526 -18.25 -72.30 -27.96
N GLY A 527 -17.83 -73.52 -28.26
CA GLY A 527 -17.86 -74.00 -29.62
C GLY A 527 -19.28 -74.20 -30.14
N GLN A 528 -20.29 -73.84 -29.35
CA GLN A 528 -21.67 -74.04 -29.77
C GLN A 528 -22.31 -72.75 -30.30
N ALA A 529 -23.30 -72.92 -31.16
CA ALA A 529 -24.02 -71.81 -31.75
C ALA A 529 -25.29 -71.54 -30.98
N TYR A 530 -25.72 -70.28 -30.97
CA TYR A 530 -26.89 -69.89 -30.18
C TYR A 530 -27.89 -69.05 -30.97
N VAL A 531 -29.13 -69.02 -30.51
CA VAL A 531 -30.12 -68.11 -31.06
C VAL A 531 -30.98 -67.51 -29.96
N ARG A 532 -31.74 -66.48 -30.31
CA ARG A 532 -32.55 -65.75 -29.34
C ARG A 532 -33.98 -66.22 -29.39
N LYS A 533 -34.56 -66.42 -28.21
CA LYS A 533 -35.93 -66.86 -28.06
C LYS A 533 -36.41 -66.50 -26.67
N ASP A 534 -37.59 -65.90 -26.56
CA ASP A 534 -38.21 -65.58 -25.27
C ASP A 534 -37.33 -64.78 -24.33
N GLY A 535 -36.36 -64.06 -24.87
CA GLY A 535 -35.55 -63.23 -24.01
C GLY A 535 -34.27 -63.91 -23.59
N GLU A 536 -34.07 -65.14 -24.05
CA GLU A 536 -32.87 -65.88 -23.70
C GLU A 536 -32.22 -66.57 -24.90
N TRP A 537 -30.93 -66.89 -24.77
CA TRP A 537 -30.19 -67.59 -25.80
C TRP A 537 -30.44 -69.08 -25.74
N VAL A 538 -30.76 -69.69 -26.88
CA VAL A 538 -30.97 -71.14 -26.93
C VAL A 538 -30.01 -71.79 -27.92
N LEU A 539 -29.43 -72.93 -27.51
CA LEU A 539 -28.51 -73.65 -28.38
C LEU A 539 -29.16 -73.93 -29.71
N LEU A 540 -28.40 -73.73 -30.78
CA LEU A 540 -28.91 -74.01 -32.11
C LEU A 540 -29.10 -75.51 -32.28
N SER A 541 -28.33 -76.27 -31.51
CA SER A 541 -28.35 -77.73 -31.55
C SER A 541 -29.73 -78.27 -31.21
N THR A 542 -30.48 -77.53 -30.42
CA THR A 542 -31.82 -77.93 -30.01
C THR A 542 -32.74 -78.07 -31.18
N PHE A 543 -32.65 -77.14 -32.12
CA PHE A 543 -33.55 -77.15 -33.24
C PHE A 543 -33.03 -78.07 -34.33
N LEU A 544 -32.18 -79.01 -33.96
CA LEU A 544 -31.61 -79.98 -34.89
C LEU A 544 -31.71 -81.41 -34.35
N ASN B 27 22.45 3.63 -22.90
CA ASN B 27 22.02 2.58 -23.81
C ASN B 27 20.88 1.75 -23.22
N ILE B 28 19.67 2.04 -23.69
CA ILE B 28 18.48 1.24 -23.36
C ILE B 28 17.71 0.80 -24.59
N THR B 29 17.46 -0.49 -24.71
CA THR B 29 16.67 -1.00 -25.84
C THR B 29 15.50 -1.81 -25.32
N GLU B 30 14.54 -2.06 -26.21
CA GLU B 30 13.30 -2.75 -25.86
C GLU B 30 12.81 -3.64 -26.99
N GLU B 31 12.23 -4.78 -26.64
CA GLU B 31 11.67 -5.67 -27.65
C GLU B 31 10.23 -6.00 -27.29
N PHE B 32 9.35 -5.87 -28.27
CA PHE B 32 7.96 -6.24 -28.13
C PHE B 32 7.67 -7.55 -28.83
N TYR B 33 7.03 -8.48 -28.13
CA TYR B 33 6.66 -9.75 -28.74
C TYR B 33 5.19 -9.76 -29.04
N GLN B 34 4.90 -9.57 -30.33
CA GLN B 34 3.56 -9.58 -30.86
C GLN B 34 2.90 -10.89 -30.50
N SER B 35 3.70 -11.94 -30.44
CA SER B 35 3.18 -13.27 -30.24
C SER B 35 2.55 -13.46 -28.86
N THR B 36 3.01 -12.73 -27.86
CA THR B 36 2.53 -12.97 -26.51
C THR B 36 2.02 -11.69 -25.86
N CYS B 37 1.93 -10.62 -26.64
CA CYS B 37 1.43 -9.36 -26.12
C CYS B 37 2.22 -9.00 -24.90
N SER B 38 3.54 -9.00 -25.05
CA SER B 38 4.44 -8.69 -23.95
C SER B 38 5.66 -8.00 -24.50
N ALA B 39 6.46 -7.41 -23.63
CA ALA B 39 7.62 -6.64 -24.06
C ALA B 39 8.72 -6.68 -23.02
N VAL B 40 9.96 -6.82 -23.48
CA VAL B 40 11.10 -6.83 -22.59
C VAL B 40 11.99 -5.62 -22.80
N SER B 41 12.26 -4.86 -21.73
CA SER B 41 13.18 -3.74 -21.82
C SER B 41 14.50 -4.18 -21.22
N LYS B 42 15.58 -4.04 -21.97
CA LYS B 42 16.88 -4.49 -21.48
C LYS B 42 17.95 -3.42 -21.62
N GLY B 43 19.14 -3.72 -21.10
CA GLY B 43 20.23 -2.76 -21.09
C GLY B 43 20.45 -2.16 -19.73
N TYR B 44 19.70 -2.62 -18.75
CA TYR B 44 19.79 -2.11 -17.39
C TYR B 44 20.89 -2.78 -16.59
N LEU B 45 21.40 -2.07 -15.60
CA LEU B 45 22.44 -2.59 -14.74
C LEU B 45 21.93 -2.74 -13.33
N SER B 46 22.32 -3.85 -12.70
CA SER B 46 21.77 -4.22 -11.41
C SER B 46 22.38 -3.50 -10.23
N ALA B 47 21.56 -3.37 -9.20
CA ALA B 47 22.02 -3.03 -7.88
C ALA B 47 21.14 -3.71 -6.85
N LEU B 48 21.54 -4.90 -6.44
CA LEU B 48 20.72 -5.74 -5.56
C LEU B 48 21.21 -5.68 -4.12
N ARG B 49 20.31 -5.35 -3.18
CA ARG B 49 20.65 -5.45 -1.77
C ARG B 49 20.69 -6.91 -1.39
N THR B 50 21.85 -7.42 -0.99
CA THR B 50 21.99 -8.84 -0.69
C THR B 50 22.18 -9.06 0.79
N GLY B 51 22.64 -8.02 1.48
CA GLY B 51 22.92 -8.15 2.88
C GLY B 51 22.60 -6.87 3.63
N TRP B 52 22.96 -6.85 4.90
CA TRP B 52 22.69 -5.73 5.77
C TRP B 52 23.93 -5.37 6.55
N TYR B 53 24.18 -4.07 6.67
CA TYR B 53 25.19 -3.59 7.58
C TYR B 53 24.51 -2.78 8.67
N THR B 54 24.93 -3.00 9.91
CA THR B 54 24.34 -2.30 11.04
C THR B 54 25.37 -1.34 11.61
N SER B 55 25.04 -0.06 11.61
CA SER B 55 25.87 0.93 12.25
C SER B 55 25.26 1.49 13.53
N VAL B 56 26.11 1.97 14.44
CA VAL B 56 25.65 2.58 15.69
C VAL B 56 25.89 4.09 15.78
N ILE B 57 24.81 4.85 15.81
CA ILE B 57 24.87 6.31 15.86
C ILE B 57 24.63 6.83 17.27
N THR B 58 25.49 7.72 17.78
CA THR B 58 25.35 8.16 19.16
C THR B 58 25.27 9.68 19.35
N ILE B 59 24.52 10.09 20.37
CA ILE B 59 24.45 11.46 20.83
C ILE B 59 24.80 11.53 22.32
N GLU B 60 25.84 12.28 22.68
CA GLU B 60 26.21 12.36 24.09
C GLU B 60 25.29 13.33 24.84
N LEU B 61 24.71 12.87 25.95
CA LEU B 61 23.71 13.64 26.66
C LEU B 61 24.14 14.28 27.98
N SER B 62 23.42 15.33 28.34
CA SER B 62 23.58 16.06 29.59
C SER B 62 22.56 15.54 30.61
N ASN B 63 22.98 15.39 31.86
CA ASN B 63 22.08 14.94 32.93
C ASN B 63 21.62 16.03 33.90
N ILE B 64 20.58 16.75 33.52
CA ILE B 64 20.10 17.90 34.28
C ILE B 64 18.70 17.70 34.84
N LYS B 65 18.64 17.28 36.11
CA LYS B 65 17.37 17.02 36.76
C LYS B 65 16.53 18.30 36.89
N GLU B 66 16.62 18.93 38.05
CA GLU B 66 15.92 20.17 38.33
C GLU B 66 16.67 21.34 37.70
N ASN B 67 15.94 22.41 37.39
CA ASN B 67 16.55 23.62 36.87
C ASN B 67 16.46 24.75 37.89
N LYS B 68 17.60 25.01 38.55
CA LYS B 68 17.63 25.96 39.66
C LYS B 68 17.86 27.41 39.20
N CYS B 69 16.79 28.20 39.18
CA CYS B 69 16.89 29.63 38.94
C CYS B 69 15.54 30.28 39.23
N ASN B 70 15.55 31.34 40.03
CA ASN B 70 14.33 32.07 40.36
C ASN B 70 14.20 33.37 39.55
N GLY B 71 15.21 33.63 38.74
CA GLY B 71 15.26 34.85 37.95
C GLY B 71 14.24 34.85 36.84
N THR B 72 13.57 35.99 36.68
CA THR B 72 12.54 36.13 35.66
C THR B 72 13.06 36.91 34.45
N ASP B 73 14.38 36.92 34.29
CA ASP B 73 15.03 37.46 33.09
C ASP B 73 14.51 36.73 31.84
N ALA B 74 14.25 37.49 30.78
CA ALA B 74 13.62 36.95 29.58
C ALA B 74 14.44 35.84 28.90
N LYS B 75 15.74 36.03 28.83
CA LYS B 75 16.62 35.08 28.17
C LYS B 75 16.73 33.75 28.92
N VAL B 76 16.85 33.82 30.25
CA VAL B 76 16.96 32.63 31.09
C VAL B 76 15.61 31.89 31.14
N LYS B 77 14.53 32.66 31.08
CA LYS B 77 13.16 32.10 31.04
C LYS B 77 13.03 31.21 29.80
N LEU B 78 13.61 31.69 28.71
CA LEU B 78 13.64 30.97 27.46
C LEU B 78 14.47 29.68 27.54
N ILE B 79 15.61 29.75 28.21
CA ILE B 79 16.47 28.59 28.36
C ILE B 79 15.80 27.43 29.11
N LYS B 80 15.09 27.73 30.19
CA LYS B 80 14.41 26.66 30.93
C LYS B 80 13.28 26.05 30.14
N GLN B 81 12.63 26.85 29.32
CA GLN B 81 11.59 26.33 28.46
C GLN B 81 12.22 25.41 27.40
N GLU B 82 13.36 25.80 26.84
CA GLU B 82 14.04 24.96 25.86
C GLU B 82 14.63 23.72 26.52
N LEU B 83 15.14 23.90 27.74
CA LEU B 83 15.71 22.80 28.51
C LEU B 83 14.60 21.80 28.83
N ASP B 84 13.41 22.32 29.05
CA ASP B 84 12.27 21.48 29.33
C ASP B 84 11.93 20.72 28.07
N LYS B 85 12.06 21.41 26.93
CA LYS B 85 11.86 20.77 25.64
C LYS B 85 12.91 19.68 25.48
N TYR B 86 14.10 19.99 26.01
CA TYR B 86 15.22 19.06 26.03
C TYR B 86 14.87 17.88 26.94
N LYS B 87 14.40 18.20 28.13
CA LYS B 87 14.00 17.21 29.12
C LYS B 87 12.82 16.33 28.65
N ASN B 88 11.83 16.98 28.05
CA ASN B 88 10.62 16.32 27.54
C ASN B 88 10.89 15.27 26.47
N ALA B 89 11.82 15.57 25.58
CA ALA B 89 12.18 14.67 24.48
C ALA B 89 12.75 13.34 24.99
N VAL B 90 13.64 13.44 25.98
CA VAL B 90 14.26 12.27 26.61
C VAL B 90 13.25 11.30 27.23
N THR B 91 12.33 11.83 28.03
CA THR B 91 11.31 10.99 28.68
C THR B 91 10.51 10.18 27.65
N GLU B 92 10.13 10.82 26.55
CA GLU B 92 9.38 10.13 25.51
C GLU B 92 10.21 8.99 24.95
N LEU B 93 11.48 9.30 24.69
CA LEU B 93 12.46 8.35 24.17
C LEU B 93 12.78 7.24 25.16
N GLN B 94 12.73 7.57 26.44
CA GLN B 94 12.97 6.61 27.50
C GLN B 94 11.88 5.53 27.53
N LEU B 95 10.61 5.90 27.40
CA LEU B 95 9.55 4.90 27.38
C LEU B 95 9.73 3.96 26.19
N LEU B 96 10.29 4.47 25.11
CA LEU B 96 10.45 3.67 23.89
C LEU B 96 11.47 2.54 24.12
N PHE B 137 2.58 -9.16 -10.06
CA PHE B 137 1.38 -9.97 -9.98
C PHE B 137 1.52 -11.16 -9.03
N LEU B 138 2.73 -11.72 -8.99
CA LEU B 138 3.00 -13.01 -8.37
C LEU B 138 3.60 -12.78 -7.00
N GLY B 139 3.43 -11.56 -6.49
CA GLY B 139 3.89 -11.21 -5.15
C GLY B 139 3.42 -12.14 -4.07
N PHE B 140 2.23 -12.70 -4.22
CA PHE B 140 1.73 -13.59 -3.19
C PHE B 140 2.61 -14.85 -3.03
N LEU B 141 3.49 -15.08 -3.99
CA LEU B 141 4.39 -16.24 -3.94
C LEU B 141 5.66 -16.05 -3.11
N LEU B 142 5.96 -14.79 -2.77
CA LEU B 142 7.19 -14.45 -2.04
C LEU B 142 7.21 -14.95 -0.61
N GLY B 143 8.42 -15.22 -0.12
CA GLY B 143 8.61 -15.51 1.29
C GLY B 143 8.48 -14.29 2.18
N VAL B 144 8.73 -14.48 3.46
CA VAL B 144 8.56 -13.43 4.44
C VAL B 144 9.77 -13.24 5.32
N GLY B 145 10.37 -12.04 5.26
CA GLY B 145 11.56 -11.73 6.01
C GLY B 145 11.32 -10.84 7.23
N SER B 146 12.41 -10.54 7.95
CA SER B 146 12.36 -9.58 9.05
C SER B 146 13.34 -8.44 8.80
N ALA B 147 12.80 -7.35 8.25
CA ALA B 147 13.60 -6.29 7.67
C ALA B 147 14.63 -5.69 8.62
N ILE B 148 14.25 -5.52 9.88
CA ILE B 148 15.16 -4.90 10.84
C ILE B 148 15.61 -5.90 11.88
N ALA B 149 15.58 -7.18 11.50
CA ALA B 149 16.01 -8.22 12.41
C ALA B 149 17.47 -8.01 12.81
N SER B 150 18.31 -7.57 11.89
CA SER B 150 19.71 -7.39 12.21
C SER B 150 19.91 -6.17 13.11
N GLY B 151 19.25 -5.08 12.75
CA GLY B 151 19.29 -3.88 13.56
C GLY B 151 18.75 -4.04 14.96
N VAL B 152 17.60 -4.70 15.08
CA VAL B 152 16.99 -4.95 16.39
C VAL B 152 17.88 -5.81 17.27
N ALA B 153 18.52 -6.81 16.67
CA ALA B 153 19.42 -7.70 17.38
C ALA B 153 20.62 -6.96 17.97
N VAL B 154 21.19 -6.06 17.18
CA VAL B 154 22.30 -5.27 17.64
C VAL B 154 21.86 -4.36 18.78
N CYS B 155 20.64 -3.81 18.67
CA CYS B 155 20.09 -2.96 19.72
C CYS B 155 19.89 -3.75 20.99
N LYS B 156 19.45 -4.99 20.82
CA LYS B 156 19.28 -5.89 21.94
C LYS B 156 20.60 -6.11 22.67
N VAL B 157 21.70 -6.24 21.92
CA VAL B 157 23.03 -6.42 22.53
C VAL B 157 23.45 -5.19 23.34
N LEU B 158 23.07 -4.02 22.85
CA LEU B 158 23.39 -2.76 23.49
C LEU B 158 22.71 -2.59 24.84
N HIS B 159 21.69 -3.39 25.08
CA HIS B 159 20.97 -3.29 26.35
C HIS B 159 21.69 -4.08 27.44
N LEU B 160 22.57 -4.99 27.04
CA LEU B 160 23.34 -5.79 27.99
C LEU B 160 24.27 -4.95 28.86
N GLU B 161 24.46 -5.37 30.10
CA GLU B 161 25.24 -4.59 31.05
C GLU B 161 26.70 -4.49 30.60
N GLY B 162 27.29 -3.31 30.76
CA GLY B 162 28.67 -3.09 30.35
C GLY B 162 28.82 -2.72 28.90
N GLU B 163 27.80 -3.03 28.11
CA GLU B 163 27.87 -2.88 26.67
C GLU B 163 27.98 -1.41 26.30
N VAL B 164 27.13 -0.61 26.91
CA VAL B 164 27.13 0.83 26.70
C VAL B 164 28.47 1.44 27.13
N ASN B 165 29.05 0.92 28.20
CA ASN B 165 30.32 1.44 28.69
C ASN B 165 31.48 1.29 27.71
N LYS B 166 31.48 0.21 26.94
CA LYS B 166 32.50 -0.04 25.92
C LYS B 166 32.57 1.04 24.85
N ILE B 167 31.41 1.38 24.31
CA ILE B 167 31.27 2.41 23.29
C ILE B 167 31.69 3.80 23.75
N LYS B 168 31.20 4.19 24.92
CA LYS B 168 31.50 5.48 25.52
C LYS B 168 33.02 5.68 25.68
N SER B 169 33.73 4.62 26.04
CA SER B 169 35.17 4.71 26.22
C SER B 169 35.84 4.80 24.86
N ALA B 170 35.32 4.05 23.89
CA ALA B 170 35.86 4.05 22.54
C ALA B 170 35.79 5.43 21.91
N LEU B 171 34.68 6.14 22.16
CA LEU B 171 34.44 7.42 21.53
C LEU B 171 34.89 8.56 22.43
N LEU B 172 35.77 8.24 23.36
CA LEU B 172 36.24 9.19 24.34
C LEU B 172 37.06 10.29 23.68
N SER B 173 37.95 9.89 22.78
CA SER B 173 38.89 10.81 22.16
C SER B 173 38.66 11.01 20.66
N THR B 174 37.62 10.37 20.13
CA THR B 174 37.24 10.50 18.72
C THR B 174 35.74 10.38 18.59
N ASN B 175 35.22 10.81 17.44
CA ASN B 175 33.78 10.76 17.24
C ASN B 175 33.46 9.51 16.44
N LYS B 176 34.50 8.93 15.85
CA LYS B 176 34.36 7.72 15.04
C LYS B 176 35.23 6.61 15.62
N ALA B 177 34.64 5.42 15.83
CA ALA B 177 35.40 4.28 16.34
C ALA B 177 34.72 2.93 16.08
N VAL B 178 35.53 1.90 15.88
CA VAL B 178 35.03 0.53 15.78
C VAL B 178 35.10 -0.28 17.07
N VAL B 179 33.99 -0.92 17.44
CA VAL B 179 33.92 -1.75 18.65
C VAL B 179 33.37 -3.11 18.24
N SER B 180 34.04 -4.21 18.60
CA SER B 180 33.44 -5.51 18.34
C SER B 180 32.51 -6.05 19.43
N LEU B 181 31.28 -6.35 19.02
CA LEU B 181 30.26 -6.87 19.92
C LEU B 181 30.39 -8.37 20.16
N SER B 182 29.58 -8.86 21.10
CA SER B 182 29.54 -10.23 21.62
C SER B 182 30.52 -11.29 21.09
N ASN B 183 30.06 -12.09 20.12
CA ASN B 183 30.90 -13.14 19.55
C ASN B 183 31.71 -12.86 18.30
N GLY B 184 31.80 -11.60 17.87
CA GLY B 184 32.64 -11.31 16.72
C GLY B 184 32.19 -10.26 15.73
N VAL B 185 30.97 -9.75 15.87
CA VAL B 185 30.52 -8.73 14.94
C VAL B 185 31.20 -7.40 15.25
N SER B 186 31.82 -6.83 14.22
CA SER B 186 32.51 -5.55 14.29
C SER B 186 31.62 -4.40 13.80
N VAL B 187 31.19 -3.53 14.70
CA VAL B 187 30.31 -2.44 14.29
C VAL B 187 31.00 -1.09 14.36
N LEU B 188 30.65 -0.24 13.39
CA LEU B 188 31.08 1.14 13.36
C LEU B 188 30.25 2.04 14.28
N THR B 189 30.92 2.88 15.06
CA THR B 189 30.26 3.75 16.01
C THR B 189 30.58 5.21 15.69
N PHE B 190 29.62 6.10 15.92
CA PHE B 190 29.72 7.49 15.47
C PHE B 190 29.10 8.47 16.47
N LYS B 191 29.91 9.31 17.10
CA LYS B 191 29.32 10.38 17.89
C LYS B 191 29.10 11.60 17.00
N VAL B 192 27.83 11.86 16.66
CA VAL B 192 27.50 12.91 15.70
C VAL B 192 27.14 14.25 16.34
N LEU B 193 26.91 14.24 17.65
CA LEU B 193 26.51 15.44 18.35
C LEU B 193 26.82 15.26 19.83
N ASP B 194 27.60 16.19 20.38
CA ASP B 194 27.96 16.14 21.78
C ASP B 194 27.22 17.23 22.55
N LEU B 195 26.00 16.93 22.99
CA LEU B 195 25.22 17.90 23.75
C LEU B 195 25.66 17.97 25.20
N LYS B 196 26.31 16.91 25.66
CA LYS B 196 26.85 16.87 27.01
C LYS B 196 27.88 17.97 27.16
N ASN B 197 28.85 18.00 26.25
CA ASN B 197 29.91 19.01 26.27
C ASN B 197 29.40 20.44 26.12
N TYR B 198 28.42 20.64 25.25
CA TYR B 198 27.91 21.98 25.01
C TYR B 198 27.19 22.56 26.20
N ILE B 199 26.35 21.78 26.85
CA ILE B 199 25.58 22.34 27.94
C ILE B 199 26.45 22.49 29.18
N ASP B 200 27.30 21.51 29.42
CA ASP B 200 28.20 21.52 30.56
C ASP B 200 29.33 22.57 30.55
N LYS B 201 29.84 22.90 29.37
CA LYS B 201 30.71 24.06 29.22
C LYS B 201 30.09 25.42 28.84
N GLN B 202 28.87 25.43 28.32
CA GLN B 202 28.18 26.69 28.06
C GLN B 202 27.14 27.11 29.10
N LEU B 203 26.11 26.29 29.24
CA LEU B 203 24.96 26.64 30.08
C LEU B 203 25.12 26.33 31.56
N LEU B 204 26.07 25.47 31.92
CA LEU B 204 26.24 25.12 33.33
C LEU B 204 26.50 26.34 34.23
N PRO B 205 27.32 27.30 33.79
CA PRO B 205 27.46 28.48 34.66
C PRO B 205 26.16 29.25 34.87
N ILE B 206 25.22 29.15 33.92
CA ILE B 206 23.99 29.93 34.02
C ILE B 206 22.85 29.19 34.75
N LEU B 207 22.88 27.86 34.78
CA LEU B 207 21.81 27.10 35.46
C LEU B 207 22.24 26.07 36.48
N ASN B 208 23.30 26.35 37.23
CA ASN B 208 23.78 25.40 38.22
C ASN B 208 23.74 26.09 39.57
N LYS B 209 23.23 27.31 39.55
CA LYS B 209 23.27 28.23 40.68
C LYS B 209 21.96 28.98 40.76
N GLN B 210 21.56 29.40 41.95
CA GLN B 210 20.40 30.29 42.09
C GLN B 210 20.79 31.50 41.25
N SER B 211 21.78 32.23 41.74
CA SER B 211 22.26 33.44 41.10
C SER B 211 22.70 33.09 39.68
N CYS B 212 22.00 33.59 38.65
CA CYS B 212 22.20 33.03 37.32
C CYS B 212 22.79 34.03 36.34
N SER B 213 23.73 33.55 35.56
CA SER B 213 24.59 34.40 34.76
C SER B 213 23.86 34.66 33.45
N ILE B 214 23.33 35.86 33.30
CA ILE B 214 22.37 36.16 32.24
C ILE B 214 23.03 36.11 30.85
N SER B 215 23.01 34.93 30.25
CA SER B 215 23.82 34.61 29.08
C SER B 215 23.42 35.50 27.90
N ASN B 216 24.38 35.85 27.05
CA ASN B 216 24.09 36.58 25.80
C ASN B 216 23.06 35.89 24.91
N ILE B 217 22.41 36.67 24.05
CA ILE B 217 21.29 36.20 23.23
C ILE B 217 21.71 35.18 22.15
N GLU B 218 22.96 35.24 21.73
CA GLU B 218 23.46 34.35 20.68
C GLU B 218 23.62 32.91 21.16
N THR B 219 23.82 32.75 22.46
CA THR B 219 23.90 31.43 23.07
C THR B 219 22.51 30.80 23.07
N VAL B 220 21.51 31.60 23.40
CA VAL B 220 20.12 31.18 23.32
C VAL B 220 19.84 30.65 21.91
N ILE B 221 20.23 31.42 20.91
CA ILE B 221 20.03 31.02 19.51
C ILE B 221 20.79 29.74 19.24
N GLU B 222 22.04 29.71 19.69
CA GLU B 222 22.94 28.59 19.43
C GLU B 222 22.43 27.29 20.06
N PHE B 223 21.92 27.36 21.30
CA PHE B 223 21.40 26.18 21.96
C PHE B 223 20.20 25.63 21.20
N GLN B 224 19.33 26.53 20.74
CA GLN B 224 18.18 26.14 19.96
C GLN B 224 18.59 25.42 18.69
N GLN B 225 19.66 25.90 18.07
CA GLN B 225 20.15 25.29 16.85
C GLN B 225 20.65 23.88 17.14
N LYS B 226 21.46 23.75 18.18
CA LYS B 226 22.03 22.45 18.53
C LYS B 226 20.97 21.48 19.06
N ASN B 227 20.03 22.01 19.85
CA ASN B 227 19.00 21.18 20.46
C ASN B 227 17.96 20.73 19.42
N ASN B 228 17.78 21.52 18.37
CA ASN B 228 16.73 21.28 17.40
C ASN B 228 16.82 19.91 16.73
N ARG B 229 18.05 19.47 16.47
CA ARG B 229 18.28 18.18 15.84
C ARG B 229 17.76 17.06 16.73
N LEU B 230 18.04 17.17 18.03
CA LEU B 230 17.57 16.21 19.01
C LEU B 230 16.05 16.16 19.03
N LEU B 231 15.41 17.32 18.96
CA LEU B 231 13.96 17.40 18.98
C LEU B 231 13.37 16.72 17.75
N GLU B 232 14.03 16.87 16.62
CA GLU B 232 13.52 16.30 15.37
C GLU B 232 13.75 14.80 15.32
N ILE B 233 14.93 14.36 15.77
CA ILE B 233 15.18 12.94 15.85
C ILE B 233 14.14 12.28 16.74
N THR B 234 13.89 12.90 17.88
CA THR B 234 12.88 12.44 18.83
C THR B 234 11.48 12.45 18.24
N ARG B 235 11.17 13.52 17.52
CA ARG B 235 9.89 13.66 16.84
C ARG B 235 9.64 12.50 15.88
N GLU B 236 10.64 12.18 15.07
CA GLU B 236 10.53 11.13 14.07
C GLU B 236 10.24 9.77 14.73
N PHE B 237 11.02 9.46 15.75
CA PHE B 237 10.89 8.20 16.46
C PHE B 237 9.57 8.03 17.19
N SER B 238 9.03 9.12 17.70
CA SER B 238 7.79 9.08 18.48
C SER B 238 6.56 8.67 17.68
N VAL B 239 6.53 8.98 16.40
CA VAL B 239 5.39 8.62 15.57
C VAL B 239 5.76 7.43 14.71
N ASN B 240 6.92 6.86 14.97
CA ASN B 240 7.35 5.70 14.21
C ASN B 240 7.76 4.54 15.09
N ALA B 241 7.40 4.60 16.36
CA ALA B 241 7.74 3.56 17.31
C ALA B 241 9.21 3.20 17.24
N GLY B 242 10.07 4.22 17.19
CA GLY B 242 11.50 4.03 17.27
C GLY B 242 12.18 3.50 16.01
N VAL B 243 11.44 3.40 14.92
CA VAL B 243 12.00 2.91 13.65
C VAL B 243 11.51 3.78 12.49
N THR B 244 12.44 4.47 11.83
CA THR B 244 12.08 5.39 10.77
C THR B 244 12.70 5.00 9.44
N THR B 245 11.98 5.29 8.37
CA THR B 245 12.46 5.13 7.01
C THR B 245 11.58 5.96 6.06
N PRO B 246 12.21 6.71 5.14
CA PRO B 246 13.65 6.85 4.91
C PRO B 246 14.36 7.52 6.06
N VAL B 247 15.67 7.35 6.12
CA VAL B 247 16.44 7.99 7.16
C VAL B 247 16.62 9.44 6.80
N SER B 248 16.07 10.32 7.63
CA SER B 248 16.06 11.75 7.33
C SER B 248 17.43 12.38 7.57
N THR B 249 17.59 13.64 7.18
CA THR B 249 18.85 14.35 7.35
C THR B 249 19.02 14.87 8.77
N TYR B 250 17.99 14.74 9.59
CA TYR B 250 18.13 14.98 11.02
C TYR B 250 18.83 13.80 11.65
N MET B 251 18.46 12.61 11.18
CA MET B 251 19.07 11.38 11.66
C MET B 251 20.55 11.29 11.28
N LEU B 252 20.88 11.68 10.05
CA LEU B 252 22.22 11.48 9.51
C LEU B 252 22.52 12.44 8.36
N THR B 253 23.40 13.41 8.61
CA THR B 253 23.75 14.39 7.59
C THR B 253 24.47 13.76 6.41
N ASN B 254 24.61 14.53 5.33
CA ASN B 254 25.25 14.05 4.11
C ASN B 254 26.69 13.66 4.35
N SER B 255 27.39 14.48 5.12
CA SER B 255 28.78 14.20 5.47
C SER B 255 28.90 12.98 6.36
N GLU B 256 28.03 12.89 7.35
CA GLU B 256 27.99 11.76 8.27
C GLU B 256 27.79 10.42 7.57
N LEU B 257 26.80 10.38 6.69
CA LEU B 257 26.51 9.16 5.95
C LEU B 257 27.66 8.75 5.05
N LEU B 258 28.23 9.72 4.36
CA LEU B 258 29.33 9.49 3.43
C LEU B 258 30.57 8.90 4.08
N SER B 259 30.92 9.37 5.26
CA SER B 259 32.11 8.85 5.92
C SER B 259 31.87 7.47 6.51
N LEU B 260 30.64 7.23 6.94
CA LEU B 260 30.23 5.91 7.38
C LEU B 260 30.42 4.89 6.25
N ILE B 261 29.94 5.24 5.07
CA ILE B 261 30.08 4.42 3.87
C ILE B 261 31.53 4.12 3.52
N ASN B 262 32.37 5.13 3.65
CA ASN B 262 33.78 5.00 3.33
C ASN B 262 34.49 4.01 4.26
N ASP B 263 34.05 4.00 5.52
CA ASP B 263 34.66 3.16 6.55
C ASP B 263 34.07 1.75 6.67
N MET B 264 33.15 1.40 5.78
CA MET B 264 32.47 0.11 5.84
C MET B 264 33.37 -1.02 5.35
N PRO B 265 33.21 -2.22 5.94
CA PRO B 265 33.96 -3.41 5.52
C PRO B 265 33.44 -4.02 4.22
N ILE B 266 33.60 -3.29 3.12
CA ILE B 266 33.09 -3.72 1.82
C ILE B 266 34.09 -3.48 0.71
N THR B 267 33.80 -4.06 -0.45
CA THR B 267 34.65 -3.91 -1.62
C THR B 267 34.52 -2.49 -2.16
N ASN B 268 35.47 -2.11 -3.00
CA ASN B 268 35.50 -0.81 -3.65
C ASN B 268 34.29 -0.54 -4.55
N ASP B 269 33.77 -1.57 -5.20
CA ASP B 269 32.59 -1.43 -6.06
C ASP B 269 31.36 -0.93 -5.30
N GLN B 270 31.17 -1.45 -4.10
CA GLN B 270 30.06 -1.07 -3.23
C GLN B 270 30.16 0.35 -2.69
N LYS B 271 31.35 0.73 -2.27
CA LYS B 271 31.61 2.06 -1.76
C LYS B 271 31.27 3.12 -2.80
N LYS B 272 31.65 2.86 -4.04
CA LYS B 272 31.38 3.79 -5.13
C LYS B 272 29.89 3.97 -5.43
N LEU B 273 29.18 2.85 -5.49
CA LEU B 273 27.75 2.86 -5.78
C LEU B 273 26.94 3.64 -4.77
N MET B 274 27.22 3.41 -3.50
CA MET B 274 26.48 4.08 -2.44
C MET B 274 26.74 5.58 -2.37
N SER B 275 27.99 5.97 -2.62
CA SER B 275 28.34 7.37 -2.57
C SER B 275 27.76 8.21 -3.68
N ASN B 276 27.63 7.63 -4.87
CA ASN B 276 27.09 8.37 -6.00
C ASN B 276 25.58 8.39 -6.02
N ASN B 277 24.97 7.67 -5.08
CA ASN B 277 23.53 7.58 -5.00
C ASN B 277 23.01 7.60 -3.58
N VAL B 278 23.52 8.54 -2.79
CA VAL B 278 23.20 8.63 -1.38
C VAL B 278 21.70 8.88 -1.09
N GLN B 279 21.00 9.55 -2.01
CA GLN B 279 19.58 9.85 -1.81
C GLN B 279 18.73 8.58 -1.84
N ILE B 280 19.18 7.60 -2.60
CA ILE B 280 18.54 6.29 -2.65
C ILE B 280 18.86 5.48 -1.41
N VAL B 281 20.12 5.57 -0.97
CA VAL B 281 20.60 4.90 0.24
C VAL B 281 19.75 5.26 1.46
N ARG B 282 19.35 6.51 1.58
CA ARG B 282 18.51 6.92 2.70
C ARG B 282 17.18 6.20 2.68
N GLN B 283 16.61 6.01 1.50
CA GLN B 283 15.31 5.38 1.38
C GLN B 283 15.37 3.88 1.70
N GLN B 284 16.56 3.28 1.56
CA GLN B 284 16.73 1.85 1.82
C GLN B 284 17.41 1.54 3.15
N SER B 285 17.47 2.53 4.02
CA SER B 285 18.08 2.36 5.33
C SER B 285 17.04 2.46 6.42
N TYR B 286 17.37 1.92 7.60
CA TYR B 286 16.50 2.06 8.75
C TYR B 286 17.27 2.71 9.87
N SER B 287 16.62 3.61 10.58
CA SER B 287 17.17 4.10 11.83
C SER B 287 16.38 3.55 13.00
N ILE B 288 17.04 2.80 13.86
CA ILE B 288 16.35 2.13 14.96
C ILE B 288 16.74 2.66 16.35
N MET B 289 15.82 3.41 16.94
CA MET B 289 16.00 3.94 18.28
C MET B 289 16.20 2.77 19.23
N CYS B 290 17.24 2.83 20.06
CA CYS B 290 17.66 1.62 20.77
C CYS B 290 17.64 1.80 22.28
N ILE B 291 18.38 2.78 22.80
CA ILE B 291 18.54 2.89 24.24
C ILE B 291 18.96 4.31 24.69
N ILE B 292 18.47 4.72 25.85
CA ILE B 292 18.99 5.90 26.54
C ILE B 292 19.42 5.47 27.94
N LYS B 293 20.73 5.50 28.21
CA LYS B 293 21.27 5.00 29.47
C LYS B 293 22.65 5.55 29.82
N GLU B 294 22.79 5.98 31.06
CA GLU B 294 24.03 6.53 31.59
C GLU B 294 24.53 7.69 30.74
N GLU B 295 23.62 8.61 30.48
CA GLU B 295 23.78 9.88 29.75
C GLU B 295 24.29 9.66 28.33
N VAL B 296 24.18 8.44 27.81
CA VAL B 296 24.51 8.17 26.42
C VAL B 296 23.25 7.76 25.66
N LEU B 297 22.87 8.50 24.62
CA LEU B 297 21.82 8.05 23.69
C LEU B 297 22.38 7.41 22.41
N ALA B 298 21.95 6.19 22.10
CA ALA B 298 22.45 5.47 20.93
C ALA B 298 21.31 4.84 20.13
N TYR B 299 21.28 5.10 18.82
CA TYR B 299 20.38 4.37 17.94
C TYR B 299 21.15 3.70 16.80
N VAL B 300 20.70 2.51 16.43
CA VAL B 300 21.33 1.77 15.34
C VAL B 300 20.77 2.16 13.99
N VAL B 301 21.65 2.49 13.06
CA VAL B 301 21.23 2.72 11.69
C VAL B 301 21.64 1.52 10.83
N GLN B 302 20.62 0.89 10.24
CA GLN B 302 20.77 -0.32 9.46
C GLN B 302 20.84 0.01 7.99
N LEU B 303 22.02 -0.18 7.41
CA LEU B 303 22.23 0.25 6.03
C LEU B 303 22.25 -0.93 5.08
N PRO B 304 21.72 -0.74 3.86
CA PRO B 304 21.68 -1.80 2.87
C PRO B 304 23.07 -2.16 2.37
N LEU B 305 23.34 -3.44 2.21
CA LEU B 305 24.55 -3.86 1.49
C LEU B 305 24.15 -4.34 0.11
N TYR B 306 24.72 -3.69 -0.90
CA TYR B 306 24.46 -4.06 -2.28
C TYR B 306 25.52 -5.02 -2.77
N GLY B 307 25.30 -6.31 -2.58
CA GLY B 307 26.30 -7.28 -2.93
C GLY B 307 26.31 -7.69 -4.39
N VAL B 308 25.34 -7.20 -5.16
CA VAL B 308 25.31 -7.46 -6.60
C VAL B 308 25.15 -6.20 -7.42
N ILE B 309 26.17 -5.93 -8.24
CA ILE B 309 26.22 -4.71 -9.04
C ILE B 309 26.65 -4.98 -10.47
N ASP B 310 25.97 -4.33 -11.41
CA ASP B 310 26.35 -4.28 -12.82
C ASP B 310 26.16 -5.60 -13.57
N THR B 311 25.22 -6.42 -13.09
CA THR B 311 24.78 -7.57 -13.85
C THR B 311 23.60 -7.13 -14.72
N PRO B 312 23.37 -7.80 -15.86
CA PRO B 312 22.27 -7.39 -16.72
C PRO B 312 20.91 -7.50 -16.04
N CYS B 313 20.06 -6.50 -16.26
CA CYS B 313 18.68 -6.54 -15.81
C CYS B 313 17.73 -6.29 -16.95
N TRP B 314 16.52 -6.86 -16.87
CA TRP B 314 15.51 -6.55 -17.85
C TRP B 314 14.14 -6.51 -17.20
N LYS B 315 13.27 -5.69 -17.77
CA LYS B 315 11.92 -5.52 -17.27
C LYS B 315 10.90 -6.14 -18.19
N LEU B 316 10.09 -7.05 -17.67
CA LEU B 316 9.08 -7.71 -18.47
C LEU B 316 7.70 -7.07 -18.28
N HIS B 317 7.14 -6.55 -19.37
CA HIS B 317 5.79 -5.97 -19.38
C HIS B 317 4.83 -6.91 -20.08
N THR B 318 3.64 -7.09 -19.53
CA THR B 318 2.65 -7.96 -20.15
C THR B 318 1.26 -7.36 -20.14
N SER B 319 0.42 -7.85 -21.05
CA SER B 319 -0.92 -7.31 -21.26
C SER B 319 -1.80 -8.40 -21.85
N PRO B 320 -3.13 -8.33 -21.64
CA PRO B 320 -4.02 -9.40 -22.07
C PRO B 320 -4.07 -9.61 -23.58
N LEU B 321 -4.00 -10.87 -23.97
CA LEU B 321 -4.11 -11.30 -25.36
C LEU B 321 -5.41 -12.04 -25.65
N CYS B 322 -6.30 -11.42 -26.41
CA CYS B 322 -7.58 -12.06 -26.72
C CYS B 322 -7.78 -12.22 -28.21
N THR B 323 -8.63 -13.18 -28.55
CA THR B 323 -9.16 -13.31 -29.90
C THR B 323 -10.06 -12.13 -30.21
N THR B 324 -10.33 -11.94 -31.49
CA THR B 324 -11.05 -10.75 -31.93
C THR B 324 -12.27 -11.12 -32.77
N ASN B 325 -12.91 -12.22 -32.40
CA ASN B 325 -14.13 -12.67 -33.06
C ASN B 325 -15.21 -11.65 -32.85
N THR B 326 -16.20 -11.60 -33.75
CA THR B 326 -17.21 -10.58 -33.64
C THR B 326 -18.05 -10.74 -32.38
N LYS B 327 -18.55 -11.94 -32.11
CA LYS B 327 -19.35 -12.12 -30.91
C LYS B 327 -18.42 -11.86 -29.74
N GLU B 328 -18.74 -10.86 -28.92
CA GLU B 328 -17.89 -10.51 -27.79
C GLU B 328 -17.76 -11.62 -26.75
N GLY B 329 -18.84 -12.33 -26.48
CA GLY B 329 -18.81 -13.44 -25.54
C GLY B 329 -18.18 -14.68 -26.11
N SER B 330 -17.77 -14.61 -27.38
CA SER B 330 -17.12 -15.75 -28.01
C SER B 330 -15.60 -15.69 -27.95
N ASN B 331 -15.05 -14.66 -27.33
CA ASN B 331 -13.60 -14.51 -27.27
C ASN B 331 -12.94 -15.09 -26.04
N ILE B 332 -11.69 -15.51 -26.21
CA ILE B 332 -10.88 -16.05 -25.12
C ILE B 332 -9.60 -15.24 -24.91
N CYS B 333 -9.09 -15.17 -23.69
CA CYS B 333 -7.94 -14.32 -23.43
C CYS B 333 -6.88 -15.09 -22.66
N LEU B 334 -5.65 -14.61 -22.73
CA LEU B 334 -4.53 -15.24 -22.07
C LEU B 334 -3.54 -14.14 -21.71
N THR B 335 -2.95 -14.19 -20.54
CA THR B 335 -1.95 -13.19 -20.14
C THR B 335 -0.72 -13.77 -19.48
N ARG B 336 0.47 -13.44 -19.94
CA ARG B 336 1.68 -13.84 -19.22
C ARG B 336 1.67 -13.22 -17.84
N THR B 337 1.81 -14.04 -16.82
CA THR B 337 1.72 -13.59 -15.44
C THR B 337 3.08 -13.30 -14.80
N ASP B 338 4.15 -13.62 -15.53
CA ASP B 338 5.51 -13.51 -14.99
C ASP B 338 6.14 -12.13 -15.14
N ARG B 339 5.31 -11.10 -15.19
CA ARG B 339 5.81 -9.73 -15.29
C ARG B 339 6.50 -9.29 -14.01
N GLY B 340 7.45 -8.38 -14.17
CA GLY B 340 8.24 -7.86 -13.07
C GLY B 340 9.67 -7.62 -13.52
N TRP B 341 10.55 -7.32 -12.58
CA TRP B 341 11.96 -7.13 -12.89
C TRP B 341 12.78 -8.41 -12.86
N TYR B 342 13.72 -8.54 -13.79
CA TYR B 342 14.60 -9.71 -13.78
C TYR B 342 16.06 -9.26 -13.81
N CYS B 343 16.90 -9.88 -12.96
CA CYS B 343 18.33 -9.61 -12.94
C CYS B 343 19.17 -10.87 -12.85
N ASP B 344 20.18 -11.00 -13.70
CA ASP B 344 21.14 -12.08 -13.54
C ASP B 344 21.80 -11.95 -12.18
N ASN B 345 21.90 -13.06 -11.48
CA ASN B 345 22.45 -13.06 -10.13
C ASN B 345 22.95 -14.45 -9.78
N ALA B 346 24.28 -14.59 -9.75
CA ALA B 346 24.94 -15.78 -9.25
C ALA B 346 24.51 -17.06 -9.97
N GLY B 347 24.43 -16.99 -11.30
CA GLY B 347 24.11 -18.15 -12.12
C GLY B 347 22.63 -18.45 -12.27
N SER B 348 21.81 -17.72 -11.51
CA SER B 348 20.37 -17.84 -11.63
C SER B 348 19.82 -16.49 -12.01
N VAL B 349 18.50 -16.35 -11.99
CA VAL B 349 17.90 -15.06 -12.26
C VAL B 349 16.99 -14.65 -11.13
N SER B 350 17.21 -13.47 -10.57
CA SER B 350 16.34 -12.96 -9.53
C SER B 350 15.15 -12.24 -10.14
N PHE B 351 13.95 -12.69 -9.77
CA PHE B 351 12.72 -12.19 -10.35
C PHE B 351 11.89 -11.46 -9.30
N PHE B 352 11.59 -10.20 -9.57
CA PHE B 352 10.87 -9.37 -8.64
C PHE B 352 9.50 -9.11 -9.21
N PRO B 353 8.51 -9.92 -8.85
CA PRO B 353 7.17 -9.83 -9.42
C PRO B 353 6.54 -8.49 -9.14
N GLN B 354 6.80 -7.92 -7.97
CA GLN B 354 6.27 -6.60 -7.74
C GLN B 354 7.27 -5.53 -8.13
N ALA B 355 7.28 -5.24 -9.42
CA ALA B 355 8.24 -4.32 -10.02
C ALA B 355 8.20 -2.95 -9.37
N GLU B 356 7.17 -2.68 -8.59
CA GLU B 356 7.07 -1.43 -7.85
C GLU B 356 7.97 -1.35 -6.61
N THR B 357 8.56 -2.47 -6.19
CA THR B 357 9.48 -2.42 -5.05
C THR B 357 10.88 -2.01 -5.52
N CYS B 358 11.06 -1.93 -6.83
CA CYS B 358 12.33 -1.47 -7.37
C CYS B 358 12.23 -0.06 -7.90
N LYS B 359 13.30 0.71 -7.75
CA LYS B 359 13.35 2.07 -8.27
C LYS B 359 14.44 2.17 -9.32
N VAL B 360 14.07 2.71 -10.48
CA VAL B 360 15.01 2.83 -11.57
C VAL B 360 15.55 4.25 -11.78
N GLN B 361 16.86 4.39 -11.82
CA GLN B 361 17.49 5.67 -12.16
C GLN B 361 18.41 5.49 -13.35
N SER B 362 17.95 6.00 -14.49
CA SER B 362 18.57 5.79 -15.80
C SER B 362 18.71 4.33 -16.18
N ASN B 363 19.90 3.74 -16.10
CA ASN B 363 20.00 2.32 -16.43
C ASN B 363 20.38 1.47 -15.24
N ARG B 364 20.40 2.10 -14.08
CA ARG B 364 20.67 1.40 -12.84
C ARG B 364 19.35 1.06 -12.18
N VAL B 365 19.21 -0.17 -11.72
CA VAL B 365 17.99 -0.57 -11.06
C VAL B 365 18.25 -1.03 -9.64
N PHE B 366 17.61 -0.37 -8.68
CA PHE B 366 17.81 -0.72 -7.28
C PHE B 366 16.72 -1.65 -6.77
N CYS B 367 17.10 -2.84 -6.31
CA CYS B 367 16.13 -3.78 -5.73
C CYS B 367 16.54 -4.36 -4.38
N ASP B 368 15.60 -5.10 -3.79
CA ASP B 368 15.78 -5.76 -2.51
C ASP B 368 15.52 -7.25 -2.73
N THR B 369 16.48 -8.10 -2.40
CA THR B 369 16.32 -9.53 -2.68
C THR B 369 15.19 -10.17 -1.87
N MET B 370 14.76 -9.47 -0.83
CA MET B 370 13.65 -9.95 0.00
C MET B 370 12.35 -10.05 -0.78
N ASN B 371 12.24 -9.23 -1.82
CA ASN B 371 11.07 -9.21 -2.69
C ASN B 371 11.36 -9.94 -4.00
N SER B 372 12.21 -10.96 -3.95
CA SER B 372 12.54 -11.70 -5.17
C SER B 372 12.30 -13.19 -5.07
N LEU B 373 12.16 -13.79 -6.24
CA LEU B 373 12.31 -15.22 -6.45
C LEU B 373 13.66 -15.52 -7.06
N THR B 374 14.19 -16.71 -6.79
CA THR B 374 15.40 -17.14 -7.45
C THR B 374 15.06 -18.13 -8.54
N LEU B 375 15.26 -17.75 -9.80
CA LEU B 375 14.80 -18.60 -10.88
C LEU B 375 15.93 -19.17 -11.73
N PRO B 376 15.68 -20.33 -12.37
CA PRO B 376 16.61 -20.87 -13.36
C PRO B 376 16.75 -19.87 -14.47
N SER B 377 17.91 -19.76 -15.11
CA SER B 377 18.07 -18.74 -16.12
C SER B 377 17.22 -19.01 -17.36
N GLU B 378 16.72 -20.24 -17.46
CA GLU B 378 15.85 -20.63 -18.57
C GLU B 378 14.49 -19.94 -18.55
N VAL B 379 14.16 -19.27 -17.45
CA VAL B 379 12.93 -18.50 -17.36
C VAL B 379 12.86 -17.45 -18.46
N ASN B 380 14.02 -17.04 -18.92
CA ASN B 380 14.14 -16.06 -19.99
C ASN B 380 13.57 -16.59 -21.31
N LEU B 381 13.56 -17.92 -21.46
CA LEU B 381 13.10 -18.56 -22.68
C LEU B 381 11.65 -18.25 -23.00
N CYS B 382 10.88 -17.87 -21.99
CA CYS B 382 9.46 -17.60 -22.18
C CYS B 382 9.25 -16.42 -23.12
N ASN B 383 10.29 -15.63 -23.29
CA ASN B 383 10.17 -14.47 -24.15
C ASN B 383 10.30 -14.84 -25.62
N VAL B 384 11.24 -15.73 -25.92
CA VAL B 384 11.43 -16.13 -27.31
C VAL B 384 10.50 -17.26 -27.70
N ASP B 385 10.28 -18.19 -26.78
CA ASP B 385 9.43 -19.33 -27.07
C ASP B 385 8.64 -19.71 -25.82
N ILE B 386 7.42 -19.24 -25.73
CA ILE B 386 6.62 -19.45 -24.54
C ILE B 386 6.23 -20.92 -24.38
N PHE B 387 6.41 -21.70 -25.45
CA PHE B 387 6.12 -23.14 -25.39
C PHE B 387 7.36 -24.00 -25.22
N ASN B 388 8.48 -23.35 -24.95
CA ASN B 388 9.74 -24.05 -24.74
C ASN B 388 9.57 -25.14 -23.69
N PRO B 389 10.30 -26.25 -23.87
CA PRO B 389 10.15 -27.42 -23.01
C PRO B 389 10.96 -27.34 -21.72
N LYS B 390 11.73 -26.27 -21.54
CA LYS B 390 12.66 -26.24 -20.42
C LYS B 390 12.16 -25.42 -19.23
N TYR B 391 11.20 -24.54 -19.46
CA TYR B 391 10.60 -23.76 -18.37
C TYR B 391 9.10 -23.56 -18.62
N ASP B 392 8.31 -23.78 -17.59
CA ASP B 392 6.87 -23.67 -17.74
C ASP B 392 6.41 -22.24 -17.54
N CYS B 393 6.28 -21.50 -18.64
CA CYS B 393 6.02 -20.08 -18.60
C CYS B 393 4.66 -19.84 -17.96
N LYS B 394 4.58 -18.85 -17.08
CA LYS B 394 3.37 -18.64 -16.31
C LYS B 394 2.38 -17.72 -17.02
N ILE B 395 1.10 -18.12 -17.05
CA ILE B 395 0.04 -17.32 -17.68
C ILE B 395 -1.30 -17.35 -16.93
N MET B 396 -2.21 -16.41 -17.18
CA MET B 396 -3.58 -16.54 -16.69
C MET B 396 -4.55 -16.53 -17.85
N THR B 397 -5.71 -17.13 -17.67
CA THR B 397 -6.71 -17.17 -18.71
C THR B 397 -8.03 -16.56 -18.26
N SER B 398 -8.78 -16.01 -19.21
CA SER B 398 -10.11 -15.47 -18.92
C SER B 398 -10.88 -15.27 -20.21
N LYS B 399 -12.11 -14.78 -20.10
CA LYS B 399 -12.88 -14.37 -21.27
C LYS B 399 -13.17 -12.90 -21.19
N THR B 400 -12.44 -12.22 -20.32
CA THR B 400 -12.71 -10.82 -20.05
C THR B 400 -11.86 -9.95 -20.97
N ASP B 401 -12.37 -9.70 -22.16
CA ASP B 401 -11.61 -8.94 -23.14
C ASP B 401 -11.92 -7.46 -22.94
N VAL B 402 -11.37 -6.90 -21.86
CA VAL B 402 -11.49 -5.46 -21.61
C VAL B 402 -10.22 -4.79 -22.13
N SER B 403 -10.33 -3.51 -22.48
CA SER B 403 -9.22 -2.79 -23.09
C SER B 403 -8.31 -2.06 -22.11
N SER B 404 -7.01 -2.05 -22.38
CA SER B 404 -6.10 -1.28 -21.54
C SER B 404 -4.79 -1.12 -22.27
N SER B 405 -3.89 -0.36 -21.67
CA SER B 405 -2.53 -0.19 -22.18
C SER B 405 -1.46 -0.30 -21.13
N VAL B 406 -0.30 -0.79 -21.53
CA VAL B 406 0.86 -0.78 -20.66
C VAL B 406 1.98 0.07 -21.19
N ILE B 407 2.33 1.11 -20.45
CA ILE B 407 3.42 1.96 -20.85
C ILE B 407 4.76 1.32 -20.53
N THR B 408 5.57 1.12 -21.56
CA THR B 408 6.84 0.43 -21.38
C THR B 408 7.96 1.42 -21.23
N SER B 409 9.18 0.91 -21.25
CA SER B 409 10.35 1.77 -21.18
C SER B 409 10.49 2.67 -22.41
N LEU B 410 10.19 2.14 -23.60
CA LEU B 410 10.55 2.87 -24.81
C LEU B 410 9.36 3.00 -25.72
N GLY B 411 8.18 2.73 -25.17
CA GLY B 411 6.95 2.78 -25.94
C GLY B 411 5.76 2.45 -25.09
N ALA B 412 4.78 1.79 -25.72
CA ALA B 412 3.51 1.44 -25.08
C ALA B 412 2.89 0.22 -25.74
N ILE B 413 2.47 -0.74 -24.94
CA ILE B 413 1.69 -1.87 -25.44
C ILE B 413 0.21 -1.55 -25.33
N VAL B 414 -0.54 -1.79 -26.38
CA VAL B 414 -1.98 -1.54 -26.34
C VAL B 414 -2.80 -2.79 -26.59
N SER B 415 -3.58 -3.16 -25.59
CA SER B 415 -4.54 -4.23 -25.74
C SER B 415 -5.92 -3.65 -25.94
N CYS B 416 -6.33 -3.59 -27.20
CA CYS B 416 -7.55 -2.93 -27.62
C CYS B 416 -8.60 -3.95 -28.12
N TYR B 417 -9.75 -4.03 -27.45
CA TYR B 417 -10.76 -5.02 -27.83
C TYR B 417 -12.18 -4.46 -27.87
N GLY B 418 -13.05 -5.19 -28.56
CA GLY B 418 -14.45 -4.83 -28.64
C GLY B 418 -14.71 -3.55 -29.38
N LYS B 419 -15.52 -2.67 -28.82
CA LYS B 419 -15.84 -1.45 -29.53
C LYS B 419 -15.00 -0.29 -29.04
N THR B 420 -13.97 -0.59 -28.24
CA THR B 420 -13.17 0.48 -27.65
C THR B 420 -12.39 1.22 -28.72
N LYS B 421 -12.36 2.55 -28.60
CA LYS B 421 -11.52 3.40 -29.43
C LYS B 421 -10.09 3.56 -28.86
N CYS B 422 -9.09 3.16 -29.63
CA CYS B 422 -7.70 3.26 -29.19
C CYS B 422 -6.78 3.98 -30.15
N THR B 423 -6.17 5.06 -29.68
CA THR B 423 -5.30 5.86 -30.51
C THR B 423 -4.09 6.30 -29.75
N ALA B 424 -3.12 6.78 -30.50
CA ALA B 424 -1.92 7.40 -29.98
C ALA B 424 -1.71 8.74 -30.63
N SER B 425 -1.31 9.75 -29.88
CA SER B 425 -1.22 11.03 -30.53
C SER B 425 0.15 11.62 -30.30
N ASN B 426 0.49 12.57 -31.16
CA ASN B 426 1.66 13.42 -30.99
C ASN B 426 1.28 14.82 -30.53
N LYS B 427 2.22 15.52 -29.91
CA LYS B 427 2.01 16.90 -29.45
C LYS B 427 1.40 17.83 -30.50
N ASN B 428 2.02 17.94 -31.65
CA ASN B 428 1.62 18.95 -32.62
C ASN B 428 0.74 18.38 -33.69
N ARG B 429 0.92 17.10 -33.94
CA ARG B 429 0.23 16.44 -35.03
C ARG B 429 -1.13 15.89 -34.64
N GLY B 430 -1.26 15.48 -33.39
CA GLY B 430 -2.50 14.88 -32.95
C GLY B 430 -2.42 13.38 -33.17
N ILE B 431 -3.58 12.78 -33.41
CA ILE B 431 -3.68 11.34 -33.53
C ILE B 431 -2.90 10.90 -34.75
N ILE B 432 -1.97 9.99 -34.57
CA ILE B 432 -1.19 9.53 -35.70
C ILE B 432 -1.35 8.06 -36.02
N LYS B 433 -1.84 7.29 -35.08
CA LYS B 433 -2.13 5.88 -35.31
C LYS B 433 -3.41 5.54 -34.60
N THR B 434 -4.30 4.87 -35.29
CA THR B 434 -5.48 4.34 -34.66
C THR B 434 -5.36 2.83 -34.60
N PHE B 435 -5.44 2.27 -33.39
CA PHE B 435 -5.28 0.83 -33.23
C PHE B 435 -6.51 0.05 -33.63
N SER B 436 -6.29 -1.07 -34.31
CA SER B 436 -7.38 -2.00 -34.54
C SER B 436 -7.47 -2.92 -33.35
N ASN B 437 -8.57 -3.67 -33.28
CA ASN B 437 -8.73 -4.60 -32.18
C ASN B 437 -7.62 -5.62 -32.17
N GLY B 438 -7.12 -5.93 -31.00
CA GLY B 438 -5.99 -6.83 -30.89
C GLY B 438 -4.92 -6.22 -30.01
N CYS B 439 -3.77 -6.87 -29.96
CA CYS B 439 -2.64 -6.33 -29.22
C CYS B 439 -1.56 -5.79 -30.16
N ASP B 440 -1.15 -4.54 -29.95
CA ASP B 440 -0.23 -3.83 -30.84
C ASP B 440 0.71 -2.99 -29.98
N TYR B 441 1.59 -2.24 -30.63
CA TYR B 441 2.63 -1.56 -29.89
C TYR B 441 3.05 -0.35 -30.68
N VAL B 442 3.48 0.68 -29.98
CA VAL B 442 4.06 1.82 -30.65
C VAL B 442 5.24 2.31 -29.86
N SER B 443 6.26 2.78 -30.57
CA SER B 443 7.43 3.27 -29.89
C SER B 443 7.21 4.70 -29.49
N ASN B 444 8.05 5.19 -28.60
CA ASN B 444 7.89 6.54 -28.08
C ASN B 444 8.44 7.62 -28.99
N LYS B 445 9.00 7.19 -30.12
CA LYS B 445 9.53 8.12 -31.09
C LYS B 445 8.42 8.76 -31.90
N GLY B 446 8.26 10.06 -31.74
CA GLY B 446 7.20 10.76 -32.43
C GLY B 446 5.85 10.56 -31.81
N VAL B 447 5.79 9.79 -30.73
CA VAL B 447 4.53 9.61 -30.03
C VAL B 447 4.61 10.21 -28.65
N ASP B 448 3.57 10.94 -28.28
CA ASP B 448 3.56 11.56 -26.98
C ASP B 448 2.52 11.00 -26.02
N THR B 449 1.34 10.67 -26.52
CA THR B 449 0.30 10.12 -25.65
C THR B 449 -0.36 8.93 -26.29
N VAL B 450 -0.97 8.10 -25.47
CA VAL B 450 -1.75 6.99 -25.96
C VAL B 450 -3.09 7.05 -25.25
N SER B 451 -4.16 6.79 -25.98
CA SER B 451 -5.47 6.74 -25.36
C SER B 451 -6.19 5.44 -25.58
N VAL B 452 -6.62 4.82 -24.49
CA VAL B 452 -7.46 3.64 -24.58
C VAL B 452 -8.76 3.83 -23.82
N GLY B 453 -9.87 3.91 -24.54
CA GLY B 453 -11.12 4.24 -23.88
C GLY B 453 -10.98 5.62 -23.27
N ASN B 454 -11.39 5.76 -22.02
CA ASN B 454 -11.29 7.07 -21.41
C ASN B 454 -9.98 7.31 -20.68
N THR B 455 -9.01 6.43 -20.87
CA THR B 455 -7.76 6.60 -20.14
C THR B 455 -6.61 7.14 -20.99
N LEU B 456 -6.13 8.33 -20.63
CA LEU B 456 -4.97 8.88 -21.29
C LEU B 456 -3.68 8.49 -20.59
N TYR B 457 -2.72 8.01 -21.36
CA TYR B 457 -1.40 7.63 -20.85
C TYR B 457 -0.34 8.53 -21.45
N TYR B 458 0.49 9.12 -20.59
CA TYR B 458 1.69 9.78 -21.10
C TYR B 458 2.77 8.73 -21.22
N VAL B 459 3.47 8.70 -22.35
CA VAL B 459 4.55 7.73 -22.55
C VAL B 459 5.89 8.21 -22.04
N ASN B 460 6.78 7.28 -21.72
CA ASN B 460 8.13 7.64 -21.35
C ASN B 460 8.92 8.20 -22.52
N LYS B 461 9.61 9.31 -22.31
CA LYS B 461 10.31 9.93 -23.41
C LYS B 461 11.79 9.64 -23.42
N GLN B 462 12.23 8.60 -22.72
CA GLN B 462 13.64 8.27 -22.73
C GLN B 462 14.10 7.78 -24.11
N GLU B 463 15.35 8.11 -24.45
CA GLU B 463 15.95 7.71 -25.70
C GLU B 463 16.30 6.23 -25.73
N GLY B 464 16.04 5.59 -26.87
CA GLY B 464 16.39 4.20 -27.06
C GLY B 464 15.63 3.57 -28.21
N LYS B 465 16.21 2.53 -28.81
CA LYS B 465 15.58 1.91 -29.98
C LYS B 465 14.68 0.77 -29.56
N SER B 466 13.52 0.69 -30.20
CA SER B 466 12.58 -0.41 -30.01
C SER B 466 12.57 -1.35 -31.20
N LEU B 467 12.31 -2.62 -30.93
CA LEU B 467 12.18 -3.64 -31.97
C LEU B 467 10.83 -4.34 -31.91
N TYR B 468 10.10 -4.30 -33.01
CA TYR B 468 8.80 -4.97 -33.10
C TYR B 468 9.01 -6.38 -33.64
N VAL B 469 8.82 -7.37 -32.77
CA VAL B 469 9.01 -8.77 -33.15
C VAL B 469 7.70 -9.41 -33.58
N LYS B 470 7.55 -9.62 -34.87
CA LYS B 470 6.32 -10.20 -35.38
C LYS B 470 6.13 -11.67 -35.04
N GLY B 471 4.87 -12.08 -34.90
CA GLY B 471 4.52 -13.46 -34.64
C GLY B 471 3.04 -13.64 -34.45
N GLU B 472 2.53 -14.81 -34.83
CA GLU B 472 1.11 -15.11 -34.64
C GLU B 472 0.79 -15.07 -33.15
N PRO B 473 -0.23 -14.29 -32.77
CA PRO B 473 -0.72 -14.25 -31.40
C PRO B 473 -1.09 -15.64 -30.92
N ILE B 474 -0.52 -16.09 -29.82
CA ILE B 474 -0.67 -17.48 -29.44
C ILE B 474 -2.08 -17.85 -29.01
N ILE B 475 -2.89 -16.85 -28.68
CA ILE B 475 -4.27 -17.13 -28.31
C ILE B 475 -4.99 -17.80 -29.47
N ASN B 476 -4.47 -17.63 -30.67
CA ASN B 476 -5.05 -18.25 -31.85
C ASN B 476 -4.85 -19.76 -31.93
N PHE B 477 -3.96 -20.30 -31.10
CA PHE B 477 -3.64 -21.72 -31.15
C PHE B 477 -4.57 -22.63 -30.34
N TYR B 478 -5.56 -22.05 -29.69
CA TYR B 478 -6.43 -22.84 -28.82
C TYR B 478 -7.83 -22.96 -29.38
N ASP B 479 -8.39 -24.16 -29.27
CA ASP B 479 -9.78 -24.37 -29.65
C ASP B 479 -10.63 -23.93 -28.47
N PRO B 480 -11.42 -22.88 -28.69
CA PRO B 480 -12.21 -22.18 -27.68
C PRO B 480 -13.22 -23.06 -26.96
N LEU B 481 -13.57 -24.18 -27.54
CA LEU B 481 -14.59 -25.03 -26.95
C LEU B 481 -14.04 -25.79 -25.75
N VAL B 482 -12.71 -25.91 -25.69
CA VAL B 482 -12.10 -26.61 -24.56
C VAL B 482 -11.07 -25.76 -23.87
N PHE B 483 -11.08 -24.48 -24.20
CA PHE B 483 -10.16 -23.55 -23.61
C PHE B 483 -10.61 -23.28 -22.19
N PRO B 484 -9.74 -23.57 -21.22
CA PRO B 484 -10.02 -23.34 -19.80
C PRO B 484 -9.88 -21.86 -19.51
N SER B 485 -11.01 -21.17 -19.51
CA SER B 485 -11.04 -19.76 -19.22
C SER B 485 -11.13 -19.32 -17.76
N ASP B 486 -10.79 -20.19 -16.83
CA ASP B 486 -10.89 -19.84 -15.42
C ASP B 486 -9.67 -20.33 -14.67
N GLU B 487 -8.53 -20.27 -15.33
CA GLU B 487 -7.26 -20.52 -14.66
C GLU B 487 -6.61 -19.18 -14.40
N PHE B 488 -6.43 -18.85 -13.13
CA PHE B 488 -5.88 -17.54 -12.81
C PHE B 488 -4.35 -17.64 -12.57
N ASP B 489 -3.91 -18.50 -11.65
CA ASP B 489 -2.49 -18.66 -11.36
C ASP B 489 -1.95 -19.83 -12.20
N ALA B 490 -2.04 -19.75 -13.52
CA ALA B 490 -1.73 -20.88 -14.38
C ALA B 490 -0.44 -20.78 -15.17
N SER B 491 -0.26 -21.72 -16.09
CA SER B 491 0.93 -21.77 -16.93
C SER B 491 0.68 -22.58 -18.18
N ILE B 492 1.61 -22.51 -19.12
CA ILE B 492 1.52 -23.22 -20.39
C ILE B 492 1.29 -24.74 -20.31
N SER B 493 2.09 -25.42 -19.50
CA SER B 493 1.98 -26.87 -19.37
C SER B 493 0.67 -27.26 -18.71
N GLN B 494 0.29 -26.47 -17.71
CA GLN B 494 -0.92 -26.67 -16.94
C GLN B 494 -2.14 -26.52 -17.84
N VAL B 495 -2.11 -25.52 -18.71
CA VAL B 495 -3.16 -25.33 -19.68
C VAL B 495 -3.28 -26.52 -20.63
N ASN B 496 -2.15 -27.00 -21.11
CA ASN B 496 -2.12 -28.21 -21.93
C ASN B 496 -2.76 -29.39 -21.21
N GLU B 497 -2.45 -29.55 -19.92
CA GLU B 497 -2.99 -30.64 -19.12
C GLU B 497 -4.51 -30.66 -19.11
N LYS B 498 -5.15 -29.50 -18.92
CA LYS B 498 -6.61 -29.48 -18.88
C LYS B 498 -7.15 -29.72 -20.26
N ILE B 499 -6.47 -29.22 -21.27
CA ILE B 499 -6.89 -29.48 -22.62
C ILE B 499 -6.85 -30.98 -22.92
N ASN B 500 -5.82 -31.67 -22.47
CA ASN B 500 -5.75 -33.12 -22.66
C ASN B 500 -6.92 -33.85 -22.01
N GLN B 501 -7.35 -33.34 -20.86
CA GLN B 501 -8.45 -33.94 -20.12
C GLN B 501 -9.79 -33.70 -20.79
N SER B 502 -9.98 -32.53 -21.35
CA SER B 502 -11.22 -32.25 -22.07
C SER B 502 -11.19 -33.11 -23.31
N LEU B 503 -10.01 -33.30 -23.87
CA LEU B 503 -9.87 -34.16 -25.04
C LEU B 503 -10.02 -35.63 -24.72
N ALA B 504 -9.58 -36.03 -23.53
CA ALA B 504 -9.69 -37.43 -23.13
C ALA B 504 -11.15 -37.81 -23.03
N PHE B 505 -11.90 -36.94 -22.40
CA PHE B 505 -13.32 -37.14 -22.16
C PHE B 505 -14.17 -36.98 -23.41
N ILE B 506 -13.57 -36.47 -24.48
CA ILE B 506 -14.29 -36.42 -25.73
C ILE B 506 -13.87 -37.60 -26.59
N ARG B 507 -12.60 -38.00 -26.48
CA ARG B 507 -12.15 -39.18 -27.20
C ARG B 507 -12.94 -40.38 -26.75
N LYS B 508 -13.22 -40.45 -25.46
CA LYS B 508 -13.88 -41.62 -24.90
C LYS B 508 -15.38 -41.53 -24.97
N SER B 509 -15.95 -40.34 -24.75
CA SER B 509 -17.39 -40.21 -24.80
C SER B 509 -17.91 -40.48 -26.20
N ASP B 510 -17.14 -40.10 -27.22
CA ASP B 510 -17.53 -40.45 -28.58
C ASP B 510 -17.27 -41.93 -28.82
N GLU B 511 -16.18 -42.44 -28.24
CA GLU B 511 -15.84 -43.86 -28.34
C GLU B 511 -16.92 -44.75 -27.75
N LEU B 512 -17.47 -44.33 -26.63
CA LEU B 512 -18.49 -45.08 -25.95
C LEU B 512 -19.82 -44.93 -26.64
N LEU B 513 -20.15 -43.70 -27.00
CA LEU B 513 -21.40 -43.46 -27.71
C LEU B 513 -21.38 -44.14 -29.06
N SER B 514 -20.20 -44.33 -29.62
CA SER B 514 -20.09 -45.06 -30.88
C SER B 514 -20.37 -46.54 -30.71
N ALA B 515 -20.11 -47.06 -29.52
CA ALA B 515 -20.31 -48.48 -29.31
C ALA B 515 -21.72 -48.77 -28.83
N ILE B 516 -22.33 -47.82 -28.13
CA ILE B 516 -23.66 -48.03 -27.58
C ILE B 516 -24.70 -47.82 -28.68
N GLY B 517 -24.31 -47.17 -29.75
CA GLY B 517 -25.27 -46.83 -30.77
C GLY B 517 -25.23 -47.94 -31.78
N GLY B 518 -24.25 -48.81 -31.60
CA GLY B 518 -24.10 -50.01 -32.43
C GLY B 518 -24.91 -51.23 -32.02
N TYR B 519 -25.65 -51.14 -30.91
CA TYR B 519 -26.31 -52.33 -30.38
C TYR B 519 -27.75 -52.53 -30.79
N ILE B 520 -28.14 -53.80 -30.86
CA ILE B 520 -29.46 -54.23 -31.35
C ILE B 520 -30.48 -54.41 -30.23
N PRO B 521 -31.75 -54.07 -30.52
CA PRO B 521 -32.83 -54.17 -29.53
C PRO B 521 -33.20 -55.62 -29.27
N GLU B 522 -34.07 -55.86 -28.31
CA GLU B 522 -34.42 -57.22 -27.97
C GLU B 522 -35.27 -57.86 -29.06
N ALA B 523 -34.99 -59.12 -29.36
CA ALA B 523 -35.79 -59.88 -30.30
C ALA B 523 -37.15 -60.17 -29.70
N PRO B 524 -38.21 -60.17 -30.54
CA PRO B 524 -39.60 -60.35 -30.11
C PRO B 524 -39.78 -61.58 -29.26
N ARG B 525 -40.68 -61.49 -28.30
CA ARG B 525 -40.90 -62.57 -27.35
C ARG B 525 -42.08 -63.46 -27.70
N ASP B 526 -41.83 -64.50 -28.46
CA ASP B 526 -42.82 -65.53 -28.67
C ASP B 526 -42.13 -66.88 -28.56
N GLY B 527 -42.89 -67.96 -28.67
CA GLY B 527 -42.32 -69.29 -28.54
C GLY B 527 -41.41 -69.70 -29.67
N GLN B 528 -41.17 -68.80 -30.61
CA GLN B 528 -40.32 -69.11 -31.74
C GLN B 528 -38.94 -68.47 -31.58
N ALA B 529 -37.96 -69.02 -32.29
CA ALA B 529 -36.59 -68.52 -32.23
C ALA B 529 -36.29 -67.59 -33.40
N TYR B 530 -35.37 -66.65 -33.18
CA TYR B 530 -35.07 -65.67 -34.21
C TYR B 530 -33.58 -65.58 -34.51
N VAL B 531 -33.27 -65.07 -35.71
CA VAL B 531 -31.90 -64.79 -36.10
C VAL B 531 -31.85 -63.45 -36.80
N ARG B 532 -30.65 -62.89 -36.99
CA ARG B 532 -30.53 -61.55 -37.55
C ARG B 532 -30.22 -61.54 -39.04
N LYS B 533 -30.94 -60.68 -39.75
CA LYS B 533 -30.81 -60.56 -41.19
C LYS B 533 -31.36 -59.23 -41.67
N ASP B 534 -30.57 -58.54 -42.49
CA ASP B 534 -31.00 -57.30 -43.14
C ASP B 534 -31.52 -56.27 -42.13
N GLY B 535 -31.04 -56.37 -40.90
CA GLY B 535 -31.32 -55.38 -39.87
C GLY B 535 -32.45 -55.63 -38.90
N GLU B 536 -33.20 -56.70 -39.10
CA GLU B 536 -34.27 -57.03 -38.16
C GLU B 536 -34.29 -58.51 -37.90
N TRP B 537 -34.96 -58.92 -36.83
CA TRP B 537 -35.01 -60.33 -36.48
C TRP B 537 -35.97 -61.08 -37.36
N VAL B 538 -35.51 -62.20 -37.90
CA VAL B 538 -36.35 -63.04 -38.76
C VAL B 538 -36.49 -64.43 -38.17
N LEU B 539 -37.70 -64.98 -38.22
CA LEU B 539 -37.96 -66.32 -37.69
C LEU B 539 -37.05 -67.38 -38.26
N LEU B 540 -36.55 -68.24 -37.39
CA LEU B 540 -35.71 -69.35 -37.81
C LEU B 540 -36.53 -70.30 -38.65
N SER B 541 -37.83 -70.30 -38.39
CA SER B 541 -38.78 -71.14 -39.10
C SER B 541 -38.75 -70.86 -40.58
N THR B 542 -38.41 -69.62 -40.92
CA THR B 542 -38.34 -69.21 -42.30
C THR B 542 -37.27 -69.95 -43.05
N PHE B 543 -36.10 -70.09 -42.43
CA PHE B 543 -34.99 -70.72 -43.10
C PHE B 543 -34.97 -72.23 -42.95
N LEU B 544 -36.10 -72.82 -42.59
CA LEU B 544 -36.18 -74.26 -42.49
C LEU B 544 -37.45 -74.78 -43.16
N ASN C 27 7.92 -14.27 28.42
CA ASN C 27 7.59 -15.64 28.02
C ASN C 27 7.02 -15.71 26.62
N ILE C 28 7.86 -16.12 25.67
CA ILE C 28 7.41 -16.41 24.32
C ILE C 28 7.89 -17.78 23.85
N THR C 29 6.96 -18.63 23.42
CA THR C 29 7.31 -19.94 22.91
C THR C 29 6.74 -20.17 21.52
N GLU C 30 7.27 -21.19 20.85
CA GLU C 30 6.88 -21.50 19.48
C GLU C 30 6.89 -23.01 19.17
N GLU C 31 5.93 -23.45 18.34
CA GLU C 31 5.89 -24.84 17.91
C GLU C 31 5.80 -24.92 16.38
N PHE C 32 6.63 -25.75 15.77
CA PHE C 32 6.56 -26.00 14.34
C PHE C 32 5.95 -27.34 14.00
N TYR C 33 4.97 -27.33 13.09
CA TYR C 33 4.34 -28.56 12.66
C TYR C 33 4.79 -28.98 11.27
N GLN C 34 5.66 -29.99 11.22
CA GLN C 34 6.14 -30.54 9.96
C GLN C 34 5.03 -31.03 9.04
N SER C 35 3.95 -31.53 9.62
CA SER C 35 2.89 -32.16 8.84
C SER C 35 2.14 -31.18 7.96
N THR C 36 2.12 -29.91 8.37
CA THR C 36 1.32 -28.94 7.64
C THR C 36 2.17 -27.74 7.26
N CYS C 37 3.47 -27.85 7.50
CA CYS C 37 4.43 -26.80 7.15
C CYS C 37 4.03 -25.44 7.71
N SER C 38 3.78 -25.39 9.02
CA SER C 38 3.38 -24.15 9.67
C SER C 38 3.92 -24.10 11.10
N ALA C 39 3.84 -22.93 11.71
CA ALA C 39 4.40 -22.75 13.05
C ALA C 39 3.63 -21.70 13.84
N VAL C 40 3.41 -21.99 15.12
CA VAL C 40 2.72 -21.05 16.00
C VAL C 40 3.59 -20.49 17.11
N SER C 41 3.63 -19.17 17.21
CA SER C 41 4.33 -18.45 18.28
C SER C 41 3.34 -17.95 19.32
N LYS C 42 3.56 -18.32 20.59
CA LYS C 42 2.64 -17.93 21.66
C LYS C 42 3.34 -17.27 22.83
N GLY C 43 2.51 -16.82 23.77
CA GLY C 43 2.98 -16.08 24.92
C GLY C 43 2.68 -14.60 24.82
N TYR C 44 1.99 -14.21 23.76
CA TYR C 44 1.66 -12.80 23.56
C TYR C 44 0.40 -12.38 24.30
N LEU C 45 0.31 -11.10 24.63
CA LEU C 45 -0.83 -10.53 25.33
C LEU C 45 -1.55 -9.49 24.48
N SER C 46 -2.87 -9.50 24.51
CA SER C 46 -3.64 -8.66 23.60
C SER C 46 -3.78 -7.19 24.01
N ALA C 47 -3.91 -6.33 23.00
CA ALA C 47 -4.39 -4.96 23.17
C ALA C 47 -5.16 -4.55 21.90
N LEU C 48 -6.47 -4.77 21.93
CA LEU C 48 -7.33 -4.58 20.76
C LEU C 48 -8.15 -3.30 20.77
N ARG C 49 -8.04 -2.50 19.72
CA ARG C 49 -8.92 -1.35 19.55
C ARG C 49 -10.32 -1.80 19.20
N THR C 50 -11.29 -1.53 20.04
CA THR C 50 -12.63 -2.02 19.78
C THR C 50 -13.63 -0.93 19.41
N GLY C 51 -13.31 0.30 19.80
CA GLY C 51 -14.19 1.42 19.60
C GLY C 51 -13.43 2.69 19.32
N TRP C 52 -14.17 3.80 19.26
CA TRP C 52 -13.55 5.07 18.96
C TRP C 52 -14.01 6.12 19.96
N TYR C 53 -13.08 6.94 20.41
CA TYR C 53 -13.44 8.11 21.19
C TYR C 53 -13.06 9.38 20.44
N THR C 54 -13.97 10.34 20.42
CA THR C 54 -13.71 11.59 19.73
C THR C 54 -13.57 12.73 20.71
N SER C 55 -12.41 13.38 20.69
CA SER C 55 -12.22 14.57 21.49
C SER C 55 -12.18 15.81 20.61
N VAL C 56 -12.53 16.95 21.18
CA VAL C 56 -12.48 18.20 20.45
C VAL C 56 -11.39 19.13 20.99
N ILE C 57 -10.37 19.38 20.17
CA ILE C 57 -9.24 20.21 20.57
C ILE C 57 -9.34 21.63 20.02
N THR C 58 -9.16 22.63 20.88
CA THR C 58 -9.36 24.01 20.45
C THR C 58 -8.14 24.91 20.70
N ILE C 59 -8.00 25.89 19.81
CA ILE C 59 -7.04 26.96 19.93
C ILE C 59 -7.77 28.29 19.85
N GLU C 60 -7.66 29.11 20.89
CA GLU C 60 -8.37 30.37 20.87
C GLU C 60 -7.61 31.36 19.99
N LEU C 61 -8.33 31.94 19.05
CA LEU C 61 -7.73 32.79 18.05
C LEU C 61 -7.99 34.28 18.22
N SER C 62 -7.09 35.07 17.66
CA SER C 62 -7.19 36.52 17.64
C SER C 62 -7.79 36.98 16.31
N ASN C 63 -8.68 37.97 16.35
CA ASN C 63 -9.27 38.53 15.14
C ASN C 63 -8.74 39.89 14.70
N ILE C 64 -7.62 39.85 13.98
CA ILE C 64 -6.91 41.07 13.58
C ILE C 64 -6.87 41.27 12.06
N LYS C 65 -7.79 42.08 11.55
CA LYS C 65 -7.88 42.32 10.12
C LYS C 65 -6.61 43.03 9.59
N GLU C 66 -6.63 44.36 9.58
CA GLU C 66 -5.50 45.19 9.15
C GLU C 66 -4.40 45.34 10.21
N ASN C 67 -3.17 45.61 9.77
CA ASN C 67 -2.07 45.90 10.67
C ASN C 67 -1.63 47.37 10.57
N LYS C 68 -2.03 48.19 11.54
CA LYS C 68 -1.78 49.63 11.49
C LYS C 68 -0.40 50.00 12.05
N CYS C 69 0.55 50.28 11.16
CA CYS C 69 1.86 50.80 11.56
C CYS C 69 2.66 51.25 10.35
N ASN C 70 3.19 52.46 10.43
CA ASN C 70 4.03 53.02 9.36
C ASN C 70 5.52 52.97 9.69
N GLY C 71 5.84 52.50 10.90
CA GLY C 71 7.20 52.44 11.37
C GLY C 71 8.04 51.37 10.69
N THR C 72 9.27 51.72 10.32
CA THR C 72 10.16 50.78 9.63
C THR C 72 11.22 50.24 10.59
N ASP C 73 10.91 50.29 11.88
CA ASP C 73 11.74 49.64 12.90
C ASP C 73 11.85 48.15 12.59
N ALA C 74 13.06 47.62 12.71
CA ALA C 74 13.34 46.24 12.30
C ALA C 74 12.52 45.21 13.08
N LYS C 75 12.37 45.42 14.38
CA LYS C 75 11.65 44.46 15.24
C LYS C 75 10.16 44.46 14.91
N VAL C 76 9.59 45.64 14.72
CA VAL C 76 8.16 45.76 14.40
C VAL C 76 7.91 45.25 12.97
N LYS C 77 8.89 45.46 12.09
CA LYS C 77 8.84 44.96 10.72
C LYS C 77 8.69 43.43 10.70
N LEU C 78 9.44 42.77 11.58
CA LEU C 78 9.40 41.32 11.75
C LEU C 78 8.06 40.87 12.28
N ILE C 79 7.51 41.63 13.22
CA ILE C 79 6.23 41.29 13.81
C ILE C 79 5.13 41.28 12.75
N LYS C 80 5.13 42.24 11.83
CA LYS C 80 4.09 42.22 10.80
C LYS C 80 4.25 41.03 9.86
N GLN C 81 5.49 40.63 9.59
CA GLN C 81 5.70 39.44 8.78
C GLN C 81 5.24 38.20 9.54
N GLU C 82 5.52 38.16 10.83
CA GLU C 82 5.09 37.03 11.64
C GLU C 82 3.58 37.05 11.82
N LEU C 83 3.03 38.25 11.97
CA LEU C 83 1.59 38.42 12.10
C LEU C 83 0.87 37.98 10.84
N ASP C 84 1.54 38.23 9.72
CA ASP C 84 1.01 37.85 8.41
C ASP C 84 0.98 36.34 8.23
N LYS C 85 1.99 35.65 8.75
CA LYS C 85 2.01 34.20 8.71
C LYS C 85 0.82 33.65 9.48
N TYR C 86 0.46 34.32 10.56
CA TYR C 86 -0.70 33.94 11.34
C TYR C 86 -1.97 34.12 10.52
N LYS C 87 -2.12 35.30 9.91
CA LYS C 87 -3.29 35.59 9.09
C LYS C 87 -3.38 34.65 7.89
N ASN C 88 -2.24 34.40 7.26
CA ASN C 88 -2.17 33.51 6.09
C ASN C 88 -2.61 32.11 6.48
N ALA C 89 -2.19 31.69 7.67
CA ALA C 89 -2.54 30.38 8.19
C ALA C 89 -4.05 30.30 8.35
N VAL C 90 -4.63 31.36 8.89
CA VAL C 90 -6.07 31.46 9.07
C VAL C 90 -6.84 31.36 7.76
N THR C 91 -6.44 32.12 6.76
CA THR C 91 -7.12 32.07 5.47
C THR C 91 -7.14 30.65 4.90
N GLU C 92 -6.01 29.95 4.97
CA GLU C 92 -5.89 28.57 4.47
C GLU C 92 -6.84 27.61 5.18
N LEU C 93 -6.84 27.73 6.51
CA LEU C 93 -7.68 26.97 7.42
C LEU C 93 -9.15 27.28 7.22
N GLN C 94 -9.43 28.52 6.84
CA GLN C 94 -10.80 28.96 6.57
C GLN C 94 -11.42 28.24 5.38
N LEU C 95 -10.67 28.07 4.28
CA LEU C 95 -11.20 27.32 3.13
C LEU C 95 -11.55 25.84 3.35
N LEU C 96 -10.83 25.15 4.23
CA LEU C 96 -11.05 23.72 4.44
C LEU C 96 -12.41 23.39 5.08
N PHE C 137 -3.33 -12.63 4.29
CA PHE C 137 -3.68 -13.16 2.98
C PHE C 137 -5.19 -13.03 2.72
N LEU C 138 -5.97 -13.19 3.78
CA LEU C 138 -7.41 -13.39 3.67
C LEU C 138 -8.12 -12.09 3.98
N GLY C 139 -7.36 -10.99 3.95
CA GLY C 139 -7.92 -9.66 4.15
C GLY C 139 -9.08 -9.33 3.26
N PHE C 140 -9.08 -9.88 2.06
CA PHE C 140 -10.14 -9.62 1.10
C PHE C 140 -11.51 -10.10 1.60
N LEU C 141 -11.51 -10.91 2.64
CA LEU C 141 -12.77 -11.42 3.18
C LEU C 141 -13.39 -10.42 4.15
N LEU C 142 -12.59 -9.43 4.54
CA LEU C 142 -13.01 -8.43 5.52
C LEU C 142 -14.08 -7.51 4.96
N GLY C 143 -14.94 -7.00 5.84
CA GLY C 143 -15.88 -5.97 5.47
C GLY C 143 -15.23 -4.62 5.28
N VAL C 144 -16.05 -3.62 5.02
CA VAL C 144 -15.55 -2.29 4.73
C VAL C 144 -16.22 -1.25 5.61
N GLY C 145 -15.41 -0.58 6.42
CA GLY C 145 -15.88 0.44 7.35
C GLY C 145 -15.61 1.86 6.90
N SER C 146 -16.02 2.80 7.73
CA SER C 146 -15.70 4.20 7.50
C SER C 146 -14.96 4.65 8.75
N ALA C 147 -13.63 4.61 8.66
CA ALA C 147 -12.78 4.70 9.83
C ALA C 147 -13.01 5.95 10.68
N ILE C 148 -13.26 7.08 10.05
CA ILE C 148 -13.44 8.31 10.80
C ILE C 148 -14.87 8.79 10.74
N ALA C 149 -15.78 7.85 10.50
CA ALA C 149 -17.19 8.17 10.43
C ALA C 149 -17.67 8.80 11.74
N SER C 150 -17.15 8.33 12.86
CA SER C 150 -17.57 8.83 14.15
C SER C 150 -17.07 10.23 14.43
N GLY C 151 -15.79 10.48 14.15
CA GLY C 151 -15.22 11.80 14.31
C GLY C 151 -15.91 12.85 13.47
N VAL C 152 -16.15 12.50 12.21
CA VAL C 152 -16.83 13.39 11.27
C VAL C 152 -18.23 13.72 11.74
N ALA C 153 -18.90 12.73 12.31
CA ALA C 153 -20.25 12.94 12.81
C ALA C 153 -20.26 13.96 13.93
N VAL C 154 -19.28 13.86 14.81
CA VAL C 154 -19.16 14.82 15.90
C VAL C 154 -18.86 16.18 15.30
N CYS C 155 -18.02 16.19 14.28
CA CYS C 155 -17.67 17.41 13.59
C CYS C 155 -18.88 18.05 12.91
N LYS C 156 -19.75 17.23 12.33
CA LYS C 156 -20.96 17.75 11.73
C LYS C 156 -21.83 18.49 12.72
N VAL C 157 -21.93 17.97 13.93
CA VAL C 157 -22.73 18.61 14.95
C VAL C 157 -22.16 19.97 15.32
N LEU C 158 -20.83 20.07 15.30
CA LEU C 158 -20.13 21.30 15.65
C LEU C 158 -20.36 22.48 14.70
N HIS C 159 -20.86 22.23 13.49
CA HIS C 159 -21.10 23.33 12.56
C HIS C 159 -22.44 24.01 12.81
N LEU C 160 -23.30 23.33 13.56
CA LEU C 160 -24.59 23.90 13.90
C LEU C 160 -24.44 25.16 14.75
N GLU C 161 -25.36 26.10 14.57
CA GLU C 161 -25.29 27.42 15.22
C GLU C 161 -25.39 27.33 16.73
N GLY C 162 -24.60 28.13 17.42
CA GLY C 162 -24.61 28.14 18.87
C GLY C 162 -23.69 27.09 19.47
N GLU C 163 -23.34 26.09 18.66
CA GLU C 163 -22.61 24.93 19.15
C GLU C 163 -21.23 25.36 19.60
N VAL C 164 -20.56 26.13 18.75
CA VAL C 164 -19.25 26.68 19.07
C VAL C 164 -19.32 27.58 20.29
N ASN C 165 -20.41 28.33 20.41
CA ASN C 165 -20.57 29.26 21.51
C ASN C 165 -20.57 28.55 22.85
N LYS C 166 -21.14 27.34 22.85
CA LYS C 166 -21.18 26.49 24.02
C LYS C 166 -19.79 26.12 24.52
N ILE C 167 -18.94 25.69 23.60
CA ILE C 167 -17.55 25.32 23.90
C ILE C 167 -16.70 26.47 24.44
N LYS C 168 -16.76 27.62 23.77
CA LYS C 168 -16.02 28.81 24.18
C LYS C 168 -16.33 29.22 25.62
N SER C 169 -17.59 29.08 26.02
CA SER C 169 -18.02 29.44 27.38
C SER C 169 -17.53 28.43 28.41
N ALA C 170 -17.54 27.15 28.05
CA ALA C 170 -17.09 26.09 28.95
C ALA C 170 -15.63 26.25 29.36
N LEU C 171 -14.78 26.67 28.43
CA LEU C 171 -13.33 26.75 28.66
C LEU C 171 -12.93 28.16 29.06
N LEU C 172 -13.90 28.91 29.57
CA LEU C 172 -13.68 30.30 29.93
C LEU C 172 -12.73 30.42 31.11
N SER C 173 -12.93 29.59 32.13
CA SER C 173 -12.15 29.70 33.35
C SER C 173 -11.24 28.50 33.58
N THR C 174 -11.25 27.57 32.63
CA THR C 174 -10.41 26.39 32.69
C THR C 174 -10.02 25.95 31.29
N ASN C 175 -9.00 25.13 31.19
CA ASN C 175 -8.52 24.70 29.88
C ASN C 175 -9.14 23.34 29.61
N LYS C 176 -9.68 22.72 30.66
CA LYS C 176 -10.29 21.40 30.53
C LYS C 176 -11.75 21.40 31.01
N ALA C 177 -12.66 20.89 30.17
CA ALA C 177 -14.09 20.80 30.53
C ALA C 177 -14.84 19.78 29.66
N VAL C 178 -15.84 19.12 30.24
CA VAL C 178 -16.74 18.24 29.45
C VAL C 178 -18.07 18.86 29.00
N VAL C 179 -18.41 18.73 27.72
CA VAL C 179 -19.66 19.27 27.21
C VAL C 179 -20.41 18.16 26.47
N SER C 180 -21.67 17.92 26.80
CA SER C 180 -22.46 16.95 26.03
C SER C 180 -23.18 17.48 24.81
N LEU C 181 -22.88 16.89 23.67
CA LEU C 181 -23.49 17.25 22.41
C LEU C 181 -24.87 16.62 22.25
N SER C 182 -25.56 17.05 21.19
CA SER C 182 -26.94 16.69 20.85
C SER C 182 -27.80 15.86 21.83
N ASN C 183 -27.94 14.56 21.51
CA ASN C 183 -28.74 13.63 22.30
C ASN C 183 -28.06 12.80 23.38
N GLY C 184 -26.82 13.09 23.73
CA GLY C 184 -26.21 12.35 24.81
C GLY C 184 -24.74 12.08 24.72
N VAL C 185 -24.11 12.41 23.60
CA VAL C 185 -22.68 12.16 23.51
C VAL C 185 -21.91 13.19 24.35
N SER C 186 -21.07 12.68 25.24
CA SER C 186 -20.23 13.49 26.11
C SER C 186 -18.80 13.64 25.59
N VAL C 187 -18.41 14.83 25.13
CA VAL C 187 -17.06 14.96 24.61
C VAL C 187 -16.15 15.82 25.51
N LEU C 188 -14.89 15.41 25.58
CA LEU C 188 -13.83 16.15 26.25
C LEU C 188 -13.25 17.28 25.40
N THR C 189 -13.09 18.46 26.01
CA THR C 189 -12.62 19.65 25.30
C THR C 189 -11.33 20.19 25.92
N PHE C 190 -10.45 20.73 25.09
CA PHE C 190 -9.08 21.11 25.47
C PHE C 190 -8.58 22.38 24.81
N LYS C 191 -8.35 23.43 25.60
CA LYS C 191 -7.68 24.59 25.04
C LYS C 191 -6.18 24.40 25.18
N VAL C 192 -5.51 24.12 24.05
CA VAL C 192 -4.10 23.78 24.12
C VAL C 192 -3.20 24.98 23.86
N LEU C 193 -3.79 26.05 23.35
CA LEU C 193 -3.03 27.24 23.02
C LEU C 193 -3.95 28.45 22.95
N ASP C 194 -3.63 29.48 23.72
CA ASP C 194 -4.44 30.69 23.73
C ASP C 194 -3.68 31.82 23.02
N LEU C 195 -3.79 31.91 21.70
CA LEU C 195 -3.11 32.99 20.97
C LEU C 195 -3.86 34.31 21.07
N LYS C 196 -5.16 34.25 21.35
CA LYS C 196 -5.96 35.45 21.53
C LYS C 196 -5.40 36.25 22.71
N ASN C 197 -5.26 35.57 23.84
CA ASN C 197 -4.73 36.18 25.06
C ASN C 197 -3.32 36.70 24.88
N TYR C 198 -2.48 35.96 24.16
CA TYR C 198 -1.09 36.37 24.01
C TYR C 198 -0.95 37.62 23.16
N ILE C 199 -1.68 37.72 22.05
CA ILE C 199 -1.49 38.87 21.19
C ILE C 199 -2.18 40.10 21.77
N ASP C 200 -3.37 39.91 22.33
CA ASP C 200 -4.13 40.99 22.92
C ASP C 200 -3.56 41.61 24.21
N LYS C 201 -2.89 40.80 25.03
CA LYS C 201 -2.08 41.33 26.13
C LYS C 201 -0.61 41.62 25.87
N GLN C 202 -0.03 41.02 24.83
CA GLN C 202 1.34 41.35 24.46
C GLN C 202 1.44 42.31 23.28
N LEU C 203 0.95 41.87 22.14
CA LEU C 203 1.14 42.61 20.90
C LEU C 203 0.13 43.72 20.64
N LEU C 204 -1.03 43.71 21.30
CA LEU C 204 -2.00 44.78 21.06
C LEU C 204 -1.47 46.20 21.27
N PRO C 205 -0.68 46.46 22.34
CA PRO C 205 -0.14 47.81 22.47
C PRO C 205 0.78 48.28 21.35
N ILE C 206 1.42 47.34 20.65
CA ILE C 206 2.39 47.69 19.61
C ILE C 206 1.78 47.82 18.21
N LEU C 207 0.64 47.16 17.95
CA LEU C 207 0.01 47.23 16.61
C LEU C 207 -1.46 47.65 16.62
N ASN C 208 -1.84 48.57 17.50
CA ASN C 208 -3.23 49.01 17.58
C ASN C 208 -3.26 50.51 17.34
N LYS C 209 -2.07 51.04 17.06
CA LYS C 209 -1.84 52.47 16.98
C LYS C 209 -0.85 52.78 15.87
N GLN C 210 -0.93 53.96 15.27
CA GLN C 210 0.09 54.39 14.31
C GLN C 210 1.40 54.38 15.10
N SER C 211 1.53 55.31 16.05
CA SER C 211 2.72 55.46 16.86
C SER C 211 2.99 54.13 17.57
N CYS C 212 4.06 53.41 17.24
CA CYS C 212 4.18 52.01 17.64
C CYS C 212 5.31 51.70 18.60
N SER C 213 5.00 50.85 19.57
CA SER C 213 5.83 50.62 20.74
C SER C 213 6.85 49.54 20.39
N ILE C 214 8.09 49.96 20.17
CA ILE C 214 9.12 49.11 19.59
C ILE C 214 9.51 47.98 20.53
N SER C 215 8.83 46.84 20.40
CA SER C 215 8.87 45.79 21.41
C SER C 215 10.31 45.29 21.56
N ASN C 216 10.66 44.88 22.77
CA ASN C 216 11.96 44.27 23.00
C ASN C 216 12.16 43.04 22.11
N ILE C 217 13.41 42.68 21.87
CA ILE C 217 13.74 41.63 20.93
C ILE C 217 13.25 40.27 21.40
N GLU C 218 13.10 40.12 22.72
CA GLU C 218 12.67 38.86 23.32
C GLU C 218 11.20 38.53 23.07
N THR C 219 10.38 39.56 22.84
CA THR C 219 8.96 39.36 22.51
C THR C 219 8.76 38.80 21.10
N VAL C 220 9.53 39.32 20.15
CA VAL C 220 9.56 38.81 18.79
C VAL C 220 9.83 37.30 18.76
N ILE C 221 10.87 36.89 19.50
CA ILE C 221 11.25 35.49 19.58
C ILE C 221 10.11 34.66 20.17
N GLU C 222 9.53 35.17 21.25
CA GLU C 222 8.48 34.46 21.98
C GLU C 222 7.26 34.25 21.10
N PHE C 223 6.89 35.27 20.33
CA PHE C 223 5.74 35.17 19.44
C PHE C 223 5.95 34.09 18.38
N GLN C 224 7.15 34.02 17.83
CA GLN C 224 7.46 32.98 16.84
C GLN C 224 7.30 31.58 17.41
N GLN C 225 7.71 31.38 18.66
CA GLN C 225 7.59 30.08 19.30
C GLN C 225 6.13 29.69 19.49
N LYS C 226 5.34 30.61 20.01
CA LYS C 226 3.93 30.36 20.28
C LYS C 226 3.15 30.19 18.98
N ASN C 227 3.46 31.01 17.99
CA ASN C 227 2.74 30.96 16.71
C ASN C 227 3.13 29.72 15.93
N ASN C 228 4.34 29.23 16.17
CA ASN C 228 4.86 28.12 15.38
C ASN C 228 3.98 26.89 15.42
N ARG C 229 3.39 26.62 16.57
CA ARG C 229 2.51 25.47 16.72
C ARG C 229 1.31 25.58 15.79
N LEU C 230 0.72 26.77 15.73
CA LEU C 230 -0.41 27.03 14.86
C LEU C 230 0.03 26.82 13.41
N LEU C 231 1.22 27.30 13.10
CA LEU C 231 1.76 27.17 11.76
C LEU C 231 1.99 25.72 11.36
N GLU C 232 2.45 24.91 12.31
CA GLU C 232 2.76 23.52 11.98
C GLU C 232 1.48 22.75 11.87
N ILE C 233 0.56 23.02 12.78
CA ILE C 233 -0.77 22.45 12.76
C ILE C 233 -1.47 22.79 11.45
N THR C 234 -1.38 24.04 11.06
CA THR C 234 -1.95 24.51 9.81
C THR C 234 -1.33 23.80 8.62
N ARG C 235 -0.01 23.64 8.69
CA ARG C 235 0.74 22.93 7.67
C ARG C 235 0.28 21.49 7.41
N GLU C 236 0.09 20.72 8.47
CA GLU C 236 -0.29 19.32 8.33
C GLU C 236 -1.63 19.13 7.60
N PHE C 237 -2.63 19.89 8.02
CA PHE C 237 -3.99 19.81 7.47
C PHE C 237 -4.14 20.21 6.00
N SER C 238 -3.36 21.18 5.55
CA SER C 238 -3.46 21.68 4.19
C SER C 238 -3.08 20.66 3.12
N VAL C 239 -2.18 19.74 3.45
CA VAL C 239 -1.77 18.71 2.50
C VAL C 239 -2.39 17.36 2.84
N ASN C 240 -3.31 17.35 3.79
CA ASN C 240 -3.99 16.12 4.16
C ASN C 240 -5.50 16.26 4.16
N ALA C 241 -5.99 17.33 3.53
CA ALA C 241 -7.42 17.60 3.46
C ALA C 241 -8.11 17.48 4.81
N GLY C 242 -7.51 18.09 5.83
CA GLY C 242 -8.17 18.16 7.13
C GLY C 242 -8.17 16.88 7.93
N VAL C 243 -7.44 15.89 7.45
CA VAL C 243 -7.36 14.60 8.13
C VAL C 243 -5.95 14.05 8.18
N THR C 244 -5.38 13.92 9.37
CA THR C 244 -4.01 13.48 9.46
C THR C 244 -3.86 12.19 10.23
N THR C 245 -2.87 11.39 9.85
CA THR C 245 -2.50 10.20 10.60
C THR C 245 -1.10 9.70 10.20
N PRO C 246 -0.27 9.36 11.19
CA PRO C 246 -0.49 9.42 12.65
C PRO C 246 -0.63 10.85 13.15
N VAL C 247 -1.21 11.00 14.34
CA VAL C 247 -1.38 12.30 14.97
C VAL C 247 -0.06 12.78 15.59
N SER C 248 0.46 13.89 15.08
CA SER C 248 1.76 14.40 15.49
C SER C 248 1.71 15.07 16.86
N THR C 249 2.88 15.43 17.37
CA THR C 249 2.99 16.07 18.66
C THR C 249 2.68 17.56 18.56
N TYR C 250 2.49 18.02 17.33
CA TYR C 250 1.96 19.35 17.08
C TYR C 250 0.46 19.39 17.33
N MET C 251 -0.24 18.35 16.92
CA MET C 251 -1.68 18.26 17.14
C MET C 251 -1.99 18.18 18.63
N LEU C 252 -1.19 17.39 19.34
CA LEU C 252 -1.48 17.08 20.74
C LEU C 252 -0.22 16.62 21.47
N THR C 253 0.29 17.47 22.36
CA THR C 253 1.48 17.12 23.11
C THR C 253 1.25 15.94 24.04
N ASN C 254 2.33 15.37 24.55
CA ASN C 254 2.29 14.24 25.45
C ASN C 254 1.54 14.55 26.74
N SER C 255 1.78 15.73 27.30
CA SER C 255 1.11 16.14 28.52
C SER C 255 -0.38 16.31 28.24
N GLU C 256 -0.70 16.95 27.12
CA GLU C 256 -2.09 17.11 26.70
C GLU C 256 -2.80 15.77 26.57
N LEU C 257 -2.15 14.83 25.89
CA LEU C 257 -2.69 13.48 25.68
C LEU C 257 -2.89 12.71 26.97
N LEU C 258 -1.89 12.78 27.85
CA LEU C 258 -1.94 12.06 29.12
C LEU C 258 -3.12 12.48 30.00
N SER C 259 -3.41 13.77 30.05
CA SER C 259 -4.51 14.25 30.87
C SER C 259 -5.83 13.92 30.19
N LEU C 260 -5.80 13.93 28.86
CA LEU C 260 -6.94 13.47 28.08
C LEU C 260 -7.29 12.03 28.42
N ILE C 261 -6.27 11.17 28.42
CA ILE C 261 -6.44 9.77 28.79
C ILE C 261 -6.98 9.61 30.21
N ASN C 262 -6.48 10.42 31.14
CA ASN C 262 -6.92 10.33 32.52
C ASN C 262 -8.39 10.71 32.70
N ASP C 263 -8.84 11.68 31.92
CA ASP C 263 -10.22 12.13 32.03
C ASP C 263 -11.19 11.38 31.15
N MET C 264 -10.70 10.35 30.45
CA MET C 264 -11.54 9.61 29.51
C MET C 264 -12.47 8.66 30.27
N PRO C 265 -13.67 8.45 29.75
CA PRO C 265 -14.58 7.49 30.39
C PRO C 265 -14.20 6.04 30.13
N ILE C 266 -13.06 5.63 30.68
CA ILE C 266 -12.55 4.28 30.47
C ILE C 266 -12.03 3.71 31.78
N THR C 267 -11.75 2.41 31.79
CA THR C 267 -11.23 1.76 32.98
C THR C 267 -9.80 2.17 33.27
N ASN C 268 -9.38 1.92 34.50
CA ASN C 268 -8.02 2.20 34.94
C ASN C 268 -6.97 1.40 34.17
N ASP C 269 -7.32 0.17 33.82
CA ASP C 269 -6.43 -0.67 33.04
C ASP C 269 -6.08 -0.09 31.68
N GLN C 270 -7.08 0.49 31.03
CA GLN C 270 -6.91 1.13 29.73
C GLN C 270 -6.06 2.40 29.77
N LYS C 271 -6.31 3.25 30.77
CA LYS C 271 -5.54 4.46 30.93
C LYS C 271 -4.06 4.15 31.08
N LYS C 272 -3.76 3.12 31.87
CA LYS C 272 -2.38 2.70 32.11
C LYS C 272 -1.74 2.17 30.84
N LEU C 273 -2.47 1.33 30.11
CA LEU C 273 -1.99 0.75 28.87
C LEU C 273 -1.65 1.84 27.86
N MET C 274 -2.53 2.82 27.73
CA MET C 274 -2.32 3.92 26.80
C MET C 274 -1.16 4.82 27.18
N SER C 275 -1.00 5.08 28.47
CA SER C 275 0.07 5.94 28.91
C SER C 275 1.47 5.33 28.73
N ASN C 276 1.57 4.01 28.87
CA ASN C 276 2.87 3.35 28.70
C ASN C 276 3.19 3.07 27.24
N ASN C 277 2.24 3.37 26.38
CA ASN C 277 2.40 3.13 24.95
C ASN C 277 1.81 4.24 24.09
N VAL C 278 2.13 5.49 24.46
CA VAL C 278 1.58 6.67 23.80
C VAL C 278 1.97 6.76 22.32
N GLN C 279 3.12 6.20 21.97
CA GLN C 279 3.63 6.22 20.60
C GLN C 279 2.76 5.38 19.67
N ILE C 280 2.16 4.33 20.23
CA ILE C 280 1.24 3.48 19.51
C ILE C 280 -0.11 4.17 19.34
N VAL C 281 -0.56 4.85 20.37
CA VAL C 281 -1.82 5.59 20.32
C VAL C 281 -1.82 6.55 19.13
N ARG C 282 -0.69 7.21 18.89
CA ARG C 282 -0.59 8.13 17.77
C ARG C 282 -0.75 7.46 16.40
N GLN C 283 -0.20 6.26 16.22
CA GLN C 283 -0.29 5.63 14.92
C GLN C 283 -1.72 5.18 14.62
N GLN C 284 -2.49 4.98 15.68
CA GLN C 284 -3.86 4.52 15.56
C GLN C 284 -4.88 5.64 15.77
N SER C 285 -4.44 6.90 15.74
CA SER C 285 -5.35 8.02 15.94
C SER C 285 -5.54 8.85 14.68
N TYR C 286 -6.64 9.59 14.64
CA TYR C 286 -6.88 10.52 13.55
C TYR C 286 -7.11 11.93 14.07
N SER C 287 -6.56 12.93 13.37
CA SER C 287 -6.89 14.32 13.61
C SER C 287 -7.73 14.90 12.48
N ILE C 288 -8.94 15.35 12.83
CA ILE C 288 -9.85 15.82 11.80
C ILE C 288 -10.19 17.28 11.84
N MET C 289 -9.64 18.03 10.89
CA MET C 289 -9.95 19.44 10.79
C MET C 289 -11.44 19.70 10.58
N CYS C 290 -12.02 20.57 11.39
CA CYS C 290 -13.47 20.62 11.40
C CYS C 290 -14.03 22.00 11.06
N ILE C 291 -13.67 23.01 11.84
CA ILE C 291 -14.29 24.33 11.69
C ILE C 291 -13.45 25.46 12.28
N ILE C 292 -13.48 26.61 11.62
CA ILE C 292 -12.99 27.87 12.20
C ILE C 292 -14.06 28.94 12.16
N LYS C 293 -14.53 29.35 13.33
CA LYS C 293 -15.64 30.29 13.37
C LYS C 293 -15.70 31.02 14.71
N GLU C 294 -15.87 32.33 14.63
CA GLU C 294 -15.95 33.21 15.80
C GLU C 294 -14.74 33.11 16.72
N GLU C 295 -13.56 33.25 16.10
CA GLU C 295 -12.23 33.29 16.72
C GLU C 295 -11.89 32.03 17.51
N VAL C 296 -12.64 30.95 17.24
CA VAL C 296 -12.36 29.64 17.82
C VAL C 296 -11.95 28.69 16.70
N LEU C 297 -10.75 28.12 16.80
CA LEU C 297 -10.34 27.00 15.95
C LEU C 297 -10.52 25.65 16.63
N ALA C 298 -11.25 24.75 15.98
CA ALA C 298 -11.53 23.44 16.59
C ALA C 298 -11.30 22.30 15.62
N TYR C 299 -10.50 21.30 16.02
CA TYR C 299 -10.41 20.06 15.26
C TYR C 299 -10.73 18.86 16.15
N VAL C 300 -11.39 17.86 15.57
CA VAL C 300 -11.74 16.66 16.32
C VAL C 300 -10.60 15.64 16.28
N VAL C 301 -10.17 15.17 17.45
CA VAL C 301 -9.21 14.08 17.50
C VAL C 301 -9.84 12.75 17.89
N GLN C 302 -9.73 11.77 16.99
CA GLN C 302 -10.38 10.48 17.19
C GLN C 302 -9.40 9.43 17.73
N LEU C 303 -9.59 9.02 18.97
CA LEU C 303 -8.63 8.14 19.62
C LEU C 303 -9.13 6.70 19.75
N PRO C 304 -8.22 5.73 19.63
CA PRO C 304 -8.56 4.32 19.72
C PRO C 304 -8.98 3.97 21.13
N LEU C 305 -10.02 3.17 21.28
CA LEU C 305 -10.31 2.58 22.57
C LEU C 305 -9.91 1.11 22.60
N TYR C 306 -9.02 0.74 23.50
CA TYR C 306 -8.62 -0.66 23.62
C TYR C 306 -9.43 -1.39 24.67
N GLY C 307 -10.56 -1.92 24.24
CA GLY C 307 -11.48 -2.57 25.15
C GLY C 307 -11.09 -4.00 25.43
N VAL C 308 -10.06 -4.49 24.75
CA VAL C 308 -9.56 -5.83 25.01
C VAL C 308 -8.06 -5.82 25.27
N ILE C 309 -7.68 -6.21 26.47
CA ILE C 309 -6.29 -6.19 26.89
C ILE C 309 -5.92 -7.48 27.60
N ASP C 310 -4.74 -8.02 27.28
CA ASP C 310 -4.14 -9.12 28.03
C ASP C 310 -4.82 -10.49 27.91
N THR C 311 -5.49 -10.74 26.79
CA THR C 311 -5.97 -12.09 26.50
C THR C 311 -4.87 -12.81 25.73
N PRO C 312 -4.83 -14.15 25.81
CA PRO C 312 -3.75 -14.84 25.10
C PRO C 312 -3.83 -14.60 23.60
N CYS C 313 -2.67 -14.34 23.00
CA CYS C 313 -2.54 -14.22 21.56
C CYS C 313 -1.48 -15.14 20.98
N TRP C 314 -1.68 -15.54 19.73
CA TRP C 314 -0.67 -16.30 19.02
C TRP C 314 -0.62 -15.94 17.55
N LYS C 315 0.56 -16.07 16.96
CA LYS C 315 0.79 -15.74 15.56
C LYS C 315 1.04 -16.99 14.72
N LEU C 316 0.24 -17.18 13.68
CA LEU C 316 0.40 -18.35 12.83
C LEU C 316 1.18 -18.08 11.56
N HIS C 317 2.30 -18.77 11.42
CA HIS C 317 3.12 -18.67 10.21
C HIS C 317 2.95 -19.92 9.36
N THR C 318 2.83 -19.70 8.06
CA THR C 318 2.66 -20.80 7.12
C THR C 318 3.54 -20.65 5.89
N SER C 319 3.77 -21.76 5.23
CA SER C 319 4.66 -21.84 4.09
C SER C 319 4.23 -23.03 3.23
N PRO C 320 4.54 -22.98 1.92
CA PRO C 320 4.06 -24.04 1.04
C PRO C 320 4.62 -25.42 1.34
N LEU C 321 3.74 -26.42 1.34
CA LEU C 321 4.12 -27.82 1.52
C LEU C 321 3.94 -28.61 0.24
N CYS C 322 5.04 -29.02 -0.36
CA CYS C 322 4.99 -29.76 -1.62
C CYS C 322 5.65 -31.13 -1.57
N THR C 323 5.22 -32.00 -2.48
CA THR C 323 5.92 -33.24 -2.77
C THR C 323 7.29 -32.95 -3.39
N THR C 324 8.16 -33.95 -3.36
CA THR C 324 9.55 -33.77 -3.80
C THR C 324 10.01 -34.78 -4.84
N ASN C 325 9.10 -35.15 -5.73
CA ASN C 325 9.41 -36.06 -6.83
C ASN C 325 10.45 -35.46 -7.76
N THR C 326 11.19 -36.30 -8.48
CA THR C 326 12.27 -35.78 -9.32
C THR C 326 11.76 -34.91 -10.46
N LYS C 327 10.78 -35.39 -11.21
CA LYS C 327 10.25 -34.61 -12.34
C LYS C 327 9.61 -33.35 -11.75
N GLU C 328 10.10 -32.18 -12.16
CA GLU C 328 9.59 -30.90 -11.65
C GLU C 328 8.12 -30.60 -11.91
N GLY C 329 7.60 -31.00 -13.07
CA GLY C 329 6.19 -30.77 -13.35
C GLY C 329 5.22 -31.75 -12.74
N SER C 330 5.73 -32.75 -12.02
CA SER C 330 4.87 -33.73 -11.36
C SER C 330 4.50 -33.48 -9.90
N ASN C 331 4.97 -32.40 -9.31
CA ASN C 331 4.69 -32.18 -7.89
C ASN C 331 3.45 -31.36 -7.57
N ILE C 332 2.85 -31.61 -6.42
CA ILE C 332 1.68 -30.86 -5.98
C ILE C 332 1.98 -30.17 -4.66
N CYS C 333 1.36 -29.02 -4.44
CA CYS C 333 1.68 -28.23 -3.25
C CYS C 333 0.41 -27.76 -2.54
N LEU C 334 0.56 -27.41 -1.27
CA LEU C 334 -0.56 -26.96 -0.46
C LEU C 334 -0.04 -25.98 0.57
N THR C 335 -0.80 -24.91 0.81
CA THR C 335 -0.43 -23.92 1.80
C THR C 335 -1.60 -23.49 2.66
N ARG C 336 -1.42 -23.55 3.98
CA ARG C 336 -2.41 -23.01 4.89
C ARG C 336 -2.57 -21.51 4.67
N THR C 337 -3.82 -21.11 4.44
CA THR C 337 -4.15 -19.74 4.12
C THR C 337 -4.58 -18.96 5.36
N ASP C 338 -4.73 -19.66 6.47
CA ASP C 338 -5.26 -19.07 7.70
C ASP C 338 -4.15 -18.42 8.54
N ARG C 339 -3.09 -17.97 7.88
CA ARG C 339 -2.00 -17.30 8.58
C ARG C 339 -2.43 -15.94 9.09
N GLY C 340 -1.79 -15.50 10.16
CA GLY C 340 -2.12 -14.23 10.78
C GLY C 340 -2.05 -14.24 12.29
N TRP C 341 -2.51 -13.15 12.90
CA TRP C 341 -2.57 -13.04 14.35
C TRP C 341 -3.90 -13.57 14.88
N TYR C 342 -3.85 -14.26 16.02
CA TYR C 342 -5.07 -14.73 16.67
C TYR C 342 -5.10 -14.26 18.12
N CYS C 343 -6.24 -13.75 18.55
CA CYS C 343 -6.40 -13.36 19.94
C CYS C 343 -7.72 -13.82 20.53
N ASP C 344 -7.66 -14.43 21.72
CA ASP C 344 -8.88 -14.73 22.45
C ASP C 344 -9.63 -13.43 22.70
N ASN C 345 -10.93 -13.43 22.43
CA ASN C 345 -11.72 -12.23 22.58
C ASN C 345 -13.20 -12.50 22.77
N ALA C 346 -13.66 -12.31 24.00
CA ALA C 346 -15.09 -12.33 24.31
C ALA C 346 -15.74 -13.64 23.91
N GLY C 347 -15.08 -14.76 24.20
CA GLY C 347 -15.66 -16.05 23.92
C GLY C 347 -15.43 -16.49 22.49
N SER C 348 -14.88 -15.59 21.68
CA SER C 348 -14.55 -15.94 20.32
C SER C 348 -13.07 -15.76 20.09
N VAL C 349 -12.66 -15.89 18.84
CA VAL C 349 -11.28 -15.65 18.47
C VAL C 349 -11.24 -14.61 17.37
N SER C 350 -10.49 -13.54 17.61
CA SER C 350 -10.30 -12.52 16.60
C SER C 350 -9.15 -12.89 15.67
N PHE C 351 -9.41 -12.96 14.37
CA PHE C 351 -8.39 -13.42 13.44
C PHE C 351 -7.97 -12.30 12.48
N PHE C 352 -6.69 -11.97 12.48
CA PHE C 352 -6.15 -10.90 11.64
C PHE C 352 -5.25 -11.47 10.56
N PRO C 353 -5.81 -11.72 9.37
CA PRO C 353 -5.04 -12.36 8.31
C PRO C 353 -3.83 -11.57 7.82
N GLN C 354 -3.95 -10.25 7.76
CA GLN C 354 -2.83 -9.40 7.40
C GLN C 354 -2.04 -8.91 8.62
N ALA C 355 -1.12 -9.74 9.09
CA ALA C 355 -0.37 -9.49 10.32
C ALA C 355 0.38 -8.15 10.33
N GLU C 356 0.48 -7.52 9.17
CA GLU C 356 1.07 -6.19 9.06
C GLU C 356 0.15 -5.09 9.57
N THR C 357 -1.11 -5.42 9.82
CA THR C 357 -2.04 -4.46 10.38
C THR C 357 -1.87 -4.40 11.89
N CYS C 358 -1.06 -5.32 12.42
CA CYS C 358 -0.74 -5.35 13.83
C CYS C 358 0.68 -4.83 14.09
N LYS C 359 0.84 -4.16 15.21
CA LYS C 359 2.12 -3.63 15.63
C LYS C 359 2.53 -4.31 16.91
N VAL C 360 3.75 -4.80 16.95
CA VAL C 360 4.26 -5.55 18.10
C VAL C 360 5.21 -4.74 18.99
N GLN C 361 4.90 -4.70 20.29
CA GLN C 361 5.79 -4.08 21.27
C GLN C 361 6.17 -5.09 22.35
N SER C 362 7.40 -5.58 22.28
CA SER C 362 7.89 -6.68 23.12
C SER C 362 6.99 -7.90 22.96
N ASN C 363 6.14 -8.19 23.95
CA ASN C 363 5.21 -9.31 23.85
C ASN C 363 3.74 -8.88 23.84
N ARG C 364 3.52 -7.57 23.74
CA ARG C 364 2.18 -6.98 23.64
C ARG C 364 1.86 -6.70 22.17
N VAL C 365 0.68 -7.08 21.71
CA VAL C 365 0.32 -6.83 20.32
C VAL C 365 -0.92 -5.96 20.15
N PHE C 366 -0.75 -4.84 19.45
CA PHE C 366 -1.83 -3.90 19.22
C PHE C 366 -2.46 -4.13 17.86
N CYS C 367 -3.75 -4.43 17.83
CA CYS C 367 -4.48 -4.62 16.56
C CYS C 367 -5.77 -3.82 16.50
N ASP C 368 -6.40 -3.85 15.32
CA ASP C 368 -7.65 -3.15 15.11
C ASP C 368 -8.73 -4.14 14.66
N THR C 369 -9.83 -4.21 15.39
CA THR C 369 -10.87 -5.20 15.11
C THR C 369 -11.55 -4.94 13.78
N MET C 370 -11.35 -3.74 13.23
CA MET C 370 -11.91 -3.42 11.93
C MET C 370 -11.27 -4.32 10.89
N ASN C 371 -10.05 -4.78 11.17
CA ASN C 371 -9.33 -5.67 10.28
C ASN C 371 -9.37 -7.11 10.77
N SER C 372 -10.46 -7.50 11.42
CA SER C 372 -10.56 -8.88 11.91
C SER C 372 -11.80 -9.61 11.43
N LEU C 373 -11.70 -10.93 11.46
CA LEU C 373 -12.86 -11.79 11.42
C LEU C 373 -13.19 -12.31 12.80
N THR C 374 -14.46 -12.62 13.04
CA THR C 374 -14.83 -13.24 14.29
C THR C 374 -15.07 -14.72 14.09
N LEU C 375 -14.20 -15.55 14.65
CA LEU C 375 -14.25 -16.99 14.40
C LEU C 375 -14.56 -17.83 15.64
N PRO C 376 -15.13 -19.02 15.43
CA PRO C 376 -15.26 -19.98 16.54
C PRO C 376 -13.89 -20.34 17.08
N SER C 377 -13.80 -20.59 18.38
CA SER C 377 -12.51 -20.86 19.01
C SER C 377 -11.92 -22.21 18.57
N GLU C 378 -12.73 -23.03 17.92
CA GLU C 378 -12.27 -24.32 17.40
C GLU C 378 -11.25 -24.20 16.28
N VAL C 379 -11.10 -23.00 15.74
CA VAL C 379 -10.09 -22.73 14.71
C VAL C 379 -8.68 -23.09 15.15
N ASN C 380 -8.45 -23.08 16.46
CA ASN C 380 -7.14 -23.43 17.00
C ASN C 380 -6.78 -24.89 16.72
N LEU C 381 -7.80 -25.72 16.55
CA LEU C 381 -7.63 -27.15 16.33
C LEU C 381 -6.86 -27.51 15.06
N CYS C 382 -6.84 -26.59 14.10
CA CYS C 382 -6.17 -26.83 12.82
C CYS C 382 -4.68 -27.04 12.98
N ASN C 383 -4.16 -26.62 14.13
CA ASN C 383 -2.73 -26.73 14.42
C ASN C 383 -2.38 -28.15 14.85
N VAL C 384 -3.24 -28.74 15.67
CA VAL C 384 -3.00 -30.10 16.14
C VAL C 384 -3.55 -31.13 15.16
N ASP C 385 -4.70 -30.86 14.55
CA ASP C 385 -5.30 -31.80 13.61
C ASP C 385 -5.99 -31.08 12.47
N ILE C 386 -5.29 -30.91 11.36
CA ILE C 386 -5.80 -30.15 10.25
C ILE C 386 -6.98 -30.86 9.58
N PHE C 387 -7.17 -32.13 9.90
CA PHE C 387 -8.29 -32.89 9.35
C PHE C 387 -9.44 -33.03 10.34
N ASN C 388 -9.35 -32.31 11.45
CA ASN C 388 -10.40 -32.37 12.45
C ASN C 388 -11.77 -32.08 11.85
N PRO C 389 -12.81 -32.74 12.39
CA PRO C 389 -14.14 -32.64 11.82
C PRO C 389 -14.91 -31.42 12.31
N LYS C 390 -14.32 -30.64 13.20
CA LYS C 390 -15.08 -29.57 13.85
C LYS C 390 -14.83 -28.22 13.23
N TYR C 391 -13.72 -28.07 12.54
CA TYR C 391 -13.43 -26.81 11.86
C TYR C 391 -12.75 -27.04 10.52
N ASP C 392 -13.22 -26.34 9.50
CA ASP C 392 -12.68 -26.51 8.18
C ASP C 392 -11.47 -25.60 7.97
N CYS C 393 -10.28 -26.15 8.22
CA CYS C 393 -9.06 -25.37 8.23
C CYS C 393 -8.86 -24.81 6.82
N LYS C 394 -8.49 -23.55 6.67
CA LYS C 394 -8.42 -23.00 5.33
C LYS C 394 -7.04 -23.18 4.70
N ILE C 395 -7.02 -23.63 3.45
CA ILE C 395 -5.77 -23.83 2.72
C ILE C 395 -5.91 -23.43 1.25
N MET C 396 -4.78 -23.22 0.58
CA MET C 396 -4.79 -23.11 -0.88
C MET C 396 -3.91 -24.20 -1.52
N THR C 397 -4.22 -24.57 -2.76
CA THR C 397 -3.46 -25.58 -3.47
C THR C 397 -2.88 -25.03 -4.77
N SER C 398 -1.76 -25.58 -5.21
CA SER C 398 -1.16 -25.20 -6.49
C SER C 398 -0.13 -26.23 -6.94
N LYS C 399 0.50 -26.00 -8.08
CA LYS C 399 1.64 -26.81 -8.52
C LYS C 399 2.89 -25.95 -8.61
N THR C 400 2.85 -24.78 -7.99
CA THR C 400 3.93 -23.83 -8.10
C THR C 400 4.90 -24.07 -6.95
N ASP C 401 5.83 -24.99 -7.16
CA ASP C 401 6.77 -25.38 -6.11
C ASP C 401 8.01 -24.49 -6.17
N VAL C 402 7.85 -23.25 -5.75
CA VAL C 402 8.96 -22.33 -5.64
C VAL C 402 9.47 -22.30 -4.21
N SER C 403 10.74 -21.97 -4.03
CA SER C 403 11.33 -22.01 -2.71
C SER C 403 11.20 -20.65 -2.05
N SER C 404 10.97 -20.65 -0.74
CA SER C 404 10.93 -19.40 0.01
C SER C 404 11.05 -19.71 1.48
N SER C 405 11.11 -18.66 2.29
CA SER C 405 11.12 -18.83 3.73
C SER C 405 10.18 -17.90 4.48
N VAL C 406 9.67 -18.38 5.60
CA VAL C 406 8.94 -17.52 6.50
C VAL C 406 9.66 -17.42 7.84
N ILE C 407 10.07 -16.21 8.16
CA ILE C 407 10.73 -15.94 9.43
C ILE C 407 9.71 -15.81 10.56
N THR C 408 9.86 -16.65 11.57
CA THR C 408 8.90 -16.69 12.64
C THR C 408 9.38 -15.85 13.80
N SER C 409 8.69 -15.94 14.93
CA SER C 409 9.10 -15.23 16.12
C SER C 409 10.42 -15.78 16.64
N LEU C 410 10.60 -17.09 16.56
CA LEU C 410 11.71 -17.70 17.24
C LEU C 410 12.51 -18.59 16.32
N GLY C 411 12.29 -18.45 15.02
CA GLY C 411 13.00 -19.26 14.07
C GLY C 411 12.66 -18.96 12.64
N ALA C 412 12.70 -19.99 11.80
CA ALA C 412 12.47 -19.82 10.38
C ALA C 412 11.93 -21.09 9.73
N ILE C 413 10.88 -20.97 8.94
CA ILE C 413 10.41 -22.09 8.14
C ILE C 413 11.06 -22.04 6.77
N VAL C 414 11.56 -23.17 6.31
CA VAL C 414 12.20 -23.23 5.01
C VAL C 414 11.49 -24.20 4.09
N SER C 415 10.95 -23.68 3.00
CA SER C 415 10.39 -24.52 1.96
C SER C 415 11.39 -24.64 0.82
N CYS C 416 12.13 -25.75 0.79
CA CYS C 416 13.21 -25.89 -0.18
C CYS C 416 12.85 -26.97 -1.18
N TYR C 417 12.73 -26.57 -2.45
CA TYR C 417 12.35 -27.51 -3.49
C TYR C 417 13.21 -27.33 -4.71
N GLY C 418 13.24 -28.34 -5.57
CA GLY C 418 13.96 -28.26 -6.83
C GLY C 418 15.46 -28.15 -6.71
N LYS C 419 16.03 -27.20 -7.45
CA LYS C 419 17.46 -26.98 -7.51
C LYS C 419 17.88 -25.85 -6.58
N THR C 420 16.96 -25.41 -5.73
CA THR C 420 17.25 -24.27 -4.87
C THR C 420 18.34 -24.61 -3.88
N LYS C 421 19.26 -23.69 -3.67
CA LYS C 421 20.24 -23.82 -2.62
C LYS C 421 19.67 -23.30 -1.29
N CYS C 422 19.58 -24.17 -0.29
CA CYS C 422 19.06 -23.75 1.01
C CYS C 422 19.96 -24.11 2.17
N THR C 423 20.41 -23.11 2.92
CA THR C 423 21.31 -23.36 4.03
C THR C 423 20.99 -22.48 5.22
N ALA C 424 21.56 -22.84 6.35
CA ALA C 424 21.49 -22.02 7.54
C ALA C 424 22.90 -21.84 8.08
N SER C 425 23.24 -20.63 8.51
CA SER C 425 24.61 -20.40 8.96
C SER C 425 24.60 -19.75 10.34
N ASN C 426 25.73 -19.85 11.05
CA ASN C 426 25.94 -19.07 12.26
C ASN C 426 26.89 -17.92 11.98
N LYS C 427 26.84 -16.88 12.80
CA LYS C 427 27.73 -15.73 12.66
C LYS C 427 29.19 -16.18 12.54
N ASN C 428 29.66 -16.96 13.49
CA ASN C 428 31.07 -17.24 13.56
C ASN C 428 31.44 -18.56 12.91
N ARG C 429 30.52 -19.52 12.89
CA ARG C 429 30.84 -20.85 12.39
C ARG C 429 30.65 -20.95 10.89
N GLY C 430 29.69 -20.17 10.36
CA GLY C 430 29.35 -20.24 8.95
C GLY C 430 28.25 -21.27 8.77
N ILE C 431 28.20 -21.92 7.61
CA ILE C 431 27.11 -22.84 7.29
C ILE C 431 27.15 -24.04 8.22
N ILE C 432 26.04 -24.29 8.91
CA ILE C 432 25.96 -25.42 9.84
C ILE C 432 24.88 -26.45 9.47
N LYS C 433 23.94 -26.05 8.62
CA LYS C 433 22.94 -26.98 8.13
C LYS C 433 22.60 -26.75 6.66
N THR C 434 22.55 -27.84 5.91
CA THR C 434 22.07 -27.81 4.53
C THR C 434 20.72 -28.50 4.43
N PHE C 435 19.71 -27.80 3.94
CA PHE C 435 18.39 -28.38 3.84
C PHE C 435 18.25 -29.30 2.65
N SER C 436 17.60 -30.43 2.87
CA SER C 436 17.18 -31.33 1.80
C SER C 436 15.82 -30.87 1.29
N ASN C 437 15.38 -31.42 0.16
CA ASN C 437 14.09 -31.07 -0.40
C ASN C 437 12.96 -31.37 0.58
N GLY C 438 12.00 -30.44 0.64
CA GLY C 438 10.91 -30.56 1.59
C GLY C 438 10.69 -29.29 2.39
N CYS C 439 9.80 -29.38 3.37
CA CYS C 439 9.56 -28.26 4.27
C CYS C 439 10.17 -28.52 5.63
N ASP C 440 10.96 -27.57 6.10
CA ASP C 440 11.72 -27.78 7.33
C ASP C 440 11.77 -26.50 8.16
N TYR C 441 12.47 -26.56 9.28
CA TYR C 441 12.47 -25.47 10.25
C TYR C 441 13.76 -25.51 11.03
N VAL C 442 14.22 -24.35 11.48
CA VAL C 442 15.34 -24.27 12.40
C VAL C 442 15.04 -23.18 13.43
N SER C 443 15.48 -23.42 14.67
CA SER C 443 15.25 -22.45 15.73
C SER C 443 16.33 -21.39 15.68
N ASN C 444 16.11 -20.28 16.36
CA ASN C 444 17.05 -19.18 16.30
C ASN C 444 18.25 -19.37 17.25
N LYS C 445 18.25 -20.45 18.00
CA LYS C 445 19.37 -20.74 18.89
C LYS C 445 20.58 -21.28 18.13
N GLY C 446 21.66 -20.52 18.10
CA GLY C 446 22.87 -20.90 17.38
C GLY C 446 22.84 -20.71 15.88
N VAL C 447 21.72 -20.21 15.37
CA VAL C 447 21.59 -19.89 13.95
C VAL C 447 21.38 -18.40 13.78
N ASP C 448 22.08 -17.78 12.85
CA ASP C 448 21.92 -16.35 12.63
C ASP C 448 21.27 -15.99 11.31
N THR C 449 21.59 -16.71 10.24
CA THR C 449 20.98 -16.41 8.95
C THR C 449 20.53 -17.65 8.23
N VAL C 450 19.59 -17.46 7.31
CA VAL C 450 19.15 -18.51 6.42
C VAL C 450 19.16 -18.01 4.98
N SER C 451 19.60 -18.86 4.06
CA SER C 451 19.59 -18.51 2.66
C SER C 451 18.79 -19.50 1.83
N VAL C 452 17.84 -18.98 1.06
CA VAL C 452 17.13 -19.80 0.12
C VAL C 452 17.27 -19.20 -1.26
N GLY C 453 17.99 -19.91 -2.13
CA GLY C 453 18.35 -19.41 -3.44
C GLY C 453 19.22 -18.16 -3.30
N ASN C 454 18.89 -17.12 -4.05
CA ASN C 454 19.68 -15.90 -3.99
C ASN C 454 19.13 -14.93 -2.95
N THR C 455 18.19 -15.38 -2.13
CA THR C 455 17.57 -14.51 -1.15
C THR C 455 18.09 -14.81 0.26
N LEU C 456 18.76 -13.84 0.86
CA LEU C 456 19.21 -13.96 2.26
C LEU C 456 18.21 -13.43 3.28
N TYR C 457 17.92 -14.24 4.30
CA TYR C 457 17.03 -13.82 5.38
C TYR C 457 17.76 -13.75 6.71
N TYR C 458 17.68 -12.61 7.38
CA TYR C 458 18.13 -12.55 8.77
C TYR C 458 17.00 -12.97 9.72
N VAL C 459 17.32 -13.84 10.68
CA VAL C 459 16.31 -14.26 11.67
C VAL C 459 16.21 -13.39 12.92
N ASN C 460 15.05 -13.40 13.57
CA ASN C 460 14.87 -12.73 14.85
C ASN C 460 15.64 -13.41 15.98
N LYS C 461 16.34 -12.63 16.79
CA LYS C 461 17.18 -13.17 17.86
C LYS C 461 16.54 -13.12 19.24
N GLN C 462 15.23 -12.98 19.30
CA GLN C 462 14.54 -12.95 20.59
C GLN C 462 14.62 -14.29 21.32
N GLU C 463 14.71 -14.22 22.64
CA GLU C 463 14.76 -15.40 23.50
C GLU C 463 13.43 -16.12 23.60
N GLY C 464 13.48 -17.45 23.56
CA GLY C 464 12.29 -18.27 23.70
C GLY C 464 12.57 -19.66 23.17
N LYS C 465 11.85 -20.65 23.68
CA LYS C 465 12.10 -22.03 23.29
C LYS C 465 11.24 -22.41 22.10
N SER C 466 11.81 -23.15 21.16
CA SER C 466 11.06 -23.67 20.02
C SER C 466 10.85 -25.17 20.16
N LEU C 467 9.70 -25.64 19.65
CA LEU C 467 9.44 -27.08 19.63
C LEU C 467 9.14 -27.57 18.22
N TYR C 468 9.91 -28.56 17.79
CA TYR C 468 9.70 -29.16 16.48
C TYR C 468 8.77 -30.35 16.58
N VAL C 469 7.56 -30.20 16.05
CA VAL C 469 6.61 -31.30 16.09
C VAL C 469 6.69 -32.10 14.80
N LYS C 470 7.30 -33.26 14.86
CA LYS C 470 7.46 -34.08 13.66
C LYS C 470 6.13 -34.65 13.22
N GLY C 471 5.98 -34.86 11.92
CA GLY C 471 4.79 -35.45 11.35
C GLY C 471 4.84 -35.53 9.85
N GLU C 472 4.19 -36.54 9.30
CA GLU C 472 4.12 -36.72 7.85
C GLU C 472 3.45 -35.53 7.17
N PRO C 473 4.11 -34.94 6.16
CA PRO C 473 3.54 -33.88 5.35
C PRO C 473 2.22 -34.30 4.74
N ILE C 474 1.17 -33.53 4.98
CA ILE C 474 -0.17 -33.95 4.63
C ILE C 474 -0.37 -33.98 3.12
N ILE C 475 0.48 -33.31 2.37
CA ILE C 475 0.39 -33.33 0.91
C ILE C 475 0.55 -34.76 0.39
N ASN C 476 1.19 -35.60 1.20
CA ASN C 476 1.38 -37.01 0.85
C ASN C 476 0.11 -37.84 0.92
N PHE C 477 -0.92 -37.29 1.55
CA PHE C 477 -2.17 -38.01 1.76
C PHE C 477 -3.09 -37.90 0.56
N TYR C 478 -2.64 -37.19 -0.48
CA TYR C 478 -3.51 -36.94 -1.61
C TYR C 478 -3.05 -37.73 -2.82
N ASP C 479 -4.01 -38.28 -3.54
CA ASP C 479 -3.71 -38.95 -4.80
C ASP C 479 -3.64 -37.90 -5.89
N PRO C 480 -2.46 -37.74 -6.48
CA PRO C 480 -2.18 -36.69 -7.47
C PRO C 480 -3.06 -36.78 -8.70
N LEU C 481 -3.64 -37.93 -8.97
CA LEU C 481 -4.44 -38.09 -10.17
C LEU C 481 -5.80 -37.43 -10.00
N VAL C 482 -6.20 -37.19 -8.76
CA VAL C 482 -7.48 -36.54 -8.50
C VAL C 482 -7.28 -35.32 -7.63
N PHE C 483 -6.02 -34.92 -7.46
CA PHE C 483 -5.71 -33.77 -6.64
C PHE C 483 -6.07 -32.46 -7.34
N PRO C 484 -6.93 -31.66 -6.70
CA PRO C 484 -7.33 -30.37 -7.26
C PRO C 484 -6.17 -29.40 -7.01
N SER C 485 -5.35 -29.24 -8.03
CA SER C 485 -4.21 -28.31 -7.99
C SER C 485 -4.51 -26.86 -8.37
N ASP C 486 -5.77 -26.49 -8.39
CA ASP C 486 -6.15 -25.15 -8.82
C ASP C 486 -7.26 -24.60 -7.96
N GLU C 487 -7.23 -24.92 -6.67
CA GLU C 487 -8.13 -24.29 -5.71
C GLU C 487 -7.40 -23.22 -4.92
N PHE C 488 -7.85 -21.98 -5.08
CA PHE C 488 -7.18 -20.85 -4.44
C PHE C 488 -7.84 -20.47 -3.11
N ASP C 489 -9.13 -20.19 -3.11
CA ASP C 489 -9.84 -19.81 -1.88
C ASP C 489 -10.45 -21.05 -1.23
N ALA C 490 -9.61 -22.02 -0.89
CA ALA C 490 -10.12 -23.31 -0.43
C ALA C 490 -9.92 -23.62 1.05
N SER C 491 -10.25 -24.86 1.39
CA SER C 491 -10.15 -25.40 2.73
C SER C 491 -10.12 -26.93 2.67
N ILE C 492 -9.81 -27.57 3.79
CA ILE C 492 -9.77 -29.03 3.88
C ILE C 492 -11.02 -29.79 3.44
N SER C 493 -12.17 -29.38 3.95
CA SER C 493 -13.40 -30.09 3.62
C SER C 493 -13.76 -29.88 2.16
N GLN C 494 -13.54 -28.67 1.66
CA GLN C 494 -13.85 -28.34 0.29
C GLN C 494 -13.02 -29.14 -0.69
N VAL C 495 -11.74 -29.25 -0.41
CA VAL C 495 -10.89 -30.07 -1.25
C VAL C 495 -11.35 -31.52 -1.24
N ASN C 496 -11.62 -32.03 -0.05
CA ASN C 496 -12.19 -33.36 0.08
C ASN C 496 -13.48 -33.49 -0.70
N GLU C 497 -14.33 -32.49 -0.56
CA GLU C 497 -15.62 -32.43 -1.22
C GLU C 497 -15.41 -32.52 -2.73
N LYS C 498 -14.44 -31.77 -3.25
CA LYS C 498 -14.16 -31.74 -4.68
C LYS C 498 -13.55 -33.05 -5.15
N ILE C 499 -12.74 -33.65 -4.31
CA ILE C 499 -12.15 -34.94 -4.63
C ILE C 499 -13.34 -35.87 -4.81
N ASN C 500 -14.34 -35.74 -3.96
CA ASN C 500 -15.53 -36.55 -4.12
C ASN C 500 -16.25 -36.42 -5.44
N GLN C 501 -16.28 -35.21 -5.98
CA GLN C 501 -16.96 -35.01 -7.24
C GLN C 501 -16.09 -35.62 -8.31
N SER C 502 -14.78 -35.46 -8.14
CA SER C 502 -13.83 -36.05 -9.07
C SER C 502 -13.82 -37.57 -8.98
N LEU C 503 -14.00 -38.11 -7.79
CA LEU C 503 -14.05 -39.55 -7.65
C LEU C 503 -15.34 -40.10 -8.22
N ALA C 504 -16.40 -39.31 -8.10
CA ALA C 504 -17.69 -39.71 -8.61
C ALA C 504 -17.66 -39.83 -10.11
N PHE C 505 -17.04 -38.84 -10.72
CA PHE C 505 -16.96 -38.75 -12.17
C PHE C 505 -16.01 -39.75 -12.79
N ILE C 506 -15.20 -40.43 -12.00
CA ILE C 506 -14.38 -41.46 -12.63
C ILE C 506 -15.01 -42.83 -12.40
N ARG C 507 -15.62 -43.02 -11.23
CA ARG C 507 -16.31 -44.26 -10.94
C ARG C 507 -17.51 -44.47 -11.86
N LYS C 508 -18.19 -43.39 -12.21
CA LYS C 508 -19.39 -43.54 -13.02
C LYS C 508 -19.03 -43.64 -14.49
N SER C 509 -18.01 -42.92 -14.89
CA SER C 509 -17.58 -42.95 -16.27
C SER C 509 -17.08 -44.34 -16.61
N ASP C 510 -16.45 -44.98 -15.64
CA ASP C 510 -15.97 -46.33 -15.87
C ASP C 510 -17.14 -47.27 -15.98
N GLU C 511 -18.17 -47.01 -15.18
CA GLU C 511 -19.36 -47.83 -15.22
C GLU C 511 -19.96 -47.82 -16.60
N LEU C 512 -19.94 -46.66 -17.23
CA LEU C 512 -20.54 -46.56 -18.53
C LEU C 512 -19.64 -47.26 -19.52
N LEU C 513 -18.35 -47.03 -19.40
CA LEU C 513 -17.38 -47.72 -20.23
C LEU C 513 -17.41 -49.21 -19.93
N SER C 514 -17.87 -49.54 -18.74
CA SER C 514 -18.06 -50.94 -18.39
C SER C 514 -19.25 -51.55 -19.12
N ALA C 515 -19.40 -51.20 -20.38
CA ALA C 515 -20.47 -51.74 -21.19
C ALA C 515 -20.15 -51.50 -22.65
N ILE C 516 -18.87 -51.47 -22.97
CA ILE C 516 -18.44 -51.18 -24.34
C ILE C 516 -18.53 -52.43 -25.21
N GLY C 517 -18.50 -53.60 -24.60
CA GLY C 517 -18.42 -54.80 -25.41
C GLY C 517 -19.28 -55.98 -24.99
N GLY C 518 -19.92 -55.88 -23.83
CA GLY C 518 -20.71 -57.01 -23.37
C GLY C 518 -22.07 -57.16 -23.98
N TYR C 519 -22.50 -56.20 -24.79
CA TYR C 519 -23.81 -56.27 -25.42
C TYR C 519 -23.60 -56.53 -26.91
N ILE C 520 -24.57 -57.10 -27.61
CA ILE C 520 -24.30 -57.52 -28.99
C ILE C 520 -24.59 -56.48 -30.07
N PRO C 521 -23.68 -56.36 -31.05
CA PRO C 521 -23.72 -55.50 -32.24
C PRO C 521 -24.62 -56.01 -33.33
N GLU C 522 -24.82 -55.19 -34.36
CA GLU C 522 -25.63 -55.56 -35.49
C GLU C 522 -24.94 -56.56 -36.38
N ALA C 523 -25.68 -57.56 -36.84
CA ALA C 523 -25.18 -58.49 -37.83
C ALA C 523 -25.09 -57.82 -39.19
N PRO C 524 -24.10 -58.23 -39.99
CA PRO C 524 -23.86 -57.68 -41.32
C PRO C 524 -25.12 -57.65 -42.18
N ARG C 525 -25.23 -56.67 -43.04
CA ARG C 525 -26.43 -56.52 -43.85
C ARG C 525 -26.27 -57.11 -45.23
N ASP C 526 -26.51 -58.40 -45.34
CA ASP C 526 -26.56 -59.03 -46.64
C ASP C 526 -27.74 -59.99 -46.65
N GLY C 527 -28.00 -60.63 -47.78
CA GLY C 527 -29.13 -61.54 -47.88
C GLY C 527 -28.99 -62.77 -47.03
N GLN C 528 -27.92 -62.87 -46.24
CA GLN C 528 -27.66 -64.07 -45.46
C GLN C 528 -28.05 -63.91 -43.98
N ALA C 529 -28.34 -65.05 -43.35
CA ALA C 529 -28.73 -65.09 -41.94
C ALA C 529 -27.55 -65.46 -41.05
N TYR C 530 -27.54 -64.96 -39.82
CA TYR C 530 -26.42 -65.14 -38.92
C TYR C 530 -26.82 -65.65 -37.53
N VAL C 531 -25.89 -66.25 -36.82
CA VAL C 531 -26.10 -66.65 -35.43
C VAL C 531 -24.88 -66.34 -34.58
N ARG C 532 -25.04 -66.44 -33.26
CA ARG C 532 -24.01 -66.02 -32.33
C ARG C 532 -23.12 -67.17 -31.89
N LYS C 533 -21.81 -66.94 -31.86
CA LYS C 533 -20.86 -67.96 -31.44
C LYS C 533 -19.53 -67.34 -31.02
N ASP C 534 -19.05 -67.72 -29.84
CA ASP C 534 -17.74 -67.27 -29.35
C ASP C 534 -17.56 -65.77 -29.38
N GLY C 535 -18.67 -65.03 -29.34
CA GLY C 535 -18.59 -63.59 -29.29
C GLY C 535 -18.73 -62.92 -30.64
N GLU C 536 -18.88 -63.69 -31.71
CA GLU C 536 -19.03 -63.08 -33.02
C GLU C 536 -20.14 -63.73 -33.83
N TRP C 537 -20.64 -63.02 -34.85
CA TRP C 537 -21.70 -63.55 -35.70
C TRP C 537 -21.17 -64.55 -36.71
N VAL C 538 -21.85 -65.69 -36.81
CA VAL C 538 -21.50 -66.74 -37.75
C VAL C 538 -22.64 -67.04 -38.72
N LEU C 539 -22.31 -67.19 -39.99
CA LEU C 539 -23.29 -67.47 -41.02
C LEU C 539 -24.13 -68.69 -40.69
N LEU C 540 -25.45 -68.60 -40.88
CA LEU C 540 -26.33 -69.72 -40.63
C LEU C 540 -26.10 -70.83 -41.64
N SER C 541 -25.69 -70.43 -42.84
CA SER C 541 -25.45 -71.37 -43.93
C SER C 541 -24.36 -72.36 -43.54
N THR C 542 -23.48 -71.93 -42.64
CA THR C 542 -22.37 -72.77 -42.18
C THR C 542 -22.86 -74.03 -41.49
N PHE C 543 -23.86 -73.88 -40.63
CA PHE C 543 -24.36 -75.01 -39.88
C PHE C 543 -25.44 -75.75 -40.66
N LEU C 544 -25.42 -75.59 -41.99
CA LEU C 544 -26.35 -76.29 -42.84
C LEU C 544 -25.63 -76.94 -44.02
N GLN D 1 31.27 -30.78 -1.34
CA GLN D 1 31.77 -30.39 -2.66
C GLN D 1 32.69 -29.20 -2.52
N VAL D 2 32.15 -28.13 -1.97
CA VAL D 2 32.89 -26.88 -1.84
C VAL D 2 33.95 -27.02 -0.77
N GLN D 3 35.20 -26.82 -1.17
CA GLN D 3 36.30 -26.92 -0.23
C GLN D 3 37.35 -25.87 -0.55
N LEU D 4 38.13 -25.50 0.45
CA LEU D 4 39.18 -24.51 0.25
C LEU D 4 40.47 -25.02 0.89
N GLN D 5 41.60 -24.76 0.24
CA GLN D 5 42.88 -25.27 0.72
C GLN D 5 43.99 -24.26 0.57
N GLU D 6 44.43 -23.71 1.71
CA GLU D 6 45.51 -22.73 1.71
C GLU D 6 46.88 -23.39 1.77
N SER D 7 47.86 -22.74 1.15
CA SER D 7 49.25 -23.19 1.23
C SER D 7 50.19 -22.00 1.13
N GLY D 8 51.46 -22.22 1.46
CA GLY D 8 52.47 -21.20 1.32
C GLY D 8 52.96 -20.65 2.65
N GLY D 9 52.46 -21.22 3.73
CA GLY D 9 52.87 -20.82 5.07
C GLY D 9 54.26 -21.35 5.38
N GLY D 10 54.98 -20.68 6.26
CA GLY D 10 56.34 -21.07 6.58
C GLY D 10 57.05 -20.08 7.48
N LEU D 11 58.31 -20.35 7.80
CA LEU D 11 59.04 -19.43 8.65
C LEU D 11 59.64 -18.33 7.81
N VAL D 12 59.33 -17.10 8.19
CA VAL D 12 59.82 -15.94 7.46
C VAL D 12 60.64 -15.10 8.42
N GLN D 13 61.64 -14.40 7.90
CA GLN D 13 62.34 -13.44 8.73
C GLN D 13 61.59 -12.12 8.63
N PRO D 14 61.69 -11.28 9.67
CA PRO D 14 61.07 -9.95 9.67
C PRO D 14 61.53 -9.08 8.49
N GLY D 15 60.62 -8.27 7.95
CA GLY D 15 60.87 -7.55 6.72
C GLY D 15 60.76 -8.37 5.45
N GLY D 16 60.59 -9.68 5.61
CA GLY D 16 60.44 -10.55 4.46
C GLY D 16 59.02 -10.61 3.93
N SER D 17 58.87 -11.25 2.78
CA SER D 17 57.58 -11.36 2.12
C SER D 17 57.18 -12.82 1.93
N LEU D 18 55.88 -13.05 1.83
CA LEU D 18 55.36 -14.41 1.69
C LEU D 18 54.03 -14.35 0.95
N ARG D 19 53.83 -15.30 0.05
CA ARG D 19 52.56 -15.41 -0.67
C ARG D 19 51.79 -16.69 -0.34
N LEU D 20 50.53 -16.52 0.03
CA LEU D 20 49.64 -17.64 0.27
C LEU D 20 48.71 -17.87 -0.92
N SER D 21 48.34 -19.13 -1.15
CA SER D 21 47.44 -19.47 -2.24
C SER D 21 46.19 -20.15 -1.71
N CYS D 22 45.06 -19.94 -2.38
CA CYS D 22 43.83 -20.59 -1.97
C CYS D 22 43.13 -21.24 -3.16
N ALA D 23 43.19 -22.56 -3.22
CA ALA D 23 42.60 -23.33 -4.31
C ALA D 23 41.13 -23.63 -4.04
N ALA D 24 40.25 -23.17 -4.94
CA ALA D 24 38.83 -23.47 -4.81
C ALA D 24 38.45 -24.74 -5.54
N SER D 25 37.67 -25.59 -4.88
CA SER D 25 37.05 -26.75 -5.53
C SER D 25 35.59 -26.91 -5.12
N GLY D 26 34.78 -27.46 -6.02
CA GLY D 26 33.34 -27.56 -5.81
C GLY D 26 32.50 -26.38 -6.23
N PHE D 27 33.14 -25.31 -6.70
CA PHE D 27 32.43 -24.14 -7.17
C PHE D 27 33.34 -23.28 -8.05
N THR D 28 32.77 -22.32 -8.78
CA THR D 28 33.64 -21.42 -9.51
C THR D 28 33.61 -20.04 -8.91
N LEU D 29 34.73 -19.35 -9.02
CA LEU D 29 34.91 -18.08 -8.33
C LEU D 29 33.96 -16.99 -8.75
N ASP D 30 33.56 -17.03 -10.02
CA ASP D 30 32.87 -15.91 -10.66
C ASP D 30 31.61 -15.47 -9.94
N TYR D 31 30.95 -16.41 -9.31
CA TYR D 31 29.66 -16.21 -8.69
C TYR D 31 29.85 -15.86 -7.22
N TYR D 32 31.10 -15.66 -6.81
CA TYR D 32 31.40 -15.65 -5.40
C TYR D 32 32.27 -14.45 -5.05
N TYR D 33 32.36 -14.15 -3.76
CA TYR D 33 33.37 -13.25 -3.20
C TYR D 33 34.37 -14.06 -2.40
N ILE D 34 35.67 -13.79 -2.61
CA ILE D 34 36.70 -14.54 -1.90
C ILE D 34 37.42 -13.66 -0.87
N GLY D 35 37.56 -14.19 0.34
CA GLY D 35 38.23 -13.48 1.41
C GLY D 35 39.36 -14.21 2.12
N TRP D 36 40.32 -13.43 2.61
CA TRP D 36 41.37 -13.96 3.47
C TRP D 36 41.18 -13.46 4.89
N PHE D 37 41.21 -14.38 5.84
CA PHE D 37 41.10 -14.03 7.25
C PHE D 37 42.28 -14.58 8.00
N ARG D 38 42.55 -14.01 9.17
CA ARG D 38 43.64 -14.54 9.97
C ARG D 38 43.25 -14.52 11.42
N GLN D 39 43.81 -15.45 12.17
CA GLN D 39 43.67 -15.49 13.60
C GLN D 39 45.04 -15.69 14.24
N ALA D 40 45.59 -14.66 14.88
CA ALA D 40 46.81 -14.88 15.65
C ALA D 40 46.42 -15.55 16.96
N PRO D 41 47.37 -16.30 17.57
CA PRO D 41 47.12 -17.06 18.80
C PRO D 41 46.49 -16.25 19.93
N GLY D 42 45.40 -16.76 20.49
CA GLY D 42 44.74 -16.11 21.61
C GLY D 42 43.88 -14.93 21.24
N LYS D 43 43.99 -14.48 19.99
CA LYS D 43 43.36 -13.24 19.56
C LYS D 43 42.08 -13.57 18.80
N GLU D 44 41.16 -12.61 18.71
CA GLU D 44 39.95 -12.85 17.93
C GLU D 44 40.29 -12.82 16.45
N ARG D 45 39.58 -13.63 15.67
CA ARG D 45 39.82 -13.72 14.23
C ARG D 45 39.30 -12.47 13.51
N GLU D 46 40.08 -11.95 12.57
CA GLU D 46 39.76 -10.66 11.96
C GLU D 46 39.88 -10.71 10.44
N GLY D 47 39.03 -9.95 9.76
CA GLY D 47 39.10 -9.85 8.33
C GLY D 47 40.36 -9.17 7.84
N VAL D 48 40.76 -9.48 6.61
CA VAL D 48 42.01 -8.97 6.05
C VAL D 48 41.85 -8.50 4.61
N SER D 49 41.09 -9.24 3.83
CA SER D 49 40.92 -8.92 2.40
C SER D 49 39.76 -9.64 1.75
N CYS D 50 38.92 -8.89 1.04
CA CYS D 50 37.87 -9.45 0.19
C CYS D 50 38.11 -9.01 -1.22
N ILE D 51 37.66 -9.82 -2.17
CA ILE D 51 37.81 -9.49 -3.58
C ILE D 51 36.57 -9.93 -4.35
N SER D 52 36.18 -9.17 -5.37
CA SER D 52 35.10 -9.65 -6.21
C SER D 52 35.75 -10.52 -7.27
N SER D 53 35.25 -11.73 -7.42
CA SER D 53 35.79 -12.68 -8.38
C SER D 53 35.62 -12.26 -9.82
N SER D 54 34.46 -11.71 -10.12
CA SER D 54 34.16 -11.30 -11.48
C SER D 54 34.94 -10.05 -11.86
N HIS D 55 34.70 -8.96 -11.16
CA HIS D 55 35.23 -7.65 -11.54
C HIS D 55 36.65 -7.43 -11.05
N GLY D 56 37.07 -8.19 -10.04
CA GLY D 56 38.38 -7.97 -9.45
C GLY D 56 38.48 -6.84 -8.45
N SER D 57 37.34 -6.24 -8.10
CA SER D 57 37.32 -5.20 -7.09
C SER D 57 37.75 -5.77 -5.74
N THR D 58 38.47 -4.98 -4.97
CA THR D 58 39.13 -5.49 -3.77
C THR D 58 38.84 -4.71 -2.50
N TYR D 59 39.07 -5.38 -1.37
CA TYR D 59 38.87 -4.81 -0.06
C TYR D 59 40.01 -5.18 0.87
N TYR D 60 40.60 -4.18 1.52
CA TYR D 60 41.73 -4.35 2.42
C TYR D 60 41.37 -3.67 3.73
N ALA D 61 41.46 -4.41 4.84
CA ALA D 61 41.27 -3.80 6.14
C ALA D 61 42.39 -2.83 6.45
N ASP D 62 42.16 -1.98 7.43
CA ASP D 62 43.05 -0.87 7.74
C ASP D 62 44.46 -1.31 8.14
N SER D 63 44.54 -2.44 8.85
CA SER D 63 45.77 -2.89 9.49
C SER D 63 46.89 -3.27 8.53
N VAL D 64 46.53 -3.79 7.36
CA VAL D 64 47.51 -4.26 6.38
C VAL D 64 47.47 -3.45 5.11
N LYS D 65 46.51 -2.54 5.01
CA LYS D 65 46.34 -1.73 3.82
C LYS D 65 47.64 -1.04 3.45
N GLY D 66 48.07 -1.26 2.21
CA GLY D 66 49.34 -0.74 1.73
C GLY D 66 50.38 -1.85 1.65
N ARG D 67 50.43 -2.70 2.67
CA ARG D 67 51.40 -3.80 2.73
C ARG D 67 50.91 -5.08 2.04
N PHE D 68 49.62 -5.38 2.18
CA PHE D 68 49.02 -6.60 1.62
C PHE D 68 48.17 -6.34 0.39
N THR D 69 48.26 -7.25 -0.57
CA THR D 69 47.45 -7.18 -1.78
C THR D 69 46.91 -8.56 -2.15
N ILE D 70 45.65 -8.60 -2.57
CA ILE D 70 44.98 -9.86 -2.94
C ILE D 70 44.68 -9.91 -4.44
N SER D 71 44.82 -11.10 -5.01
CA SER D 71 44.55 -11.28 -6.43
C SER D 71 43.91 -12.64 -6.73
N ARG D 72 43.33 -12.75 -7.92
CA ARG D 72 42.65 -13.97 -8.34
C ARG D 72 42.88 -14.40 -9.78
N ASP D 73 42.95 -15.71 -10.00
CA ASP D 73 43.07 -16.24 -11.35
C ASP D 73 41.86 -17.13 -11.63
N ASN D 74 40.89 -16.65 -12.40
CA ASN D 74 39.69 -17.44 -12.67
C ASN D 74 39.98 -18.74 -13.42
N ALA D 75 40.95 -18.69 -14.34
CA ALA D 75 41.29 -19.85 -15.17
C ALA D 75 41.88 -20.98 -14.33
N LYS D 76 42.69 -20.62 -13.36
CA LYS D 76 43.30 -21.59 -12.45
C LYS D 76 42.44 -21.80 -11.21
N ASN D 77 41.34 -21.06 -11.12
CA ASN D 77 40.41 -21.16 -10.00
C ASN D 77 41.05 -20.97 -8.63
N THR D 78 41.96 -20.02 -8.54
CA THR D 78 42.76 -19.84 -7.33
C THR D 78 42.84 -18.38 -6.92
N VAL D 79 42.82 -18.13 -5.61
CA VAL D 79 42.92 -16.78 -5.07
C VAL D 79 44.19 -16.61 -4.25
N TYR D 80 44.89 -15.49 -4.46
CA TYR D 80 46.19 -15.27 -3.85
C TYR D 80 46.21 -14.08 -2.92
N LEU D 81 46.93 -14.21 -1.81
CA LEU D 81 47.19 -13.09 -0.91
C LEU D 81 48.69 -12.84 -0.83
N GLN D 82 49.13 -11.71 -1.39
CA GLN D 82 50.53 -11.29 -1.29
C GLN D 82 50.76 -10.44 -0.05
N MET D 83 51.76 -10.81 0.73
CA MET D 83 52.10 -10.07 1.92
C MET D 83 53.48 -9.47 1.79
N ASN D 84 53.56 -8.14 1.90
CA ASN D 84 54.84 -7.44 1.80
C ASN D 84 55.20 -6.80 3.13
N SER D 85 56.50 -6.65 3.36
CA SER D 85 57.02 -5.99 4.55
C SER D 85 56.36 -6.59 5.77
N LEU D 86 56.56 -7.89 5.94
CA LEU D 86 55.88 -8.62 7.00
C LEU D 86 56.42 -8.21 8.37
N LYS D 87 55.52 -8.12 9.33
CA LYS D 87 55.87 -7.76 10.69
C LYS D 87 55.54 -8.94 11.59
N PRO D 88 56.25 -9.07 12.72
CA PRO D 88 56.01 -10.19 13.64
C PRO D 88 54.56 -10.29 14.12
N GLU D 89 53.87 -9.16 14.23
CA GLU D 89 52.45 -9.15 14.60
C GLU D 89 51.56 -9.82 13.55
N ASP D 90 52.10 -10.06 12.36
CA ASP D 90 51.37 -10.76 11.32
C ASP D 90 51.43 -12.27 11.50
N THR D 91 52.16 -12.72 12.51
CA THR D 91 52.22 -14.15 12.80
C THR D 91 50.81 -14.59 13.16
N ALA D 92 50.29 -15.54 12.40
CA ALA D 92 48.91 -15.94 12.53
C ALA D 92 48.64 -17.15 11.65
N VAL D 93 47.53 -17.82 11.89
CA VAL D 93 47.00 -18.76 10.92
C VAL D 93 46.08 -18.04 9.96
N TYR D 94 46.35 -18.17 8.67
CA TYR D 94 45.61 -17.46 7.64
C TYR D 94 44.58 -18.37 6.96
N TYR D 95 43.33 -17.93 6.98
CA TYR D 95 42.22 -18.72 6.46
C TYR D 95 41.67 -18.13 5.17
N CYS D 96 41.32 -19.02 4.25
CA CYS D 96 40.64 -18.63 3.03
C CYS D 96 39.15 -18.84 3.24
N ALA D 97 38.33 -17.91 2.76
CA ALA D 97 36.90 -18.06 2.88
C ALA D 97 36.18 -17.51 1.65
N THR D 98 34.93 -17.92 1.46
CA THR D 98 34.13 -17.48 0.32
C THR D 98 32.64 -17.35 0.64
N VAL D 99 31.94 -16.57 -0.17
CA VAL D 99 30.49 -16.44 -0.11
C VAL D 99 29.93 -16.19 -1.51
N ALA D 100 28.76 -16.75 -1.78
CA ALA D 100 28.03 -16.46 -3.00
C ALA D 100 27.78 -14.95 -3.05
N VAL D 101 27.98 -14.34 -4.21
CA VAL D 101 27.76 -12.90 -4.30
C VAL D 101 26.30 -12.51 -4.01
N ALA D 102 25.40 -13.45 -4.28
CA ALA D 102 23.98 -13.32 -3.93
C ALA D 102 23.68 -13.17 -2.44
N HIS D 103 24.54 -13.79 -1.64
CA HIS D 103 24.39 -13.79 -0.20
C HIS D 103 25.38 -12.89 0.51
N PHE D 104 26.15 -12.15 -0.27
CA PHE D 104 27.19 -11.26 0.27
C PHE D 104 26.57 -10.35 1.32
N ARG D 105 27.23 -10.22 2.47
CA ARG D 105 26.68 -9.45 3.56
C ARG D 105 27.78 -8.71 4.27
N GLY D 106 28.82 -8.41 3.51
CA GLY D 106 29.95 -7.67 4.03
C GLY D 106 31.14 -8.55 4.26
N CYS D 107 32.30 -7.93 4.43
CA CYS D 107 33.51 -8.68 4.64
C CYS D 107 33.48 -8.83 6.14
N GLY D 108 34.18 -9.81 6.70
CA GLY D 108 34.07 -9.97 8.13
C GLY D 108 33.63 -11.38 8.42
N VAL D 109 34.05 -11.90 9.56
CA VAL D 109 33.81 -13.29 9.89
C VAL D 109 32.32 -13.57 10.03
N ASP D 110 31.53 -12.59 10.45
CA ASP D 110 30.11 -12.87 10.51
C ASP D 110 29.49 -12.82 9.12
N GLY D 111 30.28 -12.44 8.13
CA GLY D 111 29.74 -12.42 6.78
C GLY D 111 30.28 -13.52 5.89
N MET D 112 30.72 -14.63 6.47
CA MET D 112 31.21 -15.73 5.65
C MET D 112 30.45 -17.04 5.78
N ASP D 113 30.38 -17.77 4.67
CA ASP D 113 29.61 -19.00 4.57
C ASP D 113 30.46 -20.26 4.46
N TYR D 114 31.63 -20.15 3.84
CA TYR D 114 32.55 -21.28 3.67
C TYR D 114 33.97 -20.92 4.12
N TRP D 115 34.66 -21.90 4.72
CA TRP D 115 35.97 -21.64 5.32
C TRP D 115 37.02 -22.66 4.87
N GLY D 116 38.23 -22.17 4.57
CA GLY D 116 39.38 -23.04 4.37
C GLY D 116 39.94 -23.56 5.67
N LYS D 117 40.87 -24.50 5.58
CA LYS D 117 41.43 -25.11 6.78
C LYS D 117 42.65 -24.38 7.36
N GLY D 118 43.16 -23.40 6.61
CA GLY D 118 44.18 -22.50 7.12
C GLY D 118 45.62 -22.81 6.72
N THR D 119 46.50 -21.82 6.91
CA THR D 119 47.94 -22.01 6.72
C THR D 119 48.73 -21.07 7.64
N GLN D 120 49.74 -21.61 8.31
CA GLN D 120 50.42 -20.84 9.36
C GLN D 120 51.53 -19.95 8.84
N VAL D 121 51.54 -18.70 9.29
CA VAL D 121 52.65 -17.80 9.00
C VAL D 121 53.31 -17.36 10.30
N THR D 122 54.63 -17.47 10.33
CA THR D 122 55.41 -17.08 11.51
C THR D 122 56.54 -16.15 11.11
N VAL D 123 56.56 -14.96 11.70
CA VAL D 123 57.60 -13.99 11.43
C VAL D 123 58.66 -13.94 12.53
N VAL E 2 -14.41 11.26 -40.74
CA VAL E 2 -14.20 12.31 -39.73
C VAL E 2 -13.50 13.53 -40.31
N GLN E 3 -14.13 14.69 -40.25
CA GLN E 3 -13.53 15.91 -40.79
C GLN E 3 -13.80 17.18 -39.99
N LEU E 4 -12.93 18.19 -40.14
CA LEU E 4 -13.11 19.47 -39.47
C LEU E 4 -12.86 20.47 -40.57
N GLN E 5 -13.64 21.54 -40.59
CA GLN E 5 -13.54 22.50 -41.68
C GLN E 5 -13.69 23.92 -41.20
N GLU E 6 -12.60 24.69 -41.18
CA GLU E 6 -12.72 26.08 -40.74
C GLU E 6 -13.13 26.96 -41.91
N SER E 7 -13.89 28.02 -41.64
CA SER E 7 -14.21 28.95 -42.69
C SER E 7 -14.39 30.36 -42.15
N GLY E 8 -14.39 31.34 -43.04
CA GLY E 8 -14.64 32.71 -42.64
C GLY E 8 -13.42 33.58 -42.72
N GLY E 9 -12.31 33.03 -43.20
CA GLY E 9 -11.10 33.81 -43.33
C GLY E 9 -11.22 34.77 -44.51
N GLY E 10 -10.50 35.88 -44.44
CA GLY E 10 -10.60 36.89 -45.47
C GLY E 10 -9.82 38.14 -45.08
N LEU E 11 -9.87 39.16 -45.90
CA LEU E 11 -9.16 40.38 -45.54
C LEU E 11 -9.98 41.31 -44.68
N VAL E 12 -9.44 41.69 -43.54
CA VAL E 12 -10.18 42.58 -42.66
C VAL E 12 -9.33 43.82 -42.47
N GLN E 13 -9.97 44.97 -42.28
CA GLN E 13 -9.22 46.16 -41.93
C GLN E 13 -9.11 46.17 -40.43
N PRO E 14 -8.07 46.80 -39.91
CA PRO E 14 -7.93 46.92 -38.46
C PRO E 14 -9.15 47.58 -37.85
N GLY E 15 -9.53 47.14 -36.66
CA GLY E 15 -10.79 47.60 -36.08
C GLY E 15 -12.02 46.94 -36.65
N GLY E 16 -11.86 46.13 -37.68
CA GLY E 16 -13.00 45.43 -38.26
C GLY E 16 -13.31 44.15 -37.50
N SER E 17 -14.44 43.54 -37.83
CA SER E 17 -14.86 42.33 -37.15
C SER E 17 -14.98 41.21 -38.16
N LEU E 18 -14.83 39.98 -37.66
CA LEU E 18 -14.87 38.81 -38.50
C LEU E 18 -15.32 37.59 -37.72
N ARG E 19 -16.16 36.75 -38.34
CA ARG E 19 -16.60 35.49 -37.72
C ARG E 19 -16.10 34.25 -38.45
N LEU E 20 -15.49 33.34 -37.69
CA LEU E 20 -15.08 32.06 -38.26
C LEU E 20 -16.05 30.97 -37.86
N SER E 21 -16.20 30.00 -38.75
CA SER E 21 -17.07 28.88 -38.50
C SER E 21 -16.25 27.62 -38.56
N CYS E 22 -16.62 26.63 -37.75
CA CYS E 22 -15.92 25.35 -37.73
C CYS E 22 -16.96 24.25 -37.81
N ALA E 23 -17.09 23.59 -38.96
CA ALA E 23 -18.11 22.53 -39.10
C ALA E 23 -17.57 21.20 -38.62
N ALA E 24 -18.23 20.60 -37.63
CA ALA E 24 -17.81 19.30 -37.17
C ALA E 24 -18.54 18.19 -37.92
N SER E 25 -17.78 17.20 -38.35
CA SER E 25 -18.31 15.96 -38.89
C SER E 25 -17.51 14.80 -38.30
N GLY E 26 -18.11 13.63 -38.15
CA GLY E 26 -17.43 12.54 -37.47
C GLY E 26 -17.54 12.39 -35.96
N PHE E 27 -18.22 13.30 -35.28
CA PHE E 27 -18.40 13.18 -33.84
C PHE E 27 -19.57 14.03 -33.39
N THR E 28 -20.03 13.83 -32.16
CA THR E 28 -21.05 14.71 -31.67
C THR E 28 -20.44 15.58 -30.60
N LEU E 29 -20.94 16.81 -30.51
CA LEU E 29 -20.31 17.78 -29.66
C LEU E 29 -20.30 17.47 -28.17
N ASP E 30 -21.34 16.80 -27.71
CA ASP E 30 -21.56 16.68 -26.27
C ASP E 30 -20.38 16.06 -25.56
N TYR E 31 -19.67 15.19 -26.25
CA TYR E 31 -18.61 14.42 -25.64
C TYR E 31 -17.22 15.03 -25.77
N TYR E 32 -17.12 16.24 -26.32
CA TYR E 32 -15.82 16.75 -26.74
C TYR E 32 -15.57 18.17 -26.25
N TYR E 33 -14.31 18.59 -26.31
CA TYR E 33 -13.90 20.00 -26.21
C TYR E 33 -13.42 20.54 -27.55
N ILE E 34 -13.88 21.74 -27.89
CA ILE E 34 -13.52 22.35 -29.17
C ILE E 34 -12.61 23.53 -28.88
N GLY E 35 -11.50 23.60 -29.61
CA GLY E 35 -10.57 24.70 -29.43
C GLY E 35 -10.26 25.42 -30.71
N TRP E 36 -9.97 26.71 -30.57
CA TRP E 36 -9.49 27.50 -31.69
C TRP E 36 -8.03 27.84 -31.46
N PHE E 37 -7.22 27.63 -32.48
CA PHE E 37 -5.80 27.95 -32.43
C PHE E 37 -5.37 28.87 -33.56
N ARG E 38 -4.25 29.55 -33.39
CA ARG E 38 -3.75 30.40 -34.45
C ARG E 38 -2.24 30.30 -34.53
N GLN E 39 -1.71 30.51 -35.71
CA GLN E 39 -0.28 30.59 -35.94
C GLN E 39 -0.03 31.86 -36.75
N ALA E 40 0.55 32.86 -36.08
CA ALA E 40 1.01 34.09 -36.74
C ALA E 40 2.32 33.94 -37.49
N PRO E 41 2.55 34.81 -38.50
CA PRO E 41 3.73 34.72 -39.35
C PRO E 41 5.00 34.65 -38.56
N GLY E 42 5.81 33.65 -38.87
CA GLY E 42 7.09 33.50 -38.21
C GLY E 42 6.91 32.90 -36.84
N LYS E 43 5.67 32.84 -36.37
CA LYS E 43 5.45 32.45 -34.98
C LYS E 43 5.02 31.00 -34.87
N GLU E 44 5.24 30.44 -33.69
CA GLU E 44 4.84 29.10 -33.32
C GLU E 44 3.33 29.10 -33.13
N ARG E 45 2.67 27.99 -33.42
CA ARG E 45 1.21 27.97 -33.28
C ARG E 45 0.76 27.95 -31.83
N GLU E 46 -0.25 28.76 -31.53
CA GLU E 46 -0.67 29.01 -30.14
C GLU E 46 -2.17 28.98 -29.92
N GLY E 47 -2.57 28.53 -28.74
CA GLY E 47 -3.98 28.50 -28.38
C GLY E 47 -4.64 29.84 -28.23
N VAL E 48 -5.96 29.87 -28.41
CA VAL E 48 -6.71 31.11 -28.38
C VAL E 48 -8.01 30.95 -27.59
N SER E 49 -8.70 29.82 -27.77
CA SER E 49 -9.98 29.56 -27.10
C SER E 49 -10.43 28.12 -27.17
N CYS E 50 -10.80 27.53 -26.04
CA CYS E 50 -11.47 26.23 -26.00
C CYS E 50 -12.83 26.40 -25.30
N ILE E 51 -13.80 25.54 -25.62
CA ILE E 51 -15.13 25.59 -25.01
C ILE E 51 -15.72 24.21 -24.72
N SER E 52 -16.49 24.09 -23.64
CA SER E 52 -17.19 22.83 -23.42
C SER E 52 -18.50 22.87 -24.18
N SER E 53 -18.72 21.81 -24.96
CA SER E 53 -19.92 21.71 -25.78
C SER E 53 -21.23 21.61 -25.03
N SER E 54 -21.25 20.84 -23.94
CA SER E 54 -22.48 20.63 -23.18
C SER E 54 -22.85 21.88 -22.41
N HIS E 55 -21.98 22.25 -21.50
CA HIS E 55 -22.27 23.30 -20.54
C HIS E 55 -22.00 24.68 -21.10
N GLY E 56 -21.21 24.78 -22.16
CA GLY E 56 -20.84 26.09 -22.67
C GLY E 56 -19.72 26.84 -21.98
N SER E 57 -19.05 26.19 -21.05
CA SER E 57 -17.91 26.82 -20.38
C SER E 57 -16.80 27.14 -21.35
N THR E 58 -16.14 28.28 -21.11
CA THR E 58 -15.19 28.86 -22.07
C THR E 58 -13.81 29.22 -21.56
N TYR E 59 -12.89 29.33 -22.51
CA TYR E 59 -11.50 29.69 -22.24
C TYR E 59 -11.03 30.67 -23.30
N TYR E 60 -10.47 31.78 -22.88
CA TYR E 60 -10.00 32.84 -23.76
C TYR E 60 -8.58 33.12 -23.35
N ALA E 61 -7.64 33.07 -24.28
CA ALA E 61 -6.31 33.47 -23.89
C ALA E 61 -6.31 34.94 -23.58
N ASP E 62 -5.27 35.35 -22.88
CA ASP E 62 -5.19 36.69 -22.34
C ASP E 62 -5.20 37.74 -23.45
N SER E 63 -4.59 37.40 -24.57
CA SER E 63 -4.31 38.33 -25.65
C SER E 63 -5.58 38.82 -26.32
N VAL E 64 -6.59 37.97 -26.33
CA VAL E 64 -7.84 38.27 -26.99
C VAL E 64 -9.00 38.40 -26.02
N LYS E 65 -8.77 38.13 -24.74
CA LYS E 65 -9.84 38.16 -23.77
C LYS E 65 -10.56 39.51 -23.84
N GLY E 66 -11.86 39.47 -24.06
CA GLY E 66 -12.61 40.69 -24.22
C GLY E 66 -12.99 40.97 -25.67
N ARG E 67 -12.05 40.73 -26.56
CA ARG E 67 -12.23 40.96 -27.99
C ARG E 67 -12.84 39.76 -28.72
N PHE E 68 -12.42 38.58 -28.31
CA PHE E 68 -12.86 37.32 -28.91
C PHE E 68 -13.86 36.56 -28.07
N THR E 69 -14.84 35.95 -28.75
CA THR E 69 -15.82 35.13 -28.09
C THR E 69 -16.08 33.87 -28.90
N ILE E 70 -16.19 32.75 -28.20
CA ILE E 70 -16.42 31.45 -28.82
C ILE E 70 -17.80 30.91 -28.47
N SER E 71 -18.46 30.27 -29.43
CA SER E 71 -19.79 29.70 -29.21
C SER E 71 -19.97 28.40 -29.96
N ARG E 72 -20.99 27.63 -29.57
CA ARG E 72 -21.24 26.34 -30.22
C ARG E 72 -22.73 26.11 -30.45
N ASP E 73 -23.04 25.49 -31.57
CA ASP E 73 -24.41 25.13 -31.88
C ASP E 73 -24.53 23.62 -32.03
N ASN E 74 -25.07 22.93 -31.03
CA ASN E 74 -25.17 21.48 -31.12
C ASN E 74 -26.05 21.10 -32.29
N ALA E 75 -27.10 21.88 -32.51
CA ALA E 75 -28.05 21.57 -33.56
C ALA E 75 -27.45 21.65 -34.94
N LYS E 76 -26.59 22.65 -35.17
CA LYS E 76 -25.93 22.79 -36.46
C LYS E 76 -24.58 22.06 -36.48
N ASN E 77 -24.22 21.51 -35.32
CA ASN E 77 -22.99 20.75 -35.16
C ASN E 77 -21.80 21.59 -35.59
N THR E 78 -21.83 22.88 -35.23
CA THR E 78 -20.84 23.85 -35.71
C THR E 78 -20.34 24.76 -34.60
N VAL E 79 -19.07 25.10 -34.64
CA VAL E 79 -18.47 25.97 -33.64
C VAL E 79 -18.01 27.29 -34.23
N TYR E 80 -18.33 28.40 -33.56
CA TYR E 80 -18.06 29.72 -34.07
C TYR E 80 -17.12 30.51 -33.18
N LEU E 81 -16.23 31.27 -33.81
CA LEU E 81 -15.37 32.22 -33.09
C LEU E 81 -15.69 33.59 -33.62
N GLN E 82 -16.29 34.43 -32.78
CA GLN E 82 -16.53 35.81 -33.16
C GLN E 82 -15.33 36.65 -32.75
N MET E 83 -14.79 37.42 -33.69
CA MET E 83 -13.65 38.29 -33.43
C MET E 83 -14.03 39.73 -33.63
N ASN E 84 -13.87 40.51 -32.56
CA ASN E 84 -14.18 41.91 -32.61
C ASN E 84 -12.93 42.76 -32.46
N SER E 85 -12.97 43.96 -33.03
CA SER E 85 -11.88 44.91 -32.90
C SER E 85 -10.54 44.28 -33.25
N LEU E 86 -10.44 43.81 -34.48
CA LEU E 86 -9.26 43.07 -34.92
C LEU E 86 -8.04 43.98 -35.03
N LYS E 87 -6.88 43.45 -34.65
CA LYS E 87 -5.67 44.22 -34.74
C LYS E 87 -4.75 43.53 -35.73
N PRO E 88 -3.89 44.29 -36.41
CA PRO E 88 -2.98 43.69 -37.39
C PRO E 88 -2.16 42.58 -36.78
N GLU E 89 -1.85 42.69 -35.50
CA GLU E 89 -1.14 41.61 -34.82
C GLU E 89 -1.96 40.33 -34.73
N ASP E 90 -3.26 40.41 -34.98
CA ASP E 90 -4.08 39.21 -35.00
C ASP E 90 -4.00 38.48 -36.32
N THR E 91 -3.26 39.04 -37.27
CA THR E 91 -3.11 38.37 -38.54
C THR E 91 -2.42 37.02 -38.36
N ALA E 92 -3.12 35.98 -38.80
CA ALA E 92 -2.69 34.60 -38.57
C ALA E 92 -3.58 33.62 -39.30
N VAL E 93 -3.12 32.38 -39.41
CA VAL E 93 -3.99 31.27 -39.78
C VAL E 93 -4.62 30.67 -38.55
N TYR E 94 -5.94 30.58 -38.55
CA TYR E 94 -6.69 30.10 -37.40
C TYR E 94 -7.15 28.65 -37.61
N TYR E 95 -6.78 27.77 -36.67
CA TYR E 95 -7.05 26.34 -36.76
C TYR E 95 -8.10 25.88 -35.76
N CYS E 96 -8.95 24.96 -36.20
CA CYS E 96 -9.91 24.30 -35.33
C CYS E 96 -9.35 22.98 -34.82
N ALA E 97 -9.57 22.69 -33.55
CA ALA E 97 -9.13 21.42 -32.98
C ALA E 97 -10.11 20.90 -31.95
N THR E 98 -10.03 19.60 -31.64
CA THR E 98 -10.92 18.98 -30.66
C THR E 98 -10.25 17.86 -29.89
N VAL E 99 -10.81 17.54 -28.73
CA VAL E 99 -10.38 16.41 -27.92
C VAL E 99 -11.54 15.77 -27.15
N ALA E 100 -11.50 14.45 -27.02
CA ALA E 100 -12.45 13.76 -26.15
C ALA E 100 -12.35 14.31 -24.76
N VAL E 101 -13.47 14.59 -24.12
CA VAL E 101 -13.40 15.12 -22.78
C VAL E 101 -12.71 14.16 -21.83
N ALA E 102 -12.79 12.88 -22.15
CA ALA E 102 -12.08 11.81 -21.46
C ALA E 102 -10.57 11.94 -21.50
N HIS E 103 -10.09 12.54 -22.57
CA HIS E 103 -8.67 12.71 -22.81
C HIS E 103 -8.16 14.11 -22.60
N PHE E 104 -9.03 14.98 -22.11
CA PHE E 104 -8.68 16.37 -21.91
C PHE E 104 -7.40 16.47 -21.08
N ARG E 105 -6.48 17.31 -21.56
CA ARG E 105 -5.16 17.46 -20.94
C ARG E 105 -4.76 18.90 -21.04
N GLY E 106 -5.77 19.75 -21.07
CA GLY E 106 -5.58 21.19 -21.11
C GLY E 106 -5.85 21.73 -22.48
N CYS E 107 -6.02 23.04 -22.56
CA CYS E 107 -6.33 23.67 -23.81
C CYS E 107 -4.89 23.89 -24.27
N GLY E 108 -4.61 24.08 -25.55
CA GLY E 108 -3.19 24.20 -25.87
C GLY E 108 -2.81 23.19 -26.93
N VAL E 109 -1.84 23.52 -27.77
CA VAL E 109 -1.49 22.70 -28.91
C VAL E 109 -0.97 21.32 -28.51
N ASP E 110 -0.33 21.23 -27.36
CA ASP E 110 0.12 19.92 -26.91
C ASP E 110 -1.03 19.11 -26.37
N GLY E 111 -2.19 19.75 -26.28
CA GLY E 111 -3.37 19.08 -25.80
C GLY E 111 -4.42 18.78 -26.85
N MET E 112 -4.05 18.63 -28.12
CA MET E 112 -5.06 18.32 -29.12
C MET E 112 -4.92 17.00 -29.85
N ASP E 113 -6.06 16.42 -30.20
CA ASP E 113 -6.10 15.10 -30.83
C ASP E 113 -6.51 15.19 -32.29
N TYR E 114 -7.35 16.16 -32.65
CA TYR E 114 -7.77 16.34 -34.04
C TYR E 114 -7.58 17.79 -34.51
N TRP E 115 -7.19 17.99 -35.76
CA TRP E 115 -6.87 19.33 -36.26
C TRP E 115 -7.56 19.63 -37.58
N GLY E 116 -8.09 20.84 -37.70
CA GLY E 116 -8.55 21.34 -38.97
C GLY E 116 -7.42 21.74 -39.90
N LYS E 117 -7.75 22.05 -41.15
CA LYS E 117 -6.72 22.39 -42.11
C LYS E 117 -6.39 23.88 -42.10
N GLY E 118 -7.19 24.64 -41.37
CA GLY E 118 -6.85 26.03 -41.12
C GLY E 118 -7.59 27.00 -42.02
N THR E 119 -7.58 28.27 -41.65
CA THR E 119 -8.12 29.36 -42.45
C THR E 119 -7.38 30.66 -42.22
N GLN E 120 -7.04 31.37 -43.29
CA GLN E 120 -6.15 32.52 -43.16
C GLN E 120 -6.92 33.79 -42.84
N VAL E 121 -6.44 34.52 -41.85
CA VAL E 121 -6.98 35.83 -41.53
C VAL E 121 -5.96 36.93 -41.66
N THR E 122 -6.31 38.01 -42.36
CA THR E 122 -5.34 39.08 -42.48
C THR E 122 -5.93 40.42 -42.10
N VAL E 123 -5.32 41.04 -41.11
CA VAL E 123 -5.72 42.36 -40.64
C VAL E 123 -4.78 43.44 -41.16
N SER E 124 -5.24 44.25 -42.11
CA SER E 124 -4.36 45.18 -42.82
C SER E 124 -5.15 46.09 -43.75
N SER E 125 -4.59 47.25 -44.04
CA SER E 125 -5.25 48.20 -44.92
C SER E 125 -4.93 48.09 -46.40
N HIS E 126 -3.77 47.52 -46.73
CA HIS E 126 -3.28 47.55 -48.11
C HIS E 126 -4.23 46.86 -49.11
N HIS E 127 -4.17 47.29 -50.37
CA HIS E 127 -4.80 46.57 -51.47
C HIS E 127 -4.41 47.16 -52.84
N GLN F 1 -33.61 -12.82 25.37
CA GLN F 1 -32.87 -13.69 26.28
C GLN F 1 -32.10 -12.85 27.28
N VAL F 2 -31.22 -11.99 26.77
CA VAL F 2 -30.38 -11.19 27.62
C VAL F 2 -31.19 -10.11 28.30
N GLN F 3 -31.19 -10.13 29.64
CA GLN F 3 -31.92 -9.13 30.40
C GLN F 3 -31.21 -8.72 31.67
N LEU F 4 -31.54 -7.52 32.14
CA LEU F 4 -30.97 -6.97 33.35
C LEU F 4 -32.06 -6.41 34.22
N GLN F 5 -31.90 -6.58 35.53
CA GLN F 5 -32.91 -6.20 36.49
C GLN F 5 -32.26 -5.57 37.71
N GLU F 6 -32.42 -4.26 37.85
CA GLU F 6 -31.84 -3.56 38.98
C GLU F 6 -32.78 -3.60 40.18
N SER F 7 -32.20 -3.61 41.38
CA SER F 7 -32.97 -3.52 42.61
C SER F 7 -32.17 -2.82 43.70
N GLY F 8 -32.84 -2.42 44.76
CA GLY F 8 -32.17 -1.82 45.90
C GLY F 8 -32.45 -0.33 46.03
N GLY F 9 -33.30 0.20 45.16
CA GLY F 9 -33.65 1.60 45.23
C GLY F 9 -34.60 1.90 46.37
N GLY F 10 -34.56 3.14 46.87
CA GLY F 10 -35.37 3.53 48.00
C GLY F 10 -35.05 4.94 48.50
N LEU F 11 -35.75 5.36 49.56
CA LEU F 11 -35.52 6.68 50.13
C LEU F 11 -34.38 6.67 51.14
N VAL F 12 -33.40 7.55 50.92
CA VAL F 12 -32.25 7.64 51.80
C VAL F 12 -32.17 9.03 52.40
N GLN F 13 -31.63 9.16 53.59
CA GLN F 13 -31.38 10.48 54.14
C GLN F 13 -29.98 10.88 53.68
N PRO F 14 -29.72 12.19 53.57
CA PRO F 14 -28.38 12.65 53.21
C PRO F 14 -27.31 12.14 54.18
N GLY F 15 -26.13 11.81 53.67
CA GLY F 15 -25.11 11.15 54.46
C GLY F 15 -25.31 9.66 54.68
N GLY F 16 -26.45 9.12 54.26
CA GLY F 16 -26.74 7.70 54.39
C GLY F 16 -26.18 6.84 53.28
N SER F 17 -26.26 5.52 53.46
CA SER F 17 -25.72 4.60 52.46
C SER F 17 -26.78 3.65 51.89
N LEU F 18 -26.54 3.20 50.67
CA LEU F 18 -27.46 2.31 49.96
C LEU F 18 -26.69 1.46 48.95
N ARG F 19 -27.05 0.19 48.82
CA ARG F 19 -26.43 -0.67 47.81
C ARG F 19 -27.42 -1.11 46.74
N LEU F 20 -27.06 -0.90 45.48
CA LEU F 20 -27.88 -1.39 44.37
C LEU F 20 -27.28 -2.66 43.79
N SER F 21 -28.16 -3.52 43.29
CA SER F 21 -27.76 -4.78 42.67
C SER F 21 -28.24 -4.83 41.24
N CYS F 22 -27.47 -5.50 40.39
CA CYS F 22 -27.86 -5.64 38.99
C CYS F 22 -27.74 -7.10 38.60
N ALA F 23 -28.89 -7.76 38.46
CA ALA F 23 -28.91 -9.18 38.10
C ALA F 23 -28.84 -9.38 36.60
N ALA F 24 -27.81 -10.10 36.16
CA ALA F 24 -27.68 -10.43 34.74
C ALA F 24 -28.33 -11.76 34.42
N SER F 25 -29.10 -11.80 33.35
CA SER F 25 -29.60 -13.06 32.82
C SER F 25 -29.49 -13.12 31.30
N GLY F 26 -29.30 -14.32 30.77
CA GLY F 26 -29.06 -14.48 29.35
C GLY F 26 -27.63 -14.38 28.87
N PHE F 27 -26.71 -14.07 29.78
CA PHE F 27 -25.30 -13.98 29.44
C PHE F 27 -24.45 -14.08 30.68
N THR F 28 -23.15 -14.25 30.51
CA THR F 28 -22.27 -14.23 31.67
C THR F 28 -21.42 -12.97 31.65
N LEU F 29 -21.07 -12.50 32.84
CA LEU F 29 -20.41 -11.22 33.00
C LEU F 29 -19.06 -11.13 32.32
N ASP F 30 -18.37 -12.27 32.26
CA ASP F 30 -16.96 -12.35 31.86
C ASP F 30 -16.68 -11.75 30.49
N TYR F 31 -17.65 -11.84 29.60
CA TYR F 31 -17.45 -11.46 28.22
C TYR F 31 -17.87 -10.01 28.04
N TYR F 32 -18.19 -9.33 29.14
CA TYR F 32 -18.88 -8.05 29.07
C TYR F 32 -18.23 -6.99 29.97
N TYR F 33 -18.61 -5.74 29.71
CA TYR F 33 -18.39 -4.61 30.61
C TYR F 33 -19.71 -4.18 31.22
N ILE F 34 -19.73 -3.95 32.53
CA ILE F 34 -20.97 -3.56 33.18
C ILE F 34 -20.87 -2.12 33.61
N GLY F 35 -21.89 -1.32 33.30
CA GLY F 35 -21.89 0.08 33.69
C GLY F 35 -23.11 0.51 34.46
N TRP F 36 -22.93 1.49 35.34
CA TRP F 36 -24.05 2.12 36.04
C TRP F 36 -24.25 3.55 35.54
N PHE F 37 -25.51 3.89 35.23
CA PHE F 37 -25.88 5.22 34.76
C PHE F 37 -26.99 5.84 35.59
N ARG F 38 -27.12 7.17 35.53
CA ARG F 38 -28.21 7.80 36.26
C ARG F 38 -28.85 8.94 35.47
N GLN F 39 -30.12 9.16 35.75
CA GLN F 39 -30.90 10.28 35.23
C GLN F 39 -31.66 11.00 36.34
N ALA F 40 -31.22 12.20 36.72
CA ALA F 40 -32.04 12.98 37.64
C ALA F 40 -33.21 13.62 36.90
N PRO F 41 -34.30 13.91 37.64
CA PRO F 41 -35.51 14.45 37.01
C PRO F 41 -35.26 15.65 36.11
N GLY F 42 -35.74 15.59 34.88
CA GLY F 42 -35.62 16.69 33.95
C GLY F 42 -34.26 16.85 33.31
N LYS F 43 -33.27 16.12 33.82
CA LYS F 43 -31.88 16.33 33.40
C LYS F 43 -31.50 15.22 32.42
N GLU F 44 -30.48 15.46 31.62
CA GLU F 44 -30.01 14.42 30.70
C GLU F 44 -29.27 13.34 31.49
N ARG F 45 -29.37 12.11 31.03
CA ARG F 45 -28.75 10.96 31.70
C ARG F 45 -27.23 10.93 31.56
N GLU F 46 -26.53 10.62 32.66
CA GLU F 46 -25.08 10.73 32.70
C GLU F 46 -24.49 9.46 33.33
N GLY F 47 -23.32 9.09 32.84
CA GLY F 47 -22.57 7.96 33.36
C GLY F 47 -22.04 8.14 34.76
N VAL F 48 -21.84 7.03 35.47
CA VAL F 48 -21.44 7.12 36.86
C VAL F 48 -20.31 6.14 37.19
N SER F 49 -20.39 4.92 36.66
CA SER F 49 -19.40 3.89 36.96
C SER F 49 -19.42 2.70 36.02
N CYS F 50 -18.24 2.34 35.52
CA CYS F 50 -18.04 1.11 34.76
C CYS F 50 -17.01 0.18 35.40
N ILE F 51 -17.14 -1.12 35.16
CA ILE F 51 -16.19 -2.09 35.70
C ILE F 51 -15.91 -3.20 34.69
N SER F 52 -14.69 -3.70 34.69
CA SER F 52 -14.37 -4.86 33.88
C SER F 52 -14.68 -6.13 34.66
N SER F 53 -15.43 -7.02 34.03
CA SER F 53 -15.82 -8.27 34.67
C SER F 53 -14.65 -9.19 34.97
N SER F 54 -13.72 -9.26 34.02
CA SER F 54 -12.57 -10.14 34.17
C SER F 54 -11.58 -9.62 35.18
N HIS F 55 -10.99 -8.47 34.94
CA HIS F 55 -9.90 -8.02 35.78
C HIS F 55 -10.40 -7.34 37.03
N GLY F 56 -11.64 -6.85 37.00
CA GLY F 56 -12.16 -6.09 38.13
C GLY F 56 -11.70 -4.65 38.13
N SER F 57 -11.02 -4.24 37.07
CA SER F 57 -10.58 -2.86 36.91
C SER F 57 -11.80 -1.95 36.83
N THR F 58 -11.68 -0.76 37.40
CA THR F 58 -12.84 0.11 37.60
C THR F 58 -12.74 1.53 37.07
N TYR F 59 -13.91 2.14 36.89
CA TYR F 59 -14.05 3.50 36.40
C TYR F 59 -15.11 4.23 37.18
N TYR F 60 -14.74 5.40 37.68
CA TYR F 60 -15.60 6.25 38.49
C TYR F 60 -15.57 7.60 37.83
N ALA F 61 -16.74 8.16 37.51
CA ALA F 61 -16.73 9.51 36.99
C ALA F 61 -16.33 10.48 38.08
N ASP F 62 -15.97 11.69 37.67
CA ASP F 62 -15.38 12.64 38.59
C ASP F 62 -16.35 13.01 39.71
N SER F 63 -17.64 13.06 39.37
CA SER F 63 -18.66 13.59 40.26
C SER F 63 -18.91 12.76 41.52
N VAL F 64 -18.73 11.44 41.40
CA VAL F 64 -18.99 10.50 42.50
C VAL F 64 -17.74 9.76 42.99
N LYS F 65 -16.63 9.93 42.30
CA LYS F 65 -15.38 9.24 42.60
C LYS F 65 -14.95 9.39 44.06
N GLY F 66 -14.73 8.26 44.74
CA GLY F 66 -14.40 8.31 46.15
C GLY F 66 -15.52 7.91 47.09
N ARG F 67 -16.73 8.38 46.79
CA ARG F 67 -17.90 8.12 47.61
C ARG F 67 -18.56 6.82 47.21
N PHE F 68 -18.56 6.55 45.91
CA PHE F 68 -19.21 5.37 45.38
C PHE F 68 -18.15 4.35 44.99
N THR F 69 -18.44 3.09 45.25
CA THR F 69 -17.56 1.99 44.87
C THR F 69 -18.39 0.86 44.29
N ILE F 70 -17.85 0.27 43.22
CA ILE F 70 -18.50 -0.81 42.48
C ILE F 70 -17.78 -2.16 42.61
N SER F 71 -18.56 -3.22 42.68
CA SER F 71 -18.02 -4.56 42.80
C SER F 71 -18.86 -5.57 42.03
N ARG F 72 -18.27 -6.73 41.79
CA ARG F 72 -18.93 -7.78 41.03
C ARG F 72 -18.70 -9.17 41.61
N ASP F 73 -19.74 -10.00 41.51
CA ASP F 73 -19.66 -11.39 41.95
C ASP F 73 -19.92 -12.27 40.73
N ASN F 74 -18.87 -12.87 40.17
CA ASN F 74 -19.03 -13.70 38.97
C ASN F 74 -19.92 -14.88 39.26
N ALA F 75 -19.81 -15.41 40.47
CA ALA F 75 -20.57 -16.58 40.89
C ALA F 75 -22.07 -16.30 40.95
N LYS F 76 -22.44 -15.12 41.41
CA LYS F 76 -23.85 -14.74 41.47
C LYS F 76 -24.34 -14.03 40.22
N ASN F 77 -23.43 -13.81 39.28
CA ASN F 77 -23.77 -13.16 38.01
C ASN F 77 -24.41 -11.81 38.27
N THR F 78 -23.86 -11.10 39.26
CA THR F 78 -24.48 -9.86 39.72
C THR F 78 -23.42 -8.77 39.94
N VAL F 79 -23.80 -7.54 39.62
CA VAL F 79 -22.92 -6.40 39.78
C VAL F 79 -23.51 -5.46 40.81
N TYR F 80 -22.69 -4.98 41.73
CA TYR F 80 -23.20 -4.18 42.83
C TYR F 80 -22.63 -2.79 42.80
N LEU F 81 -23.46 -1.81 43.13
CA LEU F 81 -22.99 -0.45 43.29
C LEU F 81 -23.24 -0.01 44.72
N GLN F 82 -22.16 0.15 45.48
CA GLN F 82 -22.27 0.69 46.83
C GLN F 82 -22.16 2.21 46.80
N MET F 83 -23.12 2.87 47.45
CA MET F 83 -23.15 4.32 47.52
C MET F 83 -22.99 4.80 48.95
N ASN F 84 -21.96 5.59 49.21
CA ASN F 84 -21.72 6.11 50.55
C ASN F 84 -21.91 7.61 50.56
N SER F 85 -22.28 8.13 51.74
CA SER F 85 -22.42 9.56 51.95
C SER F 85 -23.29 10.21 50.89
N LEU F 86 -24.53 9.76 50.78
CA LEU F 86 -25.43 10.21 49.72
C LEU F 86 -25.87 11.66 49.92
N LYS F 87 -25.98 12.41 48.83
CA LYS F 87 -26.41 13.80 48.90
C LYS F 87 -27.72 13.96 48.14
N PRO F 88 -28.56 14.93 48.52
CA PRO F 88 -29.83 15.15 47.84
C PRO F 88 -29.70 15.38 46.34
N GLU F 89 -28.61 15.99 45.90
CA GLU F 89 -28.35 16.17 44.46
C GLU F 89 -28.13 14.87 43.69
N ASP F 90 -27.91 13.79 44.43
CA ASP F 90 -27.75 12.47 43.84
C ASP F 90 -29.08 11.80 43.54
N THR F 91 -30.17 12.48 43.87
CA THR F 91 -31.50 11.95 43.57
C THR F 91 -31.68 11.79 42.07
N ALA F 92 -31.98 10.56 41.66
CA ALA F 92 -32.02 10.18 40.26
C ALA F 92 -32.56 8.76 40.11
N VAL F 93 -32.94 8.39 38.89
CA VAL F 93 -33.15 6.99 38.56
C VAL F 93 -31.87 6.33 38.07
N TYR F 94 -31.49 5.22 38.71
CA TYR F 94 -30.23 4.55 38.39
C TYR F 94 -30.45 3.32 37.51
N TYR F 95 -29.79 3.32 36.36
CA TYR F 95 -29.93 2.25 35.37
C TYR F 95 -28.67 1.41 35.31
N CYS F 96 -28.85 0.10 35.14
CA CYS F 96 -27.71 -0.79 34.91
C CYS F 96 -27.58 -1.02 33.40
N ALA F 97 -26.35 -1.03 32.89
CA ALA F 97 -26.16 -1.31 31.48
C ALA F 97 -24.89 -2.12 31.22
N THR F 98 -24.83 -2.73 30.04
CA THR F 98 -23.70 -3.56 29.63
C THR F 98 -23.41 -3.51 28.14
N VAL F 99 -22.19 -3.88 27.78
CA VAL F 99 -21.76 -4.05 26.39
C VAL F 99 -20.72 -5.16 26.32
N ALA F 100 -20.76 -5.93 25.24
CA ALA F 100 -19.74 -6.91 24.94
C ALA F 100 -18.39 -6.24 24.87
N VAL F 101 -17.39 -6.87 25.49
CA VAL F 101 -16.06 -6.31 25.47
C VAL F 101 -15.52 -6.20 24.05
N ALA F 102 -16.01 -7.09 23.18
CA ALA F 102 -15.69 -7.04 21.76
C ALA F 102 -16.16 -5.75 21.09
N HIS F 103 -17.25 -5.20 21.61
CA HIS F 103 -17.86 -3.99 21.08
C HIS F 103 -17.63 -2.78 21.95
N PHE F 104 -16.83 -2.92 23.00
CA PHE F 104 -16.58 -1.83 23.93
C PHE F 104 -16.13 -0.57 23.23
N ARG F 105 -16.74 0.54 23.59
CA ARG F 105 -16.45 1.78 22.93
C ARG F 105 -16.49 2.89 23.93
N GLY F 106 -16.23 2.53 25.17
CA GLY F 106 -16.21 3.54 26.22
C GLY F 106 -17.43 3.52 27.08
N CYS F 107 -17.32 4.20 28.22
CA CYS F 107 -18.40 4.26 29.18
C CYS F 107 -19.18 5.46 28.67
N GLY F 108 -20.43 5.65 29.06
CA GLY F 108 -21.14 6.78 28.49
C GLY F 108 -22.42 6.32 27.86
N VAL F 109 -23.44 7.16 27.85
CA VAL F 109 -24.76 6.73 27.38
C VAL F 109 -24.75 6.37 25.91
N ASP F 110 -23.89 7.02 25.13
CA ASP F 110 -23.78 6.67 23.73
C ASP F 110 -22.98 5.39 23.52
N GLY F 111 -22.39 4.86 24.58
CA GLY F 111 -21.64 3.62 24.45
C GLY F 111 -22.26 2.38 25.04
N MET F 112 -23.58 2.32 25.17
CA MET F 112 -24.21 1.12 25.70
C MET F 112 -25.16 0.41 24.75
N ASP F 113 -25.19 -0.92 24.87
CA ASP F 113 -25.96 -1.75 23.97
C ASP F 113 -27.20 -2.35 24.64
N TYR F 114 -27.11 -2.63 25.94
CA TYR F 114 -28.25 -3.18 26.70
C TYR F 114 -28.53 -2.38 27.98
N TRP F 115 -29.81 -2.24 28.31
CA TRP F 115 -30.26 -1.40 29.42
C TRP F 115 -31.24 -2.12 30.34
N GLY F 116 -31.06 -1.94 31.65
CA GLY F 116 -32.05 -2.35 32.64
C GLY F 116 -33.22 -1.39 32.67
N LYS F 117 -34.27 -1.74 33.40
CA LYS F 117 -35.46 -0.91 33.45
C LYS F 117 -35.40 0.15 34.55
N GLY F 118 -34.39 0.07 35.41
CA GLY F 118 -34.15 1.13 36.36
C GLY F 118 -34.68 0.90 37.76
N THR F 119 -34.19 1.71 38.69
CA THR F 119 -34.67 1.72 40.07
C THR F 119 -34.52 3.13 40.64
N GLN F 120 -35.55 3.64 41.30
CA GLN F 120 -35.56 5.04 41.69
C GLN F 120 -34.85 5.24 43.01
N VAL F 121 -33.97 6.24 43.08
CA VAL F 121 -33.33 6.63 44.33
C VAL F 121 -33.66 8.08 44.72
N THR F 122 -34.08 8.29 45.96
CA THR F 122 -34.40 9.62 46.46
C THR F 122 -33.70 9.93 47.78
N VAL F 123 -32.92 11.01 47.80
CA VAL F 123 -32.22 11.44 49.01
C VAL F 123 -32.92 12.61 49.67
C1 NAG G . -27.16 -23.58 -20.25
C2 NAG G . -27.13 -22.61 -21.41
C3 NAG G . -28.53 -22.04 -21.67
C4 NAG G . -29.52 -23.19 -21.88
C5 NAG G . -29.47 -24.13 -20.68
C6 NAG G . -30.33 -25.36 -20.86
C7 NAG G . -24.95 -21.50 -21.73
C8 NAG G . -24.12 -20.30 -21.39
N2 NAG G . -26.18 -21.53 -21.20
O3 NAG G . -28.51 -21.16 -22.78
O4 NAG G . -30.84 -22.69 -22.05
O5 NAG G . -28.12 -24.60 -20.50
O6 NAG G . -31.70 -25.05 -20.72
O7 NAG G . -24.53 -22.40 -22.45
C1 NAG H . -1.02 -33.73 -23.72
C2 NAG H . 0.32 -34.15 -23.11
C3 NAG H . 1.40 -34.16 -24.20
C4 NAG H . 0.96 -34.98 -25.39
C5 NAG H . -0.42 -34.56 -25.87
C6 NAG H . -0.99 -35.46 -26.94
C7 NAG H . 1.11 -33.73 -20.83
C8 NAG H . 1.45 -32.68 -19.80
N2 NAG H . 0.70 -33.27 -22.01
O3 NAG H . 2.61 -34.69 -23.66
O4 NAG H . 1.88 -34.80 -26.47
O5 NAG H . -1.35 -34.62 -24.77
O6 NAG H . -1.27 -36.76 -26.43
O7 NAG H . 1.20 -34.92 -20.58
P PO4 I . 8.55 14.08 -29.75
O1 PO4 I . 8.04 15.46 -29.42
O2 PO4 I . 8.01 13.69 -31.11
O3 PO4 I . 8.08 13.11 -28.70
O4 PO4 I . 10.06 14.13 -29.75
C1 NAG J . -16.73 -37.52 0.36
C2 NAG J . -17.33 -37.21 1.72
C3 NAG J . -17.18 -38.42 2.64
C4 NAG J . -17.72 -39.69 1.97
C5 NAG J . -17.18 -39.85 0.54
C6 NAG J . -17.89 -40.92 -0.24
C7 NAG J . -17.26 -34.81 2.22
C8 NAG J . -16.50 -33.71 2.90
N2 NAG J . -16.73 -36.04 2.31
O3 NAG J . -17.87 -38.19 3.86
O4 NAG J . -17.33 -40.84 2.72
O5 NAG J . -17.38 -38.63 -0.18
O6 NAG J . -17.58 -42.22 0.23
O7 NAG J . -18.32 -34.61 1.64
#